data_8SZH
#
_entry.id   8SZH
#
_cell.length_a   1.00
_cell.length_b   1.00
_cell.length_c   1.00
_cell.angle_alpha   90.00
_cell.angle_beta   90.00
_cell.angle_gamma   90.00
#
_symmetry.space_group_name_H-M   'P 1'
#
loop_
_entity.id
_entity.type
_entity.pdbx_description
1 polymer 'Extracellular calcium-sensing receptor'
2 polymer 'Guanine nucleotide-binding protein G(i) subunit alpha-3'
3 polymer 'Guanine nucleotide-binding protein G(I)/G(S)/G(T) subunit beta-1'
4 polymer 'Guanine nucleotide-binding protein G(I)/G(S)/G(O) subunit gamma-2'
5 branched 2-acetamido-2-deoxy-beta-D-glucopyranose-(1-4)-2-acetamido-2-deoxy-beta-D-glucopyranose
6 non-polymer N-[(1R)-1-(naphthalen-1-yl)ethyl]-3-[3-(trifluoromethyl)phenyl]propan-1-amine
7 non-polymer 1,2-DIOLEOYL-SN-GLYCERO-3-PHOSPHOCHOLINE
8 non-polymer 2-acetamido-2-deoxy-beta-D-glucopyranose
9 non-polymer 'CALCIUM ION'
10 non-polymer TRYPTOPHAN
11 non-polymer 'PHOSPHATE ION'
12 non-polymer SPERMINE
13 non-polymer CHOLESTEROL
14 water water
#
loop_
_entity_poly.entity_id
_entity_poly.type
_entity_poly.pdbx_seq_one_letter_code
_entity_poly.pdbx_strand_id
1 'polypeptide(L)'
;DYKDDDDKAAAYGPDQRAQKKGDIILGGLFPIHFGVAAKDQDLKSRPESVECIRYNFRGFRWLQAMIFAIEEINSSPALL
PNLTLGYRIFDTCNTVSKALEATLSFVAQNKIDSLNLDEFCNCSEHIPSTIAVVGATGSGVSTAVANLLGLFYIPQVSYA
SSSRLLSNKNQFKSFLRTIPNDEHQATAMADIIEYFRWNWVGTIAADDDYGRPGIEKFREEAEERDICIDFSELISQYSD
EEEIQHVVEVIQNSTAKVIVVFSSGPDLEPLIKEIVRRNITGKIWLASEAWASSSLIAMPQYFHVVGGTIGFALKAGQIP
GFREFLKKVHPRKSVHNGFAKEFWEETFNCHLQEGAKGPLPVDTFLRGHEESGDRFSNSSTAFRPLCTGDENISSVETPY
IDYTHLRISYNVYLAVYSIAHALQDIYTCLPGRGLFTNGSCADIKKVEAWQVLKHLRHLNFTNNMGEQVTFDECGDLVGN
YSIINWHLSPEDGSIVFKEVGYYNVYAKKGERLFINEEKILWSGFSREVPFSNCSRDCLAGTRKGIIEGEPTCCFECVEC
PDGEYSDETDASACNKCPDDFWSNENHTSCIAKEIEFLSWTEPFGIALTLFAVLGIFLTAFVLGVFIKFRNTPIVKATNR
ELSYLLLFSLLCCFSSSLFFIGEPQDWTCRLRQPAFGISFVLCISCILVKTNRVLLVFEAKIPTSFHRKWWGLNLQFLLV
FLCTFMQIVICVIWLYTAPPSSYRNQELEDEIIFITCHEGSLMALGFLIGYTCLLAAICFFFAFKSRKLPENFNEAKFIT
FSMLIFFIVWISFIPAYASTYGKFVSAVEVIAILAASFGLLACIFFNKIYIILFKPSRNTIEEVRCSTAAHAFKVAARAT
LRRSNV
;
A,B
2 'polypeptide(L)'
;MGCTLSAEDKAAVERSKMIDRNLREDGEKAAKEVKLLLLGAGESGKSTIVKQMKIIHEDGYSEDECKQYKVVVYSNTIQS
IIAIIRAMGRLKIDFGEAARADDARQLFVLAGSAEEGVMTPELAGVIKRLWRDGGVQACFSRSREYQLNDSASYYLNDLD
RISQSNYIPTQQDVLRTRVKTTGIVETHFTFKDLYFKMFDVGGQRSERKKWIHCFEGVTAIIFCVALSDYDLVLAEDEEM
NRMHESMKLFDSICNNKWFTETSIILFLNKKDLFEEKIKRSPLTICYPEYTGSNTYEEAAAYIQCQFEDLNRRKDTKEIY
THFTCATDTKNVQFVFDAVTDVIIKNNLKECGLY
;
C
3 'polypeptide(L)'
;GSSGSELDQLRQEAEQLKNQIRDARKACADATLSQITNNIDPVGRIQMRTRRTLRGHLAKIYAMHWGTDSRLLVSASQDG
KLIIWDSYTTNKVHAIPLRSSWVMTCAYAPSGNYVACGGLDNICSIYNLKTREGNVRVSRELAGHTGYLSCCRFLDDNQI
VTSSGDTTCALWDIETGQQTTTFTGHTGDVMSLSLAPDTRLFVSGACDASAKLWDVREGMCRQTFTGHESDINAICFFPN
GNAFATGSDDATCRLFDLRADQELMTYSHDNIICGITSVSFSKSGRLLLAGYDDFNCNVWDALKADRAGVLAGHDNRVSC
LGVTDDGMAVATGSWDSFLKIWN
;
D
4 'polypeptide(L)' MASNNTASIAQARKLVEQLKMEANIDRIKVSKAAADLMAYCEAHAKEDPLLTPVPASENPFREKKFFCAIL E
#
# COMPACT_ATOMS: atom_id res chain seq x y z
N TYR A 12 62.33 68.32 -43.44
CA TYR A 12 61.97 67.96 -42.08
C TYR A 12 61.07 66.73 -42.05
N GLY A 13 61.53 65.68 -41.39
CA GLY A 13 60.78 64.44 -41.30
C GLY A 13 61.60 63.26 -41.77
N PRO A 14 60.93 62.13 -42.04
CA PRO A 14 61.64 60.95 -42.56
C PRO A 14 62.26 61.21 -43.93
N ASP A 15 63.07 60.25 -44.36
CA ASP A 15 63.84 60.40 -45.59
C ASP A 15 63.02 60.03 -46.83
N GLN A 16 62.55 58.78 -46.89
CA GLN A 16 61.79 58.31 -48.03
C GLN A 16 60.30 58.58 -47.82
N ARG A 17 59.64 59.05 -48.88
CA ARG A 17 58.26 59.52 -48.78
C ARG A 17 57.70 59.66 -50.19
N ALA A 18 56.39 59.86 -50.25
CA ALA A 18 55.70 60.26 -51.47
C ALA A 18 55.16 61.67 -51.27
N GLN A 19 55.53 62.58 -52.15
CA GLN A 19 55.22 63.99 -51.97
C GLN A 19 54.89 64.65 -53.29
N LYS A 20 53.88 65.52 -53.26
CA LYS A 20 53.55 66.37 -54.40
C LYS A 20 53.03 67.70 -53.88
N LYS A 21 53.17 68.73 -54.70
CA LYS A 21 52.81 70.09 -54.31
C LYS A 21 51.38 70.42 -54.76
N GLY A 22 50.72 71.27 -53.98
CA GLY A 22 49.37 71.69 -54.29
C GLY A 22 48.91 72.77 -53.35
N ASP A 23 47.71 73.28 -53.60
CA ASP A 23 47.14 74.31 -52.75
C ASP A 23 46.66 73.73 -51.42
N ILE A 24 46.22 72.48 -51.42
CA ILE A 24 45.74 71.80 -50.22
C ILE A 24 46.48 70.47 -50.10
N ILE A 25 47.05 70.21 -48.94
CA ILE A 25 47.92 69.06 -48.71
C ILE A 25 47.23 68.06 -47.80
N LEU A 26 47.33 66.79 -48.15
CA LEU A 26 46.78 65.69 -47.37
C LEU A 26 47.92 64.80 -46.88
N GLY A 27 47.78 64.27 -45.68
CA GLY A 27 48.75 63.35 -45.10
C GLY A 27 48.25 61.92 -45.13
N GLY A 28 49.19 60.98 -45.15
CA GLY A 28 48.85 59.57 -45.17
C GLY A 28 49.86 58.75 -44.42
N LEU A 29 49.39 57.64 -43.85
CA LEU A 29 50.23 56.71 -43.11
C LEU A 29 49.86 55.29 -43.51
N PHE A 30 50.80 54.58 -44.11
CA PHE A 30 50.57 53.22 -44.57
C PHE A 30 51.70 52.31 -44.13
N PRO A 31 51.40 51.04 -43.81
CA PRO A 31 52.43 50.08 -43.40
C PRO A 31 53.13 49.38 -44.56
N ILE A 32 54.11 50.07 -45.15
CA ILE A 32 54.88 49.50 -46.24
C ILE A 32 55.76 48.34 -45.75
N HIS A 33 56.07 48.30 -44.45
CA HIS A 33 56.85 47.23 -43.86
C HIS A 33 56.06 46.56 -42.73
N PHE A 34 56.35 45.29 -42.49
CA PHE A 34 55.61 44.52 -41.50
C PHE A 34 56.07 44.77 -40.07
N GLY A 35 57.29 45.23 -39.87
CA GLY A 35 57.77 45.47 -38.52
C GLY A 35 59.17 46.03 -38.53
N VAL A 36 59.70 46.23 -37.33
CA VAL A 36 61.03 46.78 -37.15
C VAL A 36 61.99 45.67 -36.74
N ALA A 37 63.28 45.97 -36.76
CA ALA A 37 64.29 44.98 -36.40
C ALA A 37 64.21 44.63 -34.92
N ALA A 38 64.30 43.35 -34.61
CA ALA A 38 64.23 42.86 -33.23
C ALA A 38 65.60 42.96 -32.58
N LYS A 39 65.97 44.20 -32.25
CA LYS A 39 67.24 44.50 -31.62
C LYS A 39 67.04 44.74 -30.12
N ASP A 40 68.07 44.40 -29.35
CA ASP A 40 68.08 44.66 -27.91
C ASP A 40 68.69 46.03 -27.64
N GLN A 41 68.12 46.73 -26.67
CA GLN A 41 68.51 48.11 -26.37
C GLN A 41 69.47 48.13 -25.18
N ASP A 42 70.75 48.37 -25.48
CA ASP A 42 71.75 48.68 -24.45
C ASP A 42 72.25 50.10 -24.67
N LEU A 43 72.53 50.80 -23.59
CA LEU A 43 72.85 52.22 -23.67
C LEU A 43 74.34 52.48 -23.52
N LYS A 44 75.18 51.58 -24.05
CA LYS A 44 76.61 51.84 -24.07
C LYS A 44 76.95 53.05 -24.94
N SER A 45 76.28 53.17 -26.08
CA SER A 45 76.46 54.29 -27.00
C SER A 45 75.12 54.99 -27.18
N ARG A 46 75.14 56.07 -27.95
CA ARG A 46 73.91 56.80 -28.24
C ARG A 46 73.02 55.97 -29.15
N PRO A 47 71.73 55.83 -28.83
CA PRO A 47 70.83 55.06 -29.71
C PRO A 47 70.64 55.75 -31.05
N GLU A 48 70.36 54.94 -32.06
CA GLU A 48 70.19 55.42 -33.43
C GLU A 48 68.92 54.83 -34.02
N SER A 49 68.63 55.20 -35.26
CA SER A 49 67.38 54.82 -35.91
C SER A 49 67.31 53.30 -36.12
N VAL A 50 66.15 52.74 -35.80
CA VAL A 50 65.89 51.33 -36.02
C VAL A 50 65.42 51.13 -37.46
N GLU A 51 65.62 49.93 -37.99
CA GLU A 51 65.32 49.63 -39.39
C GLU A 51 64.11 48.71 -39.50
N CYS A 52 63.32 48.92 -40.55
CA CYS A 52 62.20 48.05 -40.87
C CYS A 52 62.68 46.92 -41.77
N ILE A 53 62.16 45.71 -41.54
CA ILE A 53 62.76 44.49 -42.04
C ILE A 53 61.95 43.86 -43.19
N ARG A 54 60.68 43.54 -42.95
CA ARG A 54 59.89 42.75 -43.88
C ARG A 54 59.01 43.64 -44.74
N TYR A 55 59.06 43.42 -46.05
CA TYR A 55 58.28 44.23 -46.99
C TYR A 55 56.84 43.77 -47.04
N ASN A 56 55.94 44.71 -47.31
CA ASN A 56 54.50 44.46 -47.37
C ASN A 56 54.00 44.89 -48.75
N PHE A 57 53.76 43.91 -49.63
CA PHE A 57 53.29 44.22 -50.97
C PHE A 57 51.85 44.70 -50.97
N ARG A 58 51.02 44.15 -50.09
CA ARG A 58 49.62 44.59 -50.00
C ARG A 58 49.53 46.03 -49.53
N GLY A 59 50.39 46.43 -48.58
CA GLY A 59 50.37 47.78 -48.08
C GLY A 59 50.84 48.83 -49.08
N PHE A 60 51.60 48.41 -50.10
CA PHE A 60 51.97 49.32 -51.17
C PHE A 60 50.81 49.56 -52.13
N ARG A 61 49.95 48.55 -52.33
CA ARG A 61 48.76 48.74 -53.15
C ARG A 61 47.77 49.68 -52.49
N TRP A 62 47.69 49.65 -51.16
CA TRP A 62 46.85 50.61 -50.44
C TRP A 62 47.32 52.04 -50.65
N LEU A 63 48.64 52.23 -50.70
CA LEU A 63 49.19 53.56 -50.95
C LEU A 63 48.80 54.06 -52.33
N GLN A 64 48.84 53.18 -53.33
CA GLN A 64 48.52 53.60 -54.70
C GLN A 64 47.06 54.02 -54.84
N ALA A 65 46.18 53.51 -53.99
CA ALA A 65 44.77 53.91 -54.05
C ALA A 65 44.60 55.39 -53.72
N MET A 66 45.33 55.88 -52.72
CA MET A 66 45.25 57.29 -52.35
C MET A 66 45.74 58.18 -53.48
N ILE A 67 46.88 57.82 -54.09
CA ILE A 67 47.43 58.61 -55.19
C ILE A 67 46.49 58.58 -56.39
N PHE A 68 45.93 57.40 -56.69
CA PHE A 68 44.98 57.29 -57.80
C PHE A 68 43.75 58.16 -57.57
N ALA A 69 43.20 58.14 -56.35
CA ALA A 69 42.04 58.96 -56.05
C ALA A 69 42.35 60.45 -56.16
N ILE A 70 43.52 60.87 -55.64
CA ILE A 70 43.88 62.28 -55.71
C ILE A 70 44.06 62.73 -57.16
N GLU A 71 44.73 61.90 -57.97
CA GLU A 71 44.92 62.25 -59.37
C GLU A 71 43.61 62.23 -60.14
N GLU A 72 42.65 61.38 -59.73
CA GLU A 72 41.35 61.36 -60.37
C GLU A 72 40.55 62.60 -60.02
N ILE A 73 40.67 63.09 -58.78
CA ILE A 73 40.00 64.33 -58.40
C ILE A 73 40.61 65.51 -59.13
N ASN A 74 41.94 65.56 -59.22
CA ASN A 74 42.61 66.71 -59.81
C ASN A 74 42.34 66.85 -61.30
N SER A 75 41.90 65.79 -61.97
CA SER A 75 41.62 65.83 -63.40
C SER A 75 40.14 65.99 -63.72
N SER A 76 39.28 66.11 -62.70
CA SER A 76 37.85 66.22 -62.92
C SER A 76 37.42 67.65 -62.72
N PRO A 77 36.96 68.35 -63.78
CA PRO A 77 36.47 69.72 -63.58
C PRO A 77 35.19 69.81 -62.76
N ALA A 78 34.44 68.71 -62.64
CA ALA A 78 33.18 68.75 -61.91
C ALA A 78 33.35 68.77 -60.39
N LEU A 79 34.54 68.41 -59.89
CA LEU A 79 34.79 68.36 -58.46
C LEU A 79 36.00 69.24 -58.15
N LEU A 80 35.79 70.24 -57.29
CA LEU A 80 36.83 71.17 -56.85
C LEU A 80 37.59 71.76 -58.03
N PRO A 81 36.98 72.65 -58.80
CA PRO A 81 37.66 73.20 -59.98
C PRO A 81 38.67 74.28 -59.60
N ASN A 82 39.72 74.37 -60.43
CA ASN A 82 40.79 75.35 -60.31
C ASN A 82 41.61 75.18 -59.03
N LEU A 83 41.52 74.03 -58.38
CA LEU A 83 42.31 73.72 -57.20
C LEU A 83 43.19 72.51 -57.46
N THR A 84 44.25 72.39 -56.66
CA THR A 84 45.21 71.30 -56.78
C THR A 84 45.38 70.64 -55.42
N LEU A 85 45.41 69.31 -55.42
CA LEU A 85 45.63 68.53 -54.20
C LEU A 85 47.02 67.94 -54.21
N GLY A 86 47.74 68.08 -53.10
CA GLY A 86 49.01 67.43 -52.89
C GLY A 86 48.91 66.39 -51.78
N TYR A 87 50.03 65.71 -51.55
CA TYR A 87 50.06 64.68 -50.53
C TYR A 87 51.44 64.62 -49.89
N ARG A 88 51.47 64.02 -48.70
CA ARG A 88 52.71 63.75 -47.97
C ARG A 88 52.50 62.45 -47.21
N ILE A 89 53.07 61.37 -47.72
CA ILE A 89 52.81 60.02 -47.23
C ILE A 89 54.08 59.45 -46.64
N PHE A 90 53.98 58.90 -45.43
CA PHE A 90 55.10 58.29 -44.73
C PHE A 90 54.79 56.83 -44.44
N ASP A 91 55.81 56.11 -43.98
CA ASP A 91 55.70 54.69 -43.67
C ASP A 91 55.81 54.50 -42.16
N THR A 92 54.91 53.69 -41.60
CA THR A 92 54.86 53.50 -40.16
C THR A 92 55.49 52.21 -39.69
N CYS A 93 55.56 51.18 -40.53
CA CYS A 93 56.07 49.87 -40.14
C CYS A 93 55.32 49.32 -38.93
N ASN A 94 54.00 49.55 -38.92
CA ASN A 94 53.05 49.22 -37.86
C ASN A 94 53.64 49.42 -36.46
N THR A 95 54.39 50.49 -36.27
CA THR A 95 55.05 50.81 -35.01
C THR A 95 54.63 52.22 -34.58
N VAL A 96 54.50 52.41 -33.26
CA VAL A 96 54.02 53.68 -32.73
C VAL A 96 55.04 54.79 -32.96
N SER A 97 56.33 54.48 -32.81
CA SER A 97 57.36 55.52 -32.85
C SER A 97 57.45 56.17 -34.23
N LYS A 98 57.41 55.38 -35.30
CA LYS A 98 57.51 55.94 -36.64
C LYS A 98 56.30 56.82 -36.95
N ALA A 99 55.10 56.36 -36.57
CA ALA A 99 53.91 57.17 -36.79
C ALA A 99 53.96 58.45 -35.97
N LEU A 100 54.53 58.39 -34.76
CA LEU A 100 54.65 59.59 -33.94
C LEU A 100 55.62 60.59 -34.56
N GLU A 101 56.72 60.10 -35.12
CA GLU A 101 57.64 61.00 -35.82
C GLU A 101 56.96 61.65 -37.03
N ALA A 102 56.20 60.86 -37.79
CA ALA A 102 55.49 61.42 -38.94
C ALA A 102 54.45 62.44 -38.49
N THR A 103 53.73 62.16 -37.39
CA THR A 103 52.73 63.09 -36.89
C THR A 103 53.38 64.38 -36.41
N LEU A 104 54.52 64.29 -35.72
CA LEU A 104 55.25 65.48 -35.34
C LEU A 104 55.70 66.27 -36.55
N SER A 105 55.98 65.58 -37.66
CA SER A 105 56.22 66.29 -38.91
C SER A 105 54.96 66.96 -39.44
N PHE A 106 53.78 66.36 -39.17
CA PHE A 106 52.53 66.91 -39.70
C PHE A 106 52.12 68.20 -38.99
N VAL A 107 52.29 68.25 -37.68
CA VAL A 107 51.71 69.33 -36.86
C VAL A 107 52.76 70.39 -36.50
N ALA A 108 53.83 70.52 -37.30
CA ALA A 108 54.92 71.42 -36.95
C ALA A 108 54.43 72.87 -36.87
N GLN A 109 53.65 73.31 -37.85
CA GLN A 109 53.23 74.71 -37.90
C GLN A 109 52.33 75.07 -36.73
N ASN A 110 51.33 74.24 -36.45
CA ASN A 110 50.43 74.50 -35.33
C ASN A 110 51.19 74.47 -34.01
N LYS A 111 52.09 73.50 -33.85
CA LYS A 111 52.86 73.38 -32.62
C LYS A 111 53.78 74.59 -32.42
N ILE A 112 54.28 75.17 -33.50
CA ILE A 112 55.17 76.33 -33.38
C ILE A 112 54.45 77.47 -32.66
N ASP A 113 53.22 77.77 -33.06
CA ASP A 113 52.47 78.82 -32.39
C ASP A 113 51.93 78.37 -31.05
N SER A 114 51.62 77.07 -30.89
CA SER A 114 51.14 76.57 -29.61
C SER A 114 52.18 76.74 -28.52
N LEU A 115 53.43 76.40 -28.81
CA LEU A 115 54.51 76.56 -27.85
C LEU A 115 55.20 77.92 -27.95
N ASN A 116 54.86 78.71 -28.97
CA ASN A 116 55.51 80.01 -29.22
C ASN A 116 57.03 79.85 -29.33
N LEU A 117 57.46 78.78 -29.97
CA LEU A 117 58.89 78.51 -30.15
C LEU A 117 59.23 78.27 -31.61
N CYS A 123 64.88 79.19 -37.78
CA CYS A 123 63.44 79.11 -37.97
C CYS A 123 63.09 78.96 -39.45
N SER A 124 61.81 78.78 -39.75
CA SER A 124 61.34 78.63 -41.12
C SER A 124 60.40 79.75 -41.53
N GLU A 125 59.36 80.01 -40.75
CA GLU A 125 58.35 81.06 -40.95
C GLU A 125 57.49 80.82 -42.18
N HIS A 126 57.71 79.74 -42.94
CA HIS A 126 56.88 79.43 -44.10
C HIS A 126 56.95 77.92 -44.31
N ILE A 127 55.92 77.21 -43.85
CA ILE A 127 55.87 75.75 -43.97
C ILE A 127 54.50 75.34 -44.47
N PRO A 128 54.39 74.26 -45.23
CA PRO A 128 53.06 73.79 -45.67
C PRO A 128 52.27 73.24 -44.50
N SER A 129 50.94 73.35 -44.61
CA SER A 129 50.02 72.92 -43.56
C SER A 129 49.18 71.74 -44.05
N THR A 130 48.85 70.87 -43.11
CA THR A 130 48.02 69.70 -43.36
C THR A 130 46.62 69.94 -42.80
N ILE A 131 45.60 69.69 -43.62
CA ILE A 131 44.23 69.94 -43.19
C ILE A 131 43.57 68.62 -42.78
N ALA A 132 44.05 67.50 -43.31
CA ALA A 132 43.49 66.21 -42.98
C ALA A 132 44.53 65.12 -43.18
N VAL A 133 44.34 64.01 -42.49
CA VAL A 133 45.25 62.87 -42.54
C VAL A 133 44.43 61.60 -42.74
N VAL A 134 44.85 60.76 -43.68
CA VAL A 134 44.25 59.44 -43.84
C VAL A 134 44.91 58.51 -42.83
N GLY A 135 44.09 57.88 -41.99
CA GLY A 135 44.55 57.25 -40.77
C GLY A 135 45.44 56.04 -41.01
N ALA A 136 45.67 55.31 -39.92
CA ALA A 136 46.56 54.16 -39.91
C ALA A 136 45.76 52.87 -39.94
N THR A 137 46.48 51.75 -39.86
CA THR A 137 45.89 50.41 -39.93
C THR A 137 45.61 49.83 -38.54
N GLY A 138 46.60 49.83 -37.65
CA GLY A 138 46.41 49.28 -36.33
C GLY A 138 45.68 50.23 -35.40
N SER A 139 45.02 49.64 -34.40
CA SER A 139 44.22 50.43 -33.47
C SER A 139 45.08 51.18 -32.47
N GLY A 140 46.15 50.56 -31.98
CA GLY A 140 47.05 51.26 -31.07
C GLY A 140 47.78 52.40 -31.74
N VAL A 141 48.26 52.19 -32.96
CA VAL A 141 48.89 53.26 -33.72
C VAL A 141 47.90 54.39 -33.97
N SER A 142 46.66 54.04 -34.32
CA SER A 142 45.64 55.06 -34.54
C SER A 142 45.36 55.84 -33.26
N THR A 143 45.30 55.16 -32.12
CA THR A 143 45.07 55.85 -30.84
C THR A 143 46.21 56.82 -30.54
N ALA A 144 47.45 56.36 -30.73
CA ALA A 144 48.60 57.23 -30.46
C ALA A 144 48.62 58.44 -31.38
N VAL A 145 48.29 58.23 -32.66
CA VAL A 145 48.27 59.34 -33.61
C VAL A 145 47.14 60.31 -33.28
N ALA A 146 45.97 59.78 -32.90
CA ALA A 146 44.82 60.63 -32.63
C ALA A 146 45.02 61.47 -31.38
N ASN A 147 45.71 60.91 -30.37
CA ASN A 147 45.97 61.67 -29.15
C ASN A 147 46.67 62.99 -29.46
N LEU A 148 47.60 62.98 -30.41
CA LEU A 148 48.32 64.17 -30.80
C LEU A 148 47.60 65.00 -31.86
N LEU A 149 46.85 64.34 -32.75
CA LEU A 149 46.16 65.08 -33.81
C LEU A 149 44.95 65.85 -33.28
N GLY A 150 44.32 65.36 -32.20
CA GLY A 150 43.19 66.07 -31.64
C GLY A 150 43.56 67.30 -30.85
N LEU A 151 44.84 67.49 -30.54
CA LEU A 151 45.27 68.70 -29.85
C LEU A 151 45.02 69.94 -30.69
N PHE A 152 45.24 69.84 -32.00
CA PHE A 152 45.11 70.97 -32.92
C PHE A 152 43.87 70.87 -33.80
N TYR A 153 42.98 69.92 -33.51
CA TYR A 153 41.72 69.77 -34.24
C TYR A 153 41.93 69.51 -35.73
N ILE A 154 42.84 68.58 -36.03
CA ILE A 154 43.10 68.13 -37.39
C ILE A 154 42.31 66.84 -37.61
N PRO A 155 41.37 66.80 -38.56
CA PRO A 155 40.58 65.58 -38.76
C PRO A 155 41.45 64.43 -39.24
N GLN A 156 41.03 63.22 -38.89
CA GLN A 156 41.75 62.00 -39.24
C GLN A 156 40.74 60.94 -39.64
N VAL A 157 40.86 60.43 -40.87
CA VAL A 157 39.95 59.41 -41.40
C VAL A 157 40.74 58.13 -41.56
N SER A 158 40.34 57.09 -40.81
CA SER A 158 41.01 55.81 -40.85
C SER A 158 40.25 54.83 -41.74
N TYR A 159 40.99 53.89 -42.33
CA TYR A 159 40.43 52.93 -43.26
C TYR A 159 40.40 51.50 -42.74
N ALA A 160 41.13 51.20 -41.65
CA ALA A 160 41.21 49.83 -41.16
C ALA A 160 41.06 49.69 -39.64
N SER A 161 41.18 50.76 -38.86
CA SER A 161 41.08 50.65 -37.41
C SER A 161 39.62 50.50 -37.01
N SER A 162 39.31 49.43 -36.27
CA SER A 162 37.93 49.10 -35.92
C SER A 162 37.74 48.85 -34.43
N SER A 163 38.66 49.31 -33.59
CA SER A 163 38.50 49.16 -32.15
C SER A 163 37.34 50.01 -31.66
N ARG A 164 36.59 49.46 -30.68
CA ARG A 164 35.46 50.18 -30.11
C ARG A 164 35.88 51.27 -29.14
N LEU A 165 37.14 51.28 -28.71
CA LEU A 165 37.61 52.34 -27.83
C LEU A 165 37.77 53.67 -28.56
N LEU A 166 37.82 53.65 -29.89
CA LEU A 166 37.98 54.86 -30.68
C LEU A 166 36.67 55.58 -30.93
N SER A 167 35.55 55.05 -30.45
CA SER A 167 34.25 55.70 -30.57
C SER A 167 33.98 56.68 -29.44
N ASN A 168 34.89 56.79 -28.47
CA ASN A 168 34.73 57.71 -27.35
C ASN A 168 35.11 59.12 -27.79
N LYS A 169 34.13 60.00 -27.91
CA LYS A 169 34.36 61.35 -28.41
C LYS A 169 34.84 62.31 -27.35
N ASN A 170 34.82 61.92 -26.07
CA ASN A 170 35.39 62.78 -25.03
C ASN A 170 36.90 62.85 -25.13
N GLN A 171 37.53 61.80 -25.64
CA GLN A 171 38.98 61.71 -25.75
C GLN A 171 39.50 61.91 -27.17
N PHE A 172 38.84 61.32 -28.17
CA PHE A 172 39.26 61.42 -29.57
C PHE A 172 38.30 62.38 -30.27
N LYS A 173 38.66 63.66 -30.27
CA LYS A 173 37.76 64.72 -30.69
C LYS A 173 37.60 64.84 -32.21
N SER A 174 38.56 64.33 -32.99
CA SER A 174 38.53 64.53 -34.43
C SER A 174 38.90 63.25 -35.16
N PHE A 175 38.36 62.11 -34.73
CA PHE A 175 38.61 60.83 -35.35
C PHE A 175 37.37 60.35 -36.09
N LEU A 176 37.55 59.94 -37.34
CA LEU A 176 36.52 59.33 -38.15
C LEU A 176 37.11 58.10 -38.84
N ARG A 177 36.24 57.15 -39.18
CA ARG A 177 36.68 55.94 -39.85
C ARG A 177 35.63 55.50 -40.87
N THR A 178 36.09 54.79 -41.89
CA THR A 178 35.23 54.28 -42.94
C THR A 178 35.06 52.76 -42.84
N ILE A 179 35.16 52.22 -41.62
CA ILE A 179 35.02 50.80 -41.37
C ILE A 179 34.18 50.61 -40.12
N PRO A 180 33.29 49.62 -40.07
CA PRO A 180 32.52 49.39 -38.84
C PRO A 180 33.39 48.85 -37.71
N ASN A 181 32.91 49.06 -36.48
CA ASN A 181 33.65 48.62 -35.29
C ASN A 181 33.42 47.13 -35.06
N ASP A 182 33.86 46.64 -33.90
CA ASP A 182 34.04 45.20 -33.68
C ASP A 182 32.97 44.59 -32.78
N GLU A 183 31.86 45.27 -32.53
CA GLU A 183 30.77 44.66 -31.77
C GLU A 183 30.06 43.61 -32.62
N HIS A 184 29.78 43.94 -33.87
CA HIS A 184 29.00 43.05 -34.73
C HIS A 184 29.75 41.76 -35.02
N GLN A 185 31.08 41.81 -35.14
CA GLN A 185 31.83 40.58 -35.40
C GLN A 185 31.76 39.62 -34.21
N ALA A 186 31.88 40.14 -32.99
CA ALA A 186 31.75 39.30 -31.80
C ALA A 186 30.35 38.70 -31.71
N THR A 187 29.32 39.54 -31.95
CA THR A 187 27.96 39.02 -31.92
C THR A 187 27.74 37.97 -33.00
N ALA A 188 28.32 38.17 -34.18
CA ALA A 188 28.17 37.22 -35.28
C ALA A 188 28.88 35.90 -34.98
N MET A 189 30.05 35.96 -34.35
CA MET A 189 30.74 34.73 -33.95
C MET A 189 29.92 33.96 -32.93
N ALA A 190 29.35 34.67 -31.95
CA ALA A 190 28.47 34.00 -31.00
C ALA A 190 27.27 33.38 -31.69
N ASP A 191 26.70 34.10 -32.67
CA ASP A 191 25.56 33.58 -33.41
C ASP A 191 25.93 32.33 -34.20
N ILE A 192 27.12 32.31 -34.80
CA ILE A 192 27.57 31.14 -35.55
C ILE A 192 27.75 29.94 -34.63
N ILE A 193 28.38 30.15 -33.47
CA ILE A 193 28.58 29.06 -32.52
C ILE A 193 27.24 28.52 -32.02
N GLU A 194 26.28 29.43 -31.79
CA GLU A 194 24.94 28.99 -31.39
C GLU A 194 24.25 28.25 -32.53
N TYR A 195 24.47 28.68 -33.77
CA TYR A 195 23.85 28.06 -34.92
C TYR A 195 24.33 26.62 -35.11
N PHE A 196 25.62 26.38 -34.91
CA PHE A 196 26.18 25.05 -35.14
C PHE A 196 26.11 24.15 -33.91
N ARG A 197 25.48 24.61 -32.83
CA ARG A 197 25.20 23.80 -31.64
C ARG A 197 26.48 23.30 -30.98
N TRP A 198 27.30 24.25 -30.54
CA TRP A 198 28.50 23.96 -29.76
C TRP A 198 28.42 24.70 -28.43
N ASN A 199 28.98 24.08 -27.38
CA ASN A 199 28.97 24.70 -26.06
C ASN A 199 30.30 24.51 -25.33
N TRP A 200 31.39 24.33 -26.06
CA TRP A 200 32.70 24.05 -25.47
C TRP A 200 33.75 24.57 -26.44
N VAL A 201 34.30 25.75 -26.16
CA VAL A 201 35.21 26.44 -27.08
C VAL A 201 36.38 27.02 -26.29
N GLY A 202 37.38 27.50 -27.04
CA GLY A 202 38.48 28.22 -26.45
C GLY A 202 38.70 29.53 -27.18
N THR A 203 39.47 30.42 -26.55
CA THR A 203 39.68 31.77 -27.07
C THR A 203 41.16 32.11 -27.06
N ILE A 204 41.60 32.81 -28.10
CA ILE A 204 42.95 33.35 -28.19
C ILE A 204 42.86 34.76 -28.78
N ALA A 205 43.52 35.71 -28.14
CA ALA A 205 43.45 37.12 -28.55
C ALA A 205 44.84 37.73 -28.57
N ALA A 206 44.99 38.77 -29.38
CA ALA A 206 46.23 39.54 -29.42
C ALA A 206 46.22 40.59 -28.31
N ASP A 207 47.40 40.81 -27.73
CA ASP A 207 47.54 41.72 -26.59
C ASP A 207 47.74 43.15 -27.12
N ASP A 208 46.64 43.76 -27.53
CA ASP A 208 46.65 45.13 -28.03
C ASP A 208 45.25 45.71 -27.88
N ASP A 209 45.02 46.88 -28.49
CA ASP A 209 43.73 47.53 -28.43
C ASP A 209 42.73 46.95 -29.43
N TYR A 210 43.15 46.02 -30.28
CA TYR A 210 42.25 45.39 -31.23
C TYR A 210 41.65 44.10 -30.70
N GLY A 211 42.46 43.27 -30.04
CA GLY A 211 42.01 41.96 -29.61
C GLY A 211 41.31 41.91 -28.26
N ARG A 212 41.81 42.66 -27.27
CA ARG A 212 41.26 42.55 -25.93
C ARG A 212 39.81 43.01 -25.82
N PRO A 213 39.42 44.21 -26.29
CA PRO A 213 37.99 44.57 -26.17
C PRO A 213 37.07 43.67 -27.00
N GLY A 214 37.54 43.22 -28.17
CA GLY A 214 36.73 42.31 -28.97
C GLY A 214 36.51 40.98 -28.29
N ILE A 215 37.57 40.43 -27.68
CA ILE A 215 37.41 39.14 -27.01
C ILE A 215 36.58 39.30 -25.74
N GLU A 216 36.65 40.46 -25.07
CA GLU A 216 35.79 40.71 -23.93
C GLU A 216 34.31 40.77 -24.34
N LYS A 217 34.02 41.46 -25.45
CA LYS A 217 32.65 41.51 -25.96
C LYS A 217 32.15 40.10 -26.32
N PHE A 218 33.01 39.31 -26.97
CA PHE A 218 32.64 37.94 -27.30
C PHE A 218 32.36 37.12 -26.05
N ARG A 219 33.16 37.31 -24.99
CA ARG A 219 32.96 36.57 -23.75
C ARG A 219 31.57 36.86 -23.14
N GLU A 220 31.20 38.15 -23.08
CA GLU A 220 29.89 38.52 -22.52
C GLU A 220 28.74 37.88 -23.32
N GLU A 221 28.74 38.08 -24.64
CA GLU A 221 27.64 37.59 -25.48
C GLU A 221 27.43 36.09 -25.30
N ALA A 222 28.52 35.32 -25.31
CA ALA A 222 28.45 33.85 -25.23
C ALA A 222 27.83 33.37 -23.91
N GLU A 223 28.16 34.08 -22.82
CA GLU A 223 27.61 33.71 -21.50
C GLU A 223 26.11 33.89 -21.49
N GLU A 224 25.66 35.01 -22.05
CA GLU A 224 24.24 35.18 -22.27
C GLU A 224 23.69 34.02 -23.08
N ARG A 225 24.52 33.42 -23.92
CA ARG A 225 24.00 32.38 -24.77
C ARG A 225 24.24 31.00 -24.20
N ASP A 226 24.71 30.89 -22.95
CA ASP A 226 24.97 29.60 -22.31
C ASP A 226 25.99 28.77 -23.08
N ILE A 227 27.15 29.37 -23.30
CA ILE A 227 28.29 28.73 -23.94
C ILE A 227 29.46 28.77 -22.96
N CYS A 228 30.09 27.62 -22.75
CA CYS A 228 31.18 27.51 -21.79
C CYS A 228 32.53 27.71 -22.48
N ILE A 229 33.39 28.52 -21.88
CA ILE A 229 34.72 28.82 -22.41
C ILE A 229 35.74 28.11 -21.54
N ASP A 230 36.59 27.30 -22.18
CA ASP A 230 37.54 26.48 -21.43
C ASP A 230 38.82 27.26 -21.10
N PHE A 231 39.45 27.87 -22.10
CA PHE A 231 40.70 28.60 -21.88
C PHE A 231 40.66 29.93 -22.62
N SER A 232 41.48 30.87 -22.14
CA SER A 232 41.64 32.18 -22.76
C SER A 232 43.09 32.61 -22.63
N GLU A 233 43.76 32.81 -23.76
CA GLU A 233 45.18 33.12 -23.77
C GLU A 233 45.45 34.34 -24.64
N LEU A 234 46.55 35.03 -24.33
CA LEU A 234 46.98 36.21 -25.07
C LEU A 234 48.32 35.95 -25.73
N ILE A 235 48.50 36.49 -26.93
CA ILE A 235 49.73 36.33 -27.70
C ILE A 235 50.20 37.69 -28.18
N SER A 236 51.38 37.71 -28.79
CA SER A 236 51.95 38.93 -29.32
C SER A 236 52.95 38.58 -30.42
N GLN A 237 53.31 39.58 -31.21
CA GLN A 237 54.30 39.40 -32.26
C GLN A 237 55.69 39.14 -31.69
N TYR A 238 56.00 39.73 -30.52
CA TYR A 238 57.30 39.60 -29.91
C TYR A 238 57.29 38.68 -28.70
N SER A 239 56.47 37.63 -28.75
CA SER A 239 56.50 36.60 -27.71
C SER A 239 57.75 35.74 -27.85
N ASP A 240 58.19 35.20 -26.72
CA ASP A 240 59.39 34.36 -26.69
C ASP A 240 58.99 32.89 -26.73
N GLU A 241 59.98 32.01 -26.59
CA GLU A 241 59.73 30.57 -26.67
C GLU A 241 58.84 30.09 -25.55
N GLU A 242 59.08 30.58 -24.33
CA GLU A 242 58.36 30.06 -23.16
C GLU A 242 56.87 30.30 -23.27
N GLU A 243 56.46 31.52 -23.62
CA GLU A 243 55.04 31.83 -23.74
C GLU A 243 54.38 31.02 -24.85
N ILE A 244 55.06 30.87 -25.98
CA ILE A 244 54.49 30.10 -27.09
C ILE A 244 54.31 28.65 -26.70
N GLN A 245 55.31 28.07 -26.02
CA GLN A 245 55.19 26.68 -25.59
C GLN A 245 54.10 26.52 -24.54
N HIS A 246 53.95 27.49 -23.64
CA HIS A 246 52.87 27.43 -22.66
C HIS A 246 51.50 27.47 -23.33
N VAL A 247 51.34 28.34 -24.32
CA VAL A 247 50.06 28.44 -25.03
C VAL A 247 49.78 27.15 -25.80
N VAL A 248 50.82 26.56 -26.42
CA VAL A 248 50.63 25.32 -27.15
C VAL A 248 50.25 24.18 -26.20
N GLU A 249 50.88 24.15 -25.02
CA GLU A 249 50.53 23.13 -24.02
C GLU A 249 49.09 23.31 -23.54
N VAL A 250 48.65 24.56 -23.37
CA VAL A 250 47.28 24.81 -22.93
C VAL A 250 46.29 24.30 -23.98
N ILE A 251 46.60 24.50 -25.26
CA ILE A 251 45.67 24.12 -26.32
C ILE A 251 45.51 22.60 -26.37
N GLN A 252 46.62 21.88 -26.37
CA GLN A 252 46.59 20.43 -26.59
C GLN A 252 46.19 19.65 -25.34
N ASN A 253 46.07 20.31 -24.18
CA ASN A 253 45.54 19.68 -22.98
C ASN A 253 44.04 19.77 -22.88
N SER A 254 43.38 20.40 -23.84
CA SER A 254 41.94 20.63 -23.82
C SER A 254 41.24 19.74 -24.84
N THR A 255 39.94 19.53 -24.60
CA THR A 255 39.11 18.71 -25.48
C THR A 255 38.11 19.56 -26.28
N ALA A 256 38.38 20.86 -26.42
CA ALA A 256 37.53 21.75 -27.18
C ALA A 256 38.11 21.91 -28.58
N LYS A 257 37.30 21.59 -29.60
CA LYS A 257 37.76 21.62 -30.98
C LYS A 257 37.68 22.98 -31.62
N VAL A 258 36.77 23.85 -31.16
CA VAL A 258 36.51 25.14 -31.79
C VAL A 258 37.27 26.21 -31.01
N ILE A 259 38.08 27.00 -31.73
CA ILE A 259 38.89 28.06 -31.14
C ILE A 259 38.61 29.36 -31.89
N VAL A 260 38.29 30.42 -31.15
CA VAL A 260 37.97 31.74 -31.70
C VAL A 260 39.20 32.63 -31.55
N VAL A 261 39.74 33.16 -32.65
CA VAL A 261 40.99 33.92 -32.61
C VAL A 261 40.73 35.35 -33.09
N PHE A 262 40.94 36.34 -32.18
CA PHE A 262 40.86 37.77 -32.51
C PHE A 262 42.29 38.31 -32.57
N SER A 263 42.82 38.51 -33.78
CA SER A 263 44.23 38.91 -33.93
C SER A 263 44.58 39.17 -35.39
N SER A 264 45.84 39.52 -35.69
CA SER A 264 46.31 39.75 -37.05
C SER A 264 47.43 38.78 -37.40
N GLY A 265 47.84 38.80 -38.66
CA GLY A 265 48.83 37.88 -39.17
C GLY A 265 50.19 37.98 -38.50
N PRO A 266 50.73 39.20 -38.39
CA PRO A 266 52.02 39.35 -37.67
C PRO A 266 51.96 38.88 -36.23
N ASP A 267 50.84 39.08 -35.55
CA ASP A 267 50.70 38.65 -34.15
C ASP A 267 50.38 37.17 -34.01
N LEU A 268 50.00 36.49 -35.09
CA LEU A 268 49.60 35.09 -35.04
C LEU A 268 50.60 34.14 -35.66
N GLU A 269 51.51 34.63 -36.49
CA GLU A 269 52.40 33.73 -37.24
C GLU A 269 53.28 32.84 -36.35
N PRO A 270 53.91 33.32 -35.27
CA PRO A 270 54.74 32.40 -34.46
C PRO A 270 53.97 31.23 -33.87
N LEU A 271 52.79 31.48 -33.32
CA LEU A 271 52.00 30.40 -32.73
C LEU A 271 51.59 29.39 -33.81
N ILE A 272 51.21 29.88 -34.99
CA ILE A 272 50.82 28.99 -36.07
C ILE A 272 52.00 28.13 -36.51
N LYS A 273 53.18 28.74 -36.61
CA LYS A 273 54.38 27.96 -36.97
C LYS A 273 54.66 26.88 -35.93
N GLU A 274 54.58 27.23 -34.65
CA GLU A 274 54.87 26.26 -33.60
C GLU A 274 53.85 25.12 -33.60
N ILE A 275 52.58 25.43 -33.84
CA ILE A 275 51.56 24.39 -33.91
C ILE A 275 51.78 23.52 -35.14
N VAL A 276 52.19 24.12 -36.26
CA VAL A 276 52.42 23.35 -37.48
C VAL A 276 53.57 22.37 -37.30
N ARG A 277 54.65 22.81 -36.66
CA ARG A 277 55.79 21.92 -36.50
C ARG A 277 55.50 20.74 -35.58
N ARG A 278 54.49 20.86 -34.71
CA ARG A 278 54.11 19.76 -33.83
C ARG A 278 53.03 18.86 -34.42
N ASN A 279 52.49 19.21 -35.58
CA ASN A 279 51.46 18.42 -36.27
C ASN A 279 50.22 18.22 -35.39
N ILE A 280 49.62 19.35 -35.01
CA ILE A 280 48.39 19.35 -34.22
C ILE A 280 47.24 19.58 -35.18
N THR A 281 46.45 18.55 -35.42
CA THR A 281 45.38 18.57 -36.41
C THR A 281 44.04 18.32 -35.74
N GLY A 282 42.97 18.66 -36.45
CA GLY A 282 41.62 18.43 -35.97
C GLY A 282 40.96 19.57 -35.27
N LYS A 283 41.52 20.78 -35.34
CA LYS A 283 40.96 21.95 -34.69
C LYS A 283 40.15 22.76 -35.68
N ILE A 284 39.14 23.46 -35.16
CA ILE A 284 38.25 24.30 -35.96
C ILE A 284 38.52 25.75 -35.57
N TRP A 285 38.95 26.55 -36.55
CA TRP A 285 39.36 27.93 -36.31
C TRP A 285 38.27 28.89 -36.80
N LEU A 286 37.93 29.86 -35.96
CA LEU A 286 37.06 30.97 -36.33
C LEU A 286 37.91 32.22 -36.43
N ALA A 287 37.91 32.85 -37.61
CA ALA A 287 38.85 33.91 -37.95
C ALA A 287 38.15 35.27 -38.00
N SER A 288 38.76 36.27 -37.38
CA SER A 288 38.34 37.64 -37.58
C SER A 288 38.94 38.18 -38.88
N GLU A 289 38.38 39.28 -39.35
CA GLU A 289 38.71 39.79 -40.69
C GLU A 289 40.16 40.27 -40.81
N ALA A 290 40.87 40.45 -39.69
CA ALA A 290 42.26 40.89 -39.77
C ALA A 290 43.15 39.81 -40.37
N TRP A 291 42.93 38.55 -40.01
CA TRP A 291 43.73 37.45 -40.54
C TRP A 291 42.93 36.44 -41.35
N ALA A 292 41.63 36.68 -41.57
CA ALA A 292 40.82 35.76 -42.35
C ALA A 292 41.20 35.72 -43.82
N SER A 293 41.99 36.69 -44.30
CA SER A 293 42.49 36.67 -45.67
C SER A 293 43.99 36.93 -45.73
N SER A 294 44.70 36.84 -44.62
CA SER A 294 46.13 37.11 -44.60
C SER A 294 46.91 36.05 -45.36
N SER A 295 47.90 36.50 -46.12
CA SER A 295 48.76 35.58 -46.86
C SER A 295 49.88 35.00 -46.00
N LEU A 296 50.10 35.55 -44.80
CA LEU A 296 51.10 34.99 -43.91
C LEU A 296 50.63 33.69 -43.27
N ILE A 297 49.32 33.53 -43.11
CA ILE A 297 48.76 32.34 -42.51
C ILE A 297 48.19 31.39 -43.54
N ALA A 298 47.75 31.89 -44.70
CA ALA A 298 47.20 31.08 -45.77
C ALA A 298 48.34 30.58 -46.65
N MET A 299 49.09 29.62 -46.10
CA MET A 299 50.18 29.00 -46.82
C MET A 299 49.85 27.55 -47.12
N PRO A 300 50.25 27.04 -48.29
CA PRO A 300 49.99 25.62 -48.60
C PRO A 300 50.66 24.66 -47.63
N GLN A 301 51.77 25.07 -47.00
CA GLN A 301 52.45 24.21 -46.04
C GLN A 301 51.70 24.08 -44.73
N TYR A 302 50.73 24.96 -44.47
CA TYR A 302 49.98 24.96 -43.22
C TYR A 302 48.61 24.34 -43.36
N PHE A 303 48.26 23.82 -44.54
CA PHE A 303 46.88 23.42 -44.79
C PHE A 303 46.45 22.24 -43.94
N HIS A 304 47.38 21.39 -43.51
CA HIS A 304 47.00 20.28 -42.65
C HIS A 304 46.72 20.71 -41.22
N VAL A 305 46.81 22.01 -40.92
CA VAL A 305 46.48 22.55 -39.61
C VAL A 305 45.38 23.61 -39.69
N VAL A 306 45.50 24.54 -40.65
CA VAL A 306 44.55 25.64 -40.76
C VAL A 306 43.54 25.44 -41.88
N GLY A 307 43.56 24.29 -42.55
CA GLY A 307 42.59 24.05 -43.61
C GLY A 307 41.18 23.95 -43.06
N GLY A 308 40.23 24.54 -43.79
CA GLY A 308 38.84 24.52 -43.39
C GLY A 308 38.42 25.66 -42.48
N THR A 309 39.21 26.73 -42.41
CA THR A 309 38.91 27.84 -41.51
C THR A 309 37.68 28.62 -42.00
N ILE A 310 36.89 29.11 -41.05
CA ILE A 310 35.74 29.96 -41.33
C ILE A 310 36.03 31.35 -40.78
N GLY A 311 35.88 32.37 -41.63
CA GLY A 311 36.25 33.72 -41.24
C GLY A 311 35.30 34.75 -41.83
N PHE A 312 35.60 36.01 -41.54
CA PHE A 312 34.78 37.14 -41.97
C PHE A 312 35.53 37.96 -43.01
N ALA A 313 34.79 38.49 -43.99
CA ALA A 313 35.34 39.36 -45.01
C ALA A 313 34.46 40.59 -45.17
N LEU A 314 35.07 41.71 -45.52
CA LEU A 314 34.33 42.94 -45.71
C LEU A 314 33.69 42.96 -47.09
N LYS A 315 32.86 43.97 -47.33
CA LYS A 315 32.23 44.12 -48.64
C LYS A 315 33.23 44.65 -49.65
N ALA A 316 33.02 44.28 -50.91
CA ALA A 316 33.92 44.64 -51.99
C ALA A 316 33.35 45.81 -52.80
N GLY A 317 34.27 46.62 -53.34
CA GLY A 317 33.88 47.72 -54.20
C GLY A 317 34.66 47.67 -55.50
N GLN A 318 34.25 48.51 -56.44
CA GLN A 318 34.82 48.53 -57.77
C GLN A 318 35.49 49.86 -58.06
N ILE A 319 36.73 49.81 -58.54
CA ILE A 319 37.43 50.98 -59.06
C ILE A 319 37.67 50.74 -60.54
N PRO A 320 37.05 51.51 -61.43
CA PRO A 320 37.01 51.12 -62.85
C PRO A 320 38.37 50.95 -63.52
N GLY A 321 39.35 51.78 -63.19
CA GLY A 321 40.62 51.70 -63.88
C GLY A 321 41.83 51.60 -62.98
N PHE A 322 41.72 50.88 -61.87
CA PHE A 322 42.79 50.81 -60.89
C PHE A 322 43.94 49.93 -61.36
N ARG A 323 43.63 48.78 -61.99
CA ARG A 323 44.67 47.83 -62.37
C ARG A 323 45.60 48.40 -63.43
N GLU A 324 45.05 49.16 -64.38
CA GLU A 324 45.89 49.78 -65.40
C GLU A 324 46.85 50.78 -64.78
N PHE A 325 46.39 51.55 -63.79
CA PHE A 325 47.27 52.45 -63.07
C PHE A 325 48.33 51.67 -62.29
N LEU A 326 47.94 50.55 -61.69
CA LEU A 326 48.89 49.74 -60.93
C LEU A 326 50.00 49.19 -61.81
N LYS A 327 49.65 48.78 -63.04
CA LYS A 327 50.61 48.13 -63.92
C LYS A 327 51.62 49.09 -64.52
N LYS A 328 51.47 50.40 -64.32
CA LYS A 328 52.34 51.40 -64.94
C LYS A 328 53.43 51.91 -64.02
N VAL A 329 53.67 51.26 -62.89
CA VAL A 329 54.70 51.72 -61.97
C VAL A 329 56.09 51.45 -62.54
N HIS A 330 57.03 52.34 -62.23
CA HIS A 330 58.41 52.22 -62.71
C HIS A 330 59.32 52.97 -61.77
N PRO A 331 60.54 52.49 -61.51
CA PRO A 331 61.45 53.21 -60.62
C PRO A 331 62.09 54.44 -61.23
N ARG A 332 61.98 54.64 -62.55
CA ARG A 332 62.57 55.79 -63.21
C ARG A 332 61.55 56.79 -63.73
N LYS A 333 60.25 56.49 -63.64
CA LYS A 333 59.20 57.42 -64.01
C LYS A 333 58.46 57.99 -62.81
N SER A 334 58.32 57.21 -61.73
CA SER A 334 57.64 57.68 -60.52
C SER A 334 58.60 58.58 -59.74
N VAL A 335 58.65 59.85 -60.16
CA VAL A 335 59.50 60.83 -59.50
C VAL A 335 58.97 61.13 -58.10
N HIS A 336 57.65 61.30 -57.97
CA HIS A 336 57.06 61.71 -56.71
C HIS A 336 56.89 60.56 -55.72
N ASN A 337 57.12 59.32 -56.13
CA ASN A 337 57.00 58.17 -55.25
C ASN A 337 58.40 57.67 -54.87
N GLY A 338 58.65 57.57 -53.57
CA GLY A 338 59.96 57.16 -53.09
C GLY A 338 60.04 55.70 -52.70
N PHE A 339 58.90 55.02 -52.66
CA PHE A 339 58.85 53.60 -52.33
C PHE A 339 58.97 52.70 -53.55
N ALA A 340 58.89 53.27 -54.76
CA ALA A 340 58.91 52.45 -55.97
C ALA A 340 60.26 51.78 -56.18
N LYS A 341 61.36 52.43 -55.77
CA LYS A 341 62.67 51.82 -55.91
C LYS A 341 62.77 50.51 -55.13
N GLU A 342 62.42 50.56 -53.84
CA GLU A 342 62.45 49.35 -53.03
C GLU A 342 61.38 48.35 -53.49
N PHE A 343 60.24 48.83 -53.99
CA PHE A 343 59.24 47.91 -54.52
C PHE A 343 59.81 47.11 -55.68
N TRP A 344 60.47 47.79 -56.63
CA TRP A 344 61.09 47.11 -57.76
C TRP A 344 62.17 46.14 -57.30
N GLU A 345 63.03 46.58 -56.39
CA GLU A 345 64.14 45.74 -55.95
C GLU A 345 63.64 44.49 -55.22
N GLU A 346 62.61 44.64 -54.39
CA GLU A 346 62.05 43.48 -53.69
C GLU A 346 61.29 42.57 -54.64
N THR A 347 60.61 43.14 -55.64
CA THR A 347 59.83 42.33 -56.56
C THR A 347 60.74 41.48 -57.45
N PHE A 348 61.76 42.07 -58.05
CA PHE A 348 62.57 41.36 -59.03
C PHE A 348 63.89 40.84 -58.47
N ASN A 349 64.16 41.06 -57.19
CA ASN A 349 65.38 40.58 -56.53
C ASN A 349 66.63 40.99 -57.29
N CYS A 350 66.80 42.30 -57.42
CA CYS A 350 67.96 42.86 -58.10
C CYS A 350 68.29 44.21 -57.47
N HIS A 351 69.46 44.72 -57.80
CA HIS A 351 69.96 45.97 -57.25
C HIS A 351 69.98 47.05 -58.33
N LEU A 352 69.35 48.19 -58.03
CA LEU A 352 69.35 49.32 -58.96
C LEU A 352 70.63 50.12 -58.79
N GLN A 353 71.38 50.28 -59.89
CA GLN A 353 72.63 51.03 -59.85
C GLN A 353 72.36 52.49 -59.53
N GLU A 354 73.23 53.07 -58.71
CA GLU A 354 73.11 54.47 -58.34
C GLU A 354 73.31 55.39 -59.54
N PHE A 383 75.63 39.02 -54.02
CA PHE A 383 75.63 40.16 -54.92
C PHE A 383 74.51 40.07 -55.94
N ARG A 384 73.47 40.88 -55.75
CA ARG A 384 72.34 40.86 -56.67
C ARG A 384 72.75 41.42 -58.04
N PRO A 385 72.21 40.87 -59.11
CA PRO A 385 72.48 41.43 -60.45
C PRO A 385 71.84 42.80 -60.61
N LEU A 386 72.43 43.58 -61.51
CA LEU A 386 71.89 44.90 -61.80
C LEU A 386 70.57 44.79 -62.56
N CYS A 387 69.61 45.63 -62.19
CA CYS A 387 68.30 45.59 -62.83
C CYS A 387 68.36 46.20 -64.23
N THR A 388 67.78 45.50 -65.20
CA THR A 388 67.80 46.00 -66.58
C THR A 388 66.85 47.19 -66.75
N GLY A 389 65.71 47.17 -66.08
CA GLY A 389 64.76 48.26 -66.11
C GLY A 389 63.59 48.09 -67.05
N ASP A 390 63.57 47.04 -67.87
CA ASP A 390 62.48 46.79 -68.79
C ASP A 390 61.81 45.44 -68.49
N GLU A 391 61.58 45.18 -67.21
CA GLU A 391 61.08 43.89 -66.74
C GLU A 391 59.60 44.02 -66.41
N ASN A 392 58.78 43.16 -67.01
CA ASN A 392 57.34 43.20 -66.77
C ASN A 392 57.01 42.75 -65.36
N ILE A 393 56.05 43.45 -64.73
CA ILE A 393 55.65 43.12 -63.38
C ILE A 393 54.59 42.02 -63.33
N SER A 394 54.10 41.57 -64.47
CA SER A 394 53.11 40.50 -64.50
C SER A 394 53.74 39.12 -64.37
N SER A 395 55.05 39.00 -64.57
CA SER A 395 55.70 37.70 -64.51
C SER A 395 55.78 37.17 -63.09
N VAL A 396 56.06 38.04 -62.13
CA VAL A 396 56.26 37.63 -60.74
C VAL A 396 54.94 37.75 -59.99
N GLU A 397 54.57 36.70 -59.26
CA GLU A 397 53.32 36.65 -58.53
C GLU A 397 53.53 37.22 -57.13
N THR A 398 52.88 38.34 -56.85
CA THR A 398 52.91 39.00 -55.55
C THR A 398 51.51 39.48 -55.23
N PRO A 399 51.22 39.76 -53.95
CA PRO A 399 49.90 40.31 -53.61
C PRO A 399 49.62 41.67 -54.22
N TYR A 400 50.56 42.20 -55.01
CA TYR A 400 50.40 43.52 -55.60
C TYR A 400 49.24 43.54 -56.61
N ILE A 401 49.21 42.56 -57.52
CA ILE A 401 48.15 42.52 -58.52
C ILE A 401 47.50 41.15 -58.58
N ASP A 402 47.81 40.30 -57.59
CA ASP A 402 47.15 39.00 -57.47
C ASP A 402 46.08 39.11 -56.39
N TYR A 403 44.96 39.74 -56.75
CA TYR A 403 43.84 39.92 -55.85
C TYR A 403 42.56 39.62 -56.59
N THR A 404 41.52 39.26 -55.83
CA THR A 404 40.19 39.00 -56.38
C THR A 404 39.19 40.08 -56.08
N HIS A 405 39.30 40.74 -54.92
CA HIS A 405 38.36 41.79 -54.52
C HIS A 405 39.13 42.94 -53.91
N LEU A 406 38.54 44.14 -54.00
CA LEU A 406 39.08 45.35 -53.39
C LEU A 406 38.22 45.69 -52.18
N ARG A 407 38.79 45.55 -50.99
CA ARG A 407 38.06 45.76 -49.74
C ARG A 407 38.63 46.91 -48.93
N ILE A 408 39.94 46.92 -48.67
CA ILE A 408 40.56 48.01 -47.95
C ILE A 408 40.97 49.15 -48.89
N SER A 409 41.35 48.81 -50.12
CA SER A 409 41.64 49.85 -51.11
C SER A 409 40.41 50.70 -51.37
N TYR A 410 39.22 50.08 -51.38
CA TYR A 410 37.99 50.86 -51.51
C TYR A 410 37.77 51.76 -50.30
N ASN A 411 38.18 51.31 -49.11
CA ASN A 411 38.09 52.17 -47.93
C ASN A 411 39.00 53.38 -48.07
N VAL A 412 40.21 53.20 -48.59
CA VAL A 412 41.10 54.33 -48.83
C VAL A 412 40.49 55.29 -49.86
N TYR A 413 39.94 54.73 -50.94
CA TYR A 413 39.24 55.50 -51.97
C TYR A 413 38.14 56.37 -51.34
N LEU A 414 37.30 55.76 -50.50
CA LEU A 414 36.22 56.49 -49.87
C LEU A 414 36.74 57.53 -48.89
N ALA A 415 37.83 57.22 -48.18
CA ALA A 415 38.40 58.18 -47.25
C ALA A 415 38.89 59.42 -47.97
N VAL A 416 39.45 59.25 -49.17
CA VAL A 416 39.88 60.42 -49.94
C VAL A 416 38.68 61.21 -50.46
N TYR A 417 37.67 60.51 -50.99
CA TYR A 417 36.51 61.22 -51.51
C TYR A 417 35.71 61.93 -50.41
N SER A 418 35.74 61.43 -49.18
CA SER A 418 35.04 62.12 -48.11
C SER A 418 35.61 63.52 -47.89
N ILE A 419 36.95 63.61 -47.83
CA ILE A 419 37.60 64.91 -47.67
C ILE A 419 37.37 65.78 -48.89
N ALA A 420 37.43 65.19 -50.09
CA ALA A 420 37.19 65.97 -51.31
C ALA A 420 35.79 66.57 -51.32
N HIS A 421 34.79 65.78 -50.91
CA HIS A 421 33.41 66.28 -50.94
C HIS A 421 33.15 67.28 -49.82
N ALA A 422 33.79 67.12 -48.66
CA ALA A 422 33.68 68.15 -47.63
C ALA A 422 34.27 69.47 -48.11
N LEU A 423 35.42 69.40 -48.81
CA LEU A 423 36.00 70.61 -49.38
C LEU A 423 35.08 71.24 -50.43
N GLN A 424 34.45 70.40 -51.27
CA GLN A 424 33.51 70.93 -52.26
C GLN A 424 32.32 71.60 -51.59
N ASP A 425 31.81 71.01 -50.51
CA ASP A 425 30.70 71.61 -49.77
C ASP A 425 31.11 72.96 -49.19
N ILE A 426 32.35 73.05 -48.68
CA ILE A 426 32.87 74.35 -48.25
C ILE A 426 32.90 75.33 -49.41
N TYR A 427 33.28 74.84 -50.61
CA TYR A 427 33.47 75.72 -51.76
C TYR A 427 32.16 76.25 -52.31
N THR A 428 31.08 75.47 -52.25
CA THR A 428 29.82 75.81 -52.92
C THR A 428 28.73 76.23 -51.94
N CYS A 429 29.08 77.01 -50.93
CA CYS A 429 28.11 77.53 -49.98
C CYS A 429 27.81 78.99 -50.27
N LEU A 430 26.57 79.40 -49.98
CA LEU A 430 26.10 80.75 -50.19
C LEU A 430 25.97 81.49 -48.86
N PRO A 431 26.14 82.81 -48.85
CA PRO A 431 25.99 83.57 -47.61
C PRO A 431 24.60 83.40 -47.02
N GLY A 432 24.55 83.28 -45.69
CA GLY A 432 23.31 83.04 -44.99
C GLY A 432 22.92 81.59 -44.86
N ARG A 433 23.66 80.68 -45.49
CA ARG A 433 23.37 79.25 -45.44
C ARG A 433 24.51 78.46 -44.82
N GLY A 434 25.50 79.12 -44.23
CA GLY A 434 26.64 78.42 -43.66
C GLY A 434 26.32 77.73 -42.36
N LEU A 435 27.26 76.89 -41.93
CA LEU A 435 27.13 76.13 -40.70
C LEU A 435 27.74 76.84 -39.50
N PHE A 436 28.24 78.05 -39.67
CA PHE A 436 28.95 78.78 -38.63
C PHE A 436 28.00 79.74 -37.91
N THR A 437 28.57 80.64 -37.11
CA THR A 437 27.81 81.35 -36.09
C THR A 437 26.59 82.08 -36.67
N ASN A 438 26.79 82.89 -37.69
CA ASN A 438 25.71 83.67 -38.29
C ASN A 438 25.43 83.23 -39.73
N GLY A 439 25.59 81.94 -40.01
CA GLY A 439 25.44 81.46 -41.37
C GLY A 439 26.57 81.82 -42.30
N SER A 440 27.68 82.31 -41.77
CA SER A 440 28.80 82.73 -42.60
C SER A 440 29.48 81.52 -43.22
N CYS A 441 30.21 81.78 -44.31
CA CYS A 441 31.01 80.77 -44.99
C CYS A 441 32.49 80.99 -44.73
N ALA A 442 33.21 79.89 -44.55
CA ALA A 442 34.66 79.93 -44.51
C ALA A 442 35.20 80.19 -45.92
N ASP A 443 36.39 80.78 -45.98
CA ASP A 443 37.03 81.06 -47.25
C ASP A 443 37.75 79.82 -47.75
N ILE A 444 37.49 79.45 -49.01
CA ILE A 444 38.17 78.30 -49.60
C ILE A 444 39.66 78.57 -49.77
N LYS A 445 40.04 79.84 -49.99
CA LYS A 445 41.44 80.17 -50.12
C LYS A 445 42.18 80.08 -48.80
N LYS A 446 41.51 80.43 -47.70
CA LYS A 446 42.12 80.44 -46.38
C LYS A 446 41.46 79.41 -45.45
N VAL A 447 41.23 78.20 -45.96
CA VAL A 447 40.52 77.18 -45.20
C VAL A 447 41.38 76.73 -44.02
N GLU A 448 40.71 76.25 -42.96
CA GLU A 448 41.37 75.78 -41.76
C GLU A 448 40.89 74.38 -41.43
N ALA A 449 41.66 73.69 -40.59
CA ALA A 449 41.40 72.27 -40.32
C ALA A 449 40.08 72.05 -39.58
N TRP A 450 39.79 72.88 -38.58
CA TRP A 450 38.58 72.66 -37.79
C TRP A 450 37.33 72.90 -38.61
N GLN A 451 37.38 73.82 -39.58
CA GLN A 451 36.26 74.02 -40.48
C GLN A 451 36.02 72.78 -41.35
N VAL A 452 37.10 72.16 -41.82
CA VAL A 452 36.96 70.92 -42.60
C VAL A 452 36.39 69.81 -41.73
N LEU A 453 36.82 69.73 -40.46
CA LEU A 453 36.25 68.74 -39.56
C LEU A 453 34.76 68.96 -39.34
N LYS A 454 34.37 70.23 -39.15
CA LYS A 454 32.95 70.55 -38.97
C LYS A 454 32.14 70.16 -40.20
N HIS A 455 32.67 70.41 -41.39
CA HIS A 455 31.92 70.04 -42.60
C HIS A 455 31.95 68.54 -42.84
N LEU A 456 32.97 67.83 -42.37
CA LEU A 456 32.97 66.37 -42.43
C LEU A 456 31.93 65.78 -41.50
N ARG A 457 31.66 66.44 -40.37
CA ARG A 457 30.68 65.93 -39.43
C ARG A 457 29.27 65.91 -40.03
N HIS A 458 28.98 66.77 -41.01
CA HIS A 458 27.67 66.86 -41.61
C HIS A 458 27.65 66.34 -43.05
N LEU A 459 28.61 65.50 -43.42
CA LEU A 459 28.75 65.07 -44.80
C LEU A 459 27.64 64.10 -45.19
N ASN A 460 27.16 64.23 -46.44
CA ASN A 460 26.17 63.31 -46.99
C ASN A 460 26.31 63.36 -48.50
N PHE A 461 26.83 62.28 -49.09
CA PHE A 461 27.07 62.24 -50.53
C PHE A 461 26.93 60.81 -51.02
N THR A 462 26.80 60.67 -52.34
CA THR A 462 26.73 59.38 -52.99
C THR A 462 28.03 59.07 -53.71
N ASN A 463 28.37 57.79 -53.76
CA ASN A 463 29.62 57.34 -54.34
C ASN A 463 29.39 56.75 -55.73
N ASN A 464 30.45 56.18 -56.31
CA ASN A 464 30.37 55.61 -57.65
C ASN A 464 29.56 54.32 -57.70
N MET A 465 29.17 53.75 -56.55
CA MET A 465 28.36 52.55 -56.51
C MET A 465 26.89 52.85 -56.22
N GLY A 466 26.50 54.12 -56.17
CA GLY A 466 25.12 54.50 -56.00
C GLY A 466 24.61 54.52 -54.58
N GLU A 467 25.45 54.29 -53.59
CA GLU A 467 25.04 54.30 -52.20
C GLU A 467 25.39 55.63 -51.54
N GLN A 468 24.79 55.85 -50.37
CA GLN A 468 25.02 57.06 -49.59
C GLN A 468 26.08 56.81 -48.52
N VAL A 469 26.82 57.86 -48.18
CA VAL A 469 27.91 57.78 -47.21
C VAL A 469 27.72 58.91 -46.20
N THR A 470 27.34 58.56 -44.97
CA THR A 470 27.25 59.52 -43.88
C THR A 470 27.88 58.92 -42.64
N PHE A 471 28.54 59.77 -41.85
CA PHE A 471 29.11 59.36 -40.57
C PHE A 471 28.15 59.71 -39.45
N ASP A 472 27.96 58.77 -38.52
CA ASP A 472 27.07 58.99 -37.40
C ASP A 472 27.73 59.92 -36.39
N GLU A 473 27.10 60.10 -35.23
CA GLU A 473 27.63 61.01 -34.22
C GLU A 473 28.94 60.52 -33.60
N CYS A 474 29.29 59.25 -33.80
CA CYS A 474 30.57 58.72 -33.36
C CYS A 474 31.58 58.62 -34.50
N GLY A 475 31.25 59.13 -35.67
CA GLY A 475 32.14 59.05 -36.82
C GLY A 475 32.34 57.66 -37.35
N ASP A 476 31.29 56.84 -37.38
CA ASP A 476 31.38 55.44 -37.77
C ASP A 476 30.43 55.16 -38.94
N LEU A 477 30.84 54.24 -39.79
CA LEU A 477 29.97 53.71 -40.84
C LEU A 477 29.38 52.38 -40.42
N VAL A 478 28.42 51.92 -41.21
CA VAL A 478 27.79 50.61 -41.04
C VAL A 478 27.96 49.84 -42.34
N GLY A 479 28.23 48.54 -42.23
CA GLY A 479 28.46 47.74 -43.41
C GLY A 479 28.15 46.28 -43.18
N ASN A 480 27.88 45.59 -44.28
CA ASN A 480 27.60 44.16 -44.26
C ASN A 480 28.89 43.38 -44.05
N TYR A 481 28.73 42.09 -43.76
CA TYR A 481 29.84 41.16 -43.62
C TYR A 481 29.63 39.97 -44.54
N SER A 482 30.74 39.40 -45.00
CA SER A 482 30.74 38.18 -45.79
C SER A 482 31.46 37.08 -45.03
N ILE A 483 31.03 35.84 -45.26
CA ILE A 483 31.58 34.67 -44.57
C ILE A 483 32.25 33.78 -45.61
N ILE A 484 33.50 33.42 -45.36
CA ILE A 484 34.30 32.67 -46.32
C ILE A 484 34.77 31.37 -45.71
N ASN A 485 35.23 30.46 -46.58
CA ASN A 485 35.73 29.16 -46.19
C ASN A 485 37.03 28.89 -46.93
N TRP A 486 37.98 28.24 -46.26
CA TRP A 486 39.29 27.98 -46.85
C TRP A 486 39.29 26.63 -47.53
N HIS A 487 39.50 26.63 -48.85
CA HIS A 487 39.52 25.43 -49.67
C HIS A 487 40.92 25.23 -50.26
N LEU A 488 41.06 24.16 -51.03
CA LEU A 488 42.31 23.85 -51.72
C LEU A 488 42.05 23.81 -53.22
N SER A 489 42.86 24.54 -53.97
CA SER A 489 42.69 24.59 -55.42
C SER A 489 43.09 23.25 -56.03
N PRO A 490 42.29 22.70 -56.96
CA PRO A 490 42.65 21.39 -57.53
C PRO A 490 43.81 21.46 -58.51
N GLU A 491 43.89 22.53 -59.31
CA GLU A 491 44.93 22.63 -60.33
C GLU A 491 46.15 23.41 -59.82
N ASP A 492 45.94 24.66 -59.42
CA ASP A 492 47.07 25.47 -58.96
C ASP A 492 47.68 24.92 -57.68
N GLY A 493 46.85 24.47 -56.75
CA GLY A 493 47.33 23.94 -55.49
C GLY A 493 47.43 24.94 -54.36
N SER A 494 47.00 26.18 -54.58
CA SER A 494 47.05 27.20 -53.54
C SER A 494 45.78 27.13 -52.69
N ILE A 495 45.55 28.14 -51.86
CA ILE A 495 44.40 28.20 -50.97
C ILE A 495 43.36 29.14 -51.56
N VAL A 496 42.13 28.68 -51.65
CA VAL A 496 41.03 29.41 -52.27
C VAL A 496 40.00 29.75 -51.21
N PHE A 497 39.62 31.03 -51.14
CA PHE A 497 38.58 31.48 -50.21
C PHE A 497 37.23 31.40 -50.91
N LYS A 498 36.29 30.68 -50.30
CA LYS A 498 34.98 30.43 -50.89
C LYS A 498 33.90 30.97 -49.96
N GLU A 499 32.98 31.76 -50.51
CA GLU A 499 31.93 32.37 -49.72
C GLU A 499 30.80 31.38 -49.48
N VAL A 500 30.35 31.30 -48.23
CA VAL A 500 29.33 30.34 -47.82
C VAL A 500 28.17 30.99 -47.11
N GLY A 501 28.16 32.32 -46.99
CA GLY A 501 27.08 33.01 -46.31
C GLY A 501 27.38 34.49 -46.19
N TYR A 502 26.55 35.16 -45.40
CA TYR A 502 26.69 36.58 -45.15
C TYR A 502 26.02 36.91 -43.82
N TYR A 503 26.37 38.09 -43.29
CA TYR A 503 25.79 38.61 -42.06
C TYR A 503 25.18 39.98 -42.35
N ASN A 504 23.93 40.16 -41.97
CA ASN A 504 23.17 41.36 -42.28
C ASN A 504 22.98 42.18 -41.02
N VAL A 505 23.54 43.39 -41.00
CA VAL A 505 23.46 44.23 -39.81
C VAL A 505 22.19 45.09 -39.78
N TYR A 506 21.54 45.29 -40.92
CA TYR A 506 20.34 46.11 -40.99
C TYR A 506 19.07 45.36 -40.64
N ALA A 507 19.16 44.06 -40.38
CA ALA A 507 18.02 43.26 -39.98
C ALA A 507 17.85 43.34 -38.46
N LYS A 508 16.97 42.52 -37.92
CA LYS A 508 16.72 42.47 -36.48
C LYS A 508 17.45 41.29 -35.85
N LYS A 509 17.54 41.33 -34.52
CA LYS A 509 18.27 40.29 -33.79
C LYS A 509 17.61 38.93 -34.00
N GLY A 510 18.43 37.92 -34.29
CA GLY A 510 17.97 36.57 -34.50
C GLY A 510 17.74 36.18 -35.95
N GLU A 511 17.77 37.13 -36.87
CA GLU A 511 17.57 36.84 -38.29
C GLU A 511 18.64 37.50 -39.15
N ARG A 512 19.86 37.64 -38.61
CA ARG A 512 20.93 38.32 -39.31
C ARG A 512 21.89 37.39 -40.03
N LEU A 513 21.94 36.12 -39.65
CA LEU A 513 22.96 35.19 -40.14
C LEU A 513 22.38 34.25 -41.18
N PHE A 514 23.11 34.08 -42.29
CA PHE A 514 22.76 33.11 -43.31
C PHE A 514 23.98 32.25 -43.62
N ILE A 515 23.79 30.93 -43.59
CA ILE A 515 24.86 29.97 -43.85
C ILE A 515 24.34 28.92 -44.82
N ASN A 516 25.12 28.63 -45.86
CA ASN A 516 24.83 27.55 -46.80
C ASN A 516 25.79 26.41 -46.48
N GLU A 517 25.28 25.38 -45.81
CA GLU A 517 26.14 24.33 -45.27
C GLU A 517 26.66 23.38 -46.33
N GLU A 518 25.99 23.27 -47.48
CA GLU A 518 26.43 22.35 -48.52
C GLU A 518 27.71 22.78 -49.21
N LYS A 519 28.14 24.03 -49.01
CA LYS A 519 29.37 24.53 -49.61
C LYS A 519 30.56 24.47 -48.67
N ILE A 520 30.40 23.89 -47.49
CA ILE A 520 31.43 23.91 -46.45
C ILE A 520 32.15 22.57 -46.43
N LEU A 521 33.47 22.61 -46.48
CA LEU A 521 34.33 21.47 -46.20
C LEU A 521 34.99 21.71 -44.86
N TRP A 522 34.76 20.80 -43.92
CA TRP A 522 35.04 21.09 -42.51
C TRP A 522 36.52 21.00 -42.17
N SER A 523 37.32 20.29 -42.97
CA SER A 523 38.77 20.33 -42.82
C SER A 523 39.45 20.37 -44.19
N GLY A 524 38.75 20.84 -45.22
CA GLY A 524 39.22 20.74 -46.58
C GLY A 524 38.79 19.48 -47.31
N PHE A 525 38.32 18.48 -46.57
CA PHE A 525 37.88 17.23 -47.18
C PHE A 525 36.60 16.65 -46.60
N SER A 526 36.12 17.12 -45.45
CA SER A 526 35.03 16.48 -44.74
C SER A 526 33.70 17.15 -45.05
N ARG A 527 32.61 16.40 -44.82
CA ARG A 527 31.27 16.87 -45.09
C ARG A 527 30.34 16.74 -43.89
N GLU A 528 30.85 16.44 -42.71
CA GLU A 528 30.04 16.25 -41.51
C GLU A 528 30.44 17.24 -40.43
N VAL A 529 29.44 17.79 -39.75
CA VAL A 529 29.68 18.78 -38.71
C VAL A 529 30.39 18.11 -37.53
N PRO A 530 31.45 18.70 -36.98
CA PRO A 530 32.16 18.07 -35.88
C PRO A 530 31.39 18.18 -34.57
N PHE A 531 31.84 17.40 -33.59
CA PHE A 531 31.25 17.38 -32.26
C PHE A 531 32.17 18.15 -31.32
N SER A 532 31.63 19.17 -30.65
CA SER A 532 32.42 20.03 -29.78
C SER A 532 31.66 20.35 -28.49
N ASN A 533 31.07 19.33 -27.88
CA ASN A 533 30.45 19.45 -26.57
C ASN A 533 31.34 18.82 -25.51
N CYS A 534 31.15 19.25 -24.26
CA CYS A 534 31.96 18.72 -23.16
C CYS A 534 31.64 17.26 -22.88
N SER A 535 30.37 16.89 -22.91
CA SER A 535 29.95 15.54 -22.56
C SER A 535 28.76 15.13 -23.41
N ARG A 536 28.51 13.82 -23.45
CA ARG A 536 27.43 13.27 -24.25
C ARG A 536 26.07 13.58 -23.61
N ASP A 537 25.03 13.57 -24.45
CA ASP A 537 23.68 13.84 -23.96
C ASP A 537 23.14 12.65 -23.20
N CYS A 538 22.55 12.92 -22.03
CA CYS A 538 21.92 11.87 -21.24
C CYS A 538 20.64 11.40 -21.92
N LEU A 539 20.45 10.09 -21.98
CA LEU A 539 19.32 9.53 -22.72
C LEU A 539 18.02 9.71 -21.93
N ALA A 540 16.93 9.19 -22.48
CA ALA A 540 15.61 9.43 -21.91
C ALA A 540 15.37 8.63 -20.63
N GLY A 541 16.17 7.62 -20.35
CA GLY A 541 16.01 6.85 -19.14
C GLY A 541 16.83 7.30 -17.97
N THR A 542 17.57 8.40 -18.12
CA THR A 542 18.49 8.87 -17.09
C THR A 542 18.26 10.35 -16.80
N ARG A 543 19.15 10.94 -16.00
CA ARG A 543 19.12 12.36 -15.69
C ARG A 543 20.56 12.86 -15.64
N LYS A 544 20.73 14.13 -15.26
CA LYS A 544 22.03 14.75 -15.24
C LYS A 544 22.67 14.66 -13.85
N GLY A 545 23.99 14.83 -13.82
CA GLY A 545 24.73 14.80 -12.58
C GLY A 545 25.70 15.98 -12.50
N ILE A 546 26.25 16.17 -11.31
CA ILE A 546 27.18 17.26 -11.02
C ILE A 546 28.57 16.68 -10.87
N ILE A 547 29.53 17.32 -11.54
CA ILE A 547 30.95 17.02 -11.36
C ILE A 547 31.56 18.19 -10.60
N GLU A 548 32.20 17.90 -9.46
CA GLU A 548 32.71 18.96 -8.61
C GLU A 548 33.86 19.72 -9.27
N GLY A 549 33.82 21.04 -9.15
CA GLY A 549 34.87 21.87 -9.69
C GLY A 549 34.84 22.08 -11.18
N GLU A 550 33.73 21.76 -11.84
CA GLU A 550 33.62 21.85 -13.29
C GLU A 550 32.39 22.67 -13.66
N PRO A 551 32.39 23.31 -14.83
CA PRO A 551 31.25 24.14 -15.24
C PRO A 551 30.02 23.28 -15.53
N THR A 552 28.90 23.97 -15.75
CA THR A 552 27.62 23.30 -15.96
C THR A 552 27.57 22.51 -17.26
N CYS A 553 28.44 22.84 -18.23
CA CYS A 553 28.40 22.16 -19.53
C CYS A 553 28.88 20.72 -19.46
N CYS A 554 29.48 20.29 -18.35
CA CYS A 554 30.02 18.95 -18.21
C CYS A 554 29.29 18.24 -17.08
N PHE A 555 28.74 17.06 -17.38
CA PHE A 555 27.86 16.35 -16.45
C PHE A 555 27.99 14.86 -16.64
N GLU A 556 27.30 14.10 -15.80
CA GLU A 556 27.23 12.65 -15.88
C GLU A 556 25.77 12.21 -15.99
N CYS A 557 25.58 10.94 -16.35
CA CYS A 557 24.26 10.35 -16.50
C CYS A 557 23.98 9.41 -15.34
N VAL A 558 22.84 9.59 -14.68
CA VAL A 558 22.42 8.74 -13.57
C VAL A 558 21.00 8.27 -13.84
N GLU A 559 20.73 7.00 -13.57
CA GLU A 559 19.42 6.43 -13.84
C GLU A 559 18.38 6.97 -12.86
N CYS A 560 17.12 6.74 -13.21
CA CYS A 560 16.01 7.21 -12.38
C CYS A 560 15.61 6.14 -11.38
N PRO A 561 15.21 6.53 -10.17
CA PRO A 561 14.80 5.54 -9.17
C PRO A 561 13.49 4.86 -9.57
N ASP A 562 13.29 3.67 -9.04
CA ASP A 562 12.05 2.94 -9.28
C ASP A 562 10.86 3.75 -8.79
N GLY A 563 9.86 3.90 -9.64
CA GLY A 563 8.74 4.77 -9.37
C GLY A 563 8.84 6.16 -9.95
N GLU A 564 9.82 6.41 -10.81
CA GLU A 564 9.99 7.71 -11.46
C GLU A 564 10.36 7.49 -12.91
N TYR A 565 10.18 8.54 -13.71
CA TYR A 565 10.41 8.44 -15.15
C TYR A 565 10.87 9.78 -15.68
N SER A 566 11.50 9.74 -16.86
CA SER A 566 11.88 10.94 -17.59
C SER A 566 11.56 10.73 -19.05
N ASP A 567 11.12 11.77 -19.74
CA ASP A 567 11.04 11.75 -21.21
C ASP A 567 11.52 13.06 -21.80
N GLU A 568 12.80 13.33 -21.54
CA GLU A 568 13.56 14.32 -22.28
C GLU A 568 14.93 13.75 -22.64
N THR A 569 15.61 14.43 -23.56
CA THR A 569 16.97 14.08 -23.94
C THR A 569 18.02 14.81 -23.12
N ASP A 570 17.60 15.69 -22.20
CA ASP A 570 18.51 16.28 -21.22
C ASP A 570 17.65 16.69 -20.03
N ALA A 571 17.62 15.85 -19.00
CA ALA A 571 16.73 16.04 -17.86
C ALA A 571 17.55 16.39 -16.62
N SER A 572 17.20 17.51 -15.98
CA SER A 572 17.85 17.88 -14.74
C SER A 572 17.44 16.95 -13.61
N ALA A 573 16.17 16.55 -13.57
CA ALA A 573 15.66 15.68 -12.52
C ALA A 573 14.76 14.62 -13.13
N CYS A 574 14.65 13.50 -12.44
CA CYS A 574 13.74 12.42 -12.84
C CYS A 574 12.36 12.71 -12.28
N ASN A 575 11.38 12.90 -13.18
CA ASN A 575 10.04 13.24 -12.75
C ASN A 575 9.34 12.03 -12.12
N LYS A 576 8.43 12.31 -11.20
CA LYS A 576 7.72 11.25 -10.51
C LYS A 576 6.63 10.66 -11.40
N CYS A 577 6.01 9.59 -10.92
CA CYS A 577 4.93 8.92 -11.62
C CYS A 577 3.59 9.29 -11.00
N PRO A 578 2.56 9.50 -11.82
CA PRO A 578 1.25 9.89 -11.26
C PRO A 578 0.69 8.83 -10.34
N ASP A 579 -0.22 9.25 -9.47
CA ASP A 579 -0.78 8.35 -8.47
C ASP A 579 -1.48 7.16 -9.13
N ASP A 580 -1.35 6.00 -8.50
CA ASP A 580 -1.89 4.73 -8.99
C ASP A 580 -1.26 4.32 -10.32
N PHE A 581 -0.03 4.79 -10.58
CA PHE A 581 0.73 4.38 -11.76
C PHE A 581 2.14 4.03 -11.32
N TRP A 582 2.81 3.22 -12.14
CA TRP A 582 4.17 2.78 -11.86
C TRP A 582 5.04 2.96 -13.11
N SER A 583 6.33 3.14 -12.88
CA SER A 583 7.26 3.34 -13.99
C SER A 583 7.58 2.01 -14.67
N ASN A 584 7.96 2.11 -15.94
CA ASN A 584 8.41 0.94 -16.67
C ASN A 584 9.79 0.51 -16.17
N GLU A 585 10.21 -0.69 -16.60
CA GLU A 585 11.53 -1.18 -16.22
C GLU A 585 12.64 -0.26 -16.73
N ASN A 586 12.50 0.23 -17.97
CA ASN A 586 13.48 1.16 -18.51
C ASN A 586 13.30 2.57 -17.99
N HIS A 587 12.23 2.85 -17.24
CA HIS A 587 11.92 4.18 -16.72
C HIS A 587 11.70 5.20 -17.83
N THR A 588 11.31 4.72 -19.02
CA THR A 588 11.04 5.62 -20.14
C THR A 588 9.67 6.29 -20.01
N SER A 589 8.68 5.58 -19.48
CA SER A 589 7.33 6.12 -19.33
C SER A 589 6.61 5.33 -18.25
N CYS A 590 5.51 5.90 -17.78
CA CYS A 590 4.72 5.28 -16.71
C CYS A 590 3.70 4.30 -17.28
N ILE A 591 3.33 3.32 -16.47
CA ILE A 591 2.29 2.35 -16.78
C ILE A 591 1.36 2.22 -15.60
N ALA A 592 0.22 1.56 -15.82
CA ALA A 592 -0.80 1.42 -14.79
C ALA A 592 -0.51 0.23 -13.89
N LYS A 593 -0.94 0.35 -12.64
CA LYS A 593 -0.76 -0.72 -11.67
C LYS A 593 -1.74 -1.86 -11.95
N GLU A 594 -1.49 -2.99 -11.31
CA GLU A 594 -2.27 -4.20 -11.50
C GLU A 594 -3.13 -4.49 -10.28
N ILE A 595 -4.34 -4.97 -10.51
CA ILE A 595 -5.28 -5.31 -9.45
C ILE A 595 -5.23 -6.81 -9.21
N GLU A 596 -5.13 -7.21 -7.95
CA GLU A 596 -4.96 -8.62 -7.58
C GLU A 596 -6.15 -9.07 -6.75
N PHE A 597 -6.89 -10.06 -7.27
CA PHE A 597 -7.99 -10.68 -6.55
C PHE A 597 -8.29 -12.02 -7.20
N LEU A 598 -9.03 -12.85 -6.48
CA LEU A 598 -9.39 -14.19 -6.97
C LEU A 598 -10.50 -14.05 -7.99
N SER A 599 -10.13 -14.14 -9.28
CA SER A 599 -11.09 -13.94 -10.35
C SER A 599 -11.94 -15.18 -10.57
N TRP A 600 -13.08 -14.98 -11.24
CA TRP A 600 -13.98 -16.09 -11.56
C TRP A 600 -13.44 -16.93 -12.71
N THR A 601 -12.81 -16.30 -13.69
CA THR A 601 -12.33 -17.00 -14.89
C THR A 601 -10.89 -17.48 -14.75
N GLU A 602 -10.26 -17.31 -13.59
CA GLU A 602 -8.95 -17.86 -13.36
C GLU A 602 -9.00 -19.39 -13.38
N PRO A 603 -7.91 -20.05 -13.77
CA PRO A 603 -7.91 -21.53 -13.78
C PRO A 603 -8.08 -22.15 -12.40
N PHE A 604 -7.91 -21.37 -11.33
CA PHE A 604 -8.05 -21.90 -9.98
C PHE A 604 -9.48 -21.81 -9.46
N GLY A 605 -10.18 -20.70 -9.72
CA GLY A 605 -11.54 -20.55 -9.21
C GLY A 605 -12.53 -21.48 -9.89
N ILE A 606 -12.27 -21.85 -11.14
CA ILE A 606 -13.16 -22.75 -11.86
C ILE A 606 -13.24 -24.10 -11.17
N ALA A 607 -12.09 -24.62 -10.73
CA ALA A 607 -12.08 -25.91 -10.03
C ALA A 607 -12.87 -25.84 -8.74
N LEU A 608 -12.71 -24.75 -7.98
CA LEU A 608 -13.46 -24.60 -6.74
C LEU A 608 -14.96 -24.53 -7.00
N THR A 609 -15.36 -23.80 -8.04
CA THR A 609 -16.77 -23.72 -8.39
C THR A 609 -17.32 -25.09 -8.75
N LEU A 610 -16.58 -25.85 -9.57
CA LEU A 610 -17.02 -27.18 -9.96
C LEU A 610 -17.13 -28.10 -8.75
N PHE A 611 -16.18 -28.02 -7.82
CA PHE A 611 -16.24 -28.87 -6.63
C PHE A 611 -17.43 -28.51 -5.75
N ALA A 612 -17.71 -27.22 -5.59
CA ALA A 612 -18.89 -26.82 -4.81
C ALA A 612 -20.18 -27.32 -5.47
N VAL A 613 -20.25 -27.22 -6.80
CA VAL A 613 -21.43 -27.71 -7.51
C VAL A 613 -21.58 -29.22 -7.31
N LEU A 614 -20.45 -29.95 -7.35
CA LEU A 614 -20.48 -31.39 -7.13
C LEU A 614 -20.99 -31.71 -5.72
N GLY A 615 -20.54 -30.95 -4.73
CA GLY A 615 -21.03 -31.17 -3.38
C GLY A 615 -22.53 -30.93 -3.25
N ILE A 616 -23.01 -29.86 -3.89
CA ILE A 616 -24.45 -29.58 -3.88
C ILE A 616 -25.21 -30.73 -4.53
N PHE A 617 -24.72 -31.23 -5.67
CA PHE A 617 -25.38 -32.33 -6.36
C PHE A 617 -25.40 -33.59 -5.50
N LEU A 618 -24.30 -33.89 -4.82
CA LEU A 618 -24.25 -35.08 -3.97
C LEU A 618 -25.23 -34.96 -2.81
N THR A 619 -25.31 -33.78 -2.18
CA THR A 619 -26.27 -33.59 -1.10
C THR A 619 -27.69 -33.74 -1.60
N ALA A 620 -27.98 -33.21 -2.80
CA ALA A 620 -29.31 -33.37 -3.37
C ALA A 620 -29.63 -34.84 -3.62
N PHE A 621 -28.64 -35.60 -4.11
CA PHE A 621 -28.86 -37.03 -4.34
C PHE A 621 -29.15 -37.77 -3.05
N VAL A 622 -28.40 -37.46 -1.98
CA VAL A 622 -28.65 -38.11 -0.70
C VAL A 622 -30.04 -37.76 -0.18
N LEU A 623 -30.44 -36.50 -0.29
CA LEU A 623 -31.77 -36.09 0.13
C LEU A 623 -32.85 -36.84 -0.65
N GLY A 624 -32.68 -36.95 -1.97
CA GLY A 624 -33.66 -37.65 -2.77
C GLY A 624 -33.76 -39.12 -2.43
N VAL A 625 -32.62 -39.77 -2.20
CA VAL A 625 -32.65 -41.20 -1.91
C VAL A 625 -33.24 -41.47 -0.53
N PHE A 626 -33.04 -40.56 0.43
CA PHE A 626 -33.79 -40.68 1.68
C PHE A 626 -35.28 -40.48 1.47
N ILE A 627 -35.66 -39.50 0.64
CA ILE A 627 -37.08 -39.21 0.46
C ILE A 627 -37.80 -40.39 -0.19
N LYS A 628 -37.18 -41.00 -1.19
CA LYS A 628 -37.85 -42.11 -1.88
C LYS A 628 -37.98 -43.33 -0.96
N PHE A 629 -36.89 -43.72 -0.31
CA PHE A 629 -36.93 -44.82 0.67
C PHE A 629 -37.31 -44.23 2.03
N ARG A 630 -38.56 -43.82 2.11
CA ARG A 630 -39.02 -42.98 3.21
C ARG A 630 -39.09 -43.75 4.53
N ASN A 631 -39.68 -44.94 4.50
CA ASN A 631 -40.06 -45.62 5.73
C ASN A 631 -39.42 -47.00 5.86
N THR A 632 -38.28 -47.20 5.21
CA THR A 632 -37.49 -48.40 5.48
C THR A 632 -36.90 -48.31 6.88
N PRO A 633 -36.66 -49.45 7.54
CA PRO A 633 -36.17 -49.41 8.92
C PRO A 633 -34.84 -48.67 9.07
N ILE A 634 -33.95 -48.77 8.09
CA ILE A 634 -32.66 -48.09 8.19
C ILE A 634 -32.86 -46.57 8.22
N VAL A 635 -33.72 -46.05 7.35
CA VAL A 635 -33.97 -44.62 7.31
C VAL A 635 -34.73 -44.16 8.55
N LYS A 636 -35.70 -44.95 8.99
CA LYS A 636 -36.53 -44.54 10.12
C LYS A 636 -35.75 -44.60 11.44
N ALA A 637 -34.75 -45.48 11.53
CA ALA A 637 -33.95 -45.57 12.76
C ALA A 637 -33.27 -44.25 13.08
N THR A 638 -32.69 -43.60 12.07
CA THR A 638 -32.18 -42.25 12.25
C THR A 638 -33.32 -41.25 12.19
N ASN A 639 -33.23 -40.19 13.00
CA ASN A 639 -34.27 -39.17 13.01
C ASN A 639 -34.42 -38.55 11.64
N ARG A 640 -35.57 -38.82 10.99
CA ARG A 640 -35.77 -38.35 9.61
C ARG A 640 -35.84 -36.83 9.55
N GLU A 641 -36.57 -36.20 10.49
CA GLU A 641 -36.72 -34.76 10.45
C GLU A 641 -35.39 -34.05 10.67
N LEU A 642 -34.63 -34.48 11.68
CA LEU A 642 -33.32 -33.89 11.93
C LEU A 642 -32.36 -34.20 10.79
N SER A 643 -32.52 -35.35 10.12
CA SER A 643 -31.72 -35.63 8.94
C SER A 643 -32.03 -34.65 7.81
N TYR A 644 -33.31 -34.35 7.59
CA TYR A 644 -33.68 -33.38 6.56
C TYR A 644 -33.11 -32.01 6.89
N LEU A 645 -33.22 -31.58 8.15
CA LEU A 645 -32.68 -30.29 8.55
C LEU A 645 -31.16 -30.25 8.40
N LEU A 646 -30.48 -31.33 8.77
CA LEU A 646 -29.03 -31.40 8.62
C LEU A 646 -28.63 -31.33 7.15
N LEU A 647 -29.37 -32.02 6.28
CA LEU A 647 -29.06 -31.96 4.85
C LEU A 647 -29.27 -30.55 4.30
N PHE A 648 -30.33 -29.87 4.74
CA PHE A 648 -30.55 -28.49 4.30
C PHE A 648 -29.42 -27.58 4.77
N SER A 649 -29.01 -27.72 6.03
CA SER A 649 -27.92 -26.91 6.55
C SER A 649 -26.61 -27.21 5.83
N LEU A 650 -26.40 -28.46 5.43
CA LEU A 650 -25.17 -28.80 4.71
C LEU A 650 -25.19 -28.23 3.29
N LEU A 651 -26.37 -28.22 2.65
CA LEU A 651 -26.52 -27.53 1.37
C LEU A 651 -26.16 -26.06 1.51
N CYS A 652 -26.60 -25.43 2.60
CA CYS A 652 -26.18 -24.06 2.88
C CYS A 652 -24.67 -23.97 3.09
N CYS A 653 -24.08 -24.99 3.72
CA CYS A 653 -22.66 -24.96 4.05
C CYS A 653 -21.78 -24.95 2.79
N PHE A 654 -22.14 -25.77 1.79
CA PHE A 654 -21.35 -25.70 0.55
C PHE A 654 -21.59 -24.39 -0.19
N SER A 655 -22.85 -23.92 -0.22
CA SER A 655 -23.10 -22.70 -0.96
C SER A 655 -22.46 -21.48 -0.31
N SER A 656 -22.16 -21.55 1.00
CA SER A 656 -21.53 -20.43 1.69
C SER A 656 -20.10 -20.16 1.26
N SER A 657 -19.48 -21.06 0.51
CA SER A 657 -18.10 -20.88 0.05
C SER A 657 -18.01 -20.07 -1.23
N LEU A 658 -19.14 -19.70 -1.84
CA LEU A 658 -19.14 -18.93 -3.08
C LEU A 658 -19.04 -17.43 -2.85
N PHE A 659 -19.03 -16.98 -1.60
CA PHE A 659 -18.80 -15.57 -1.31
C PHE A 659 -17.32 -15.21 -1.25
N PHE A 660 -16.44 -16.21 -1.27
CA PHE A 660 -15.00 -15.97 -1.22
C PHE A 660 -14.34 -15.94 -2.60
N ILE A 661 -15.12 -16.07 -3.67
CA ILE A 661 -14.61 -16.05 -5.03
C ILE A 661 -15.17 -14.83 -5.73
N GLY A 662 -14.29 -14.05 -6.35
CA GLY A 662 -14.69 -12.85 -7.08
C GLY A 662 -14.20 -11.59 -6.38
N GLU A 663 -14.50 -10.46 -7.02
CA GLU A 663 -14.10 -9.17 -6.48
C GLU A 663 -14.87 -8.88 -5.20
N PRO A 664 -14.20 -8.49 -4.12
CA PRO A 664 -14.92 -8.15 -2.89
C PRO A 664 -15.81 -6.93 -3.07
N GLN A 665 -16.92 -6.93 -2.34
CA GLN A 665 -17.85 -5.81 -2.33
C GLN A 665 -18.28 -5.56 -0.88
N ASP A 666 -19.11 -4.53 -0.68
CA ASP A 666 -19.48 -4.14 0.67
C ASP A 666 -20.27 -5.23 1.38
N TRP A 667 -21.24 -5.84 0.69
CA TRP A 667 -22.11 -6.80 1.35
C TRP A 667 -21.53 -8.20 1.41
N THR A 668 -20.72 -8.58 0.41
CA THR A 668 -20.07 -9.89 0.45
C THR A 668 -19.11 -10.00 1.64
N CYS A 669 -18.36 -8.94 1.92
CA CYS A 669 -17.49 -8.94 3.08
C CYS A 669 -18.27 -8.95 4.38
N ARG A 670 -19.56 -8.62 4.34
CA ARG A 670 -20.42 -8.71 5.52
C ARG A 670 -21.08 -10.07 5.65
N LEU A 671 -21.27 -10.79 4.56
CA LEU A 671 -21.94 -12.09 4.59
C LEU A 671 -20.97 -13.27 4.53
N ARG A 672 -19.67 -13.03 4.39
CA ARG A 672 -18.71 -14.13 4.28
C ARG A 672 -18.75 -15.10 5.46
N GLN A 673 -18.39 -14.64 6.65
CA GLN A 673 -18.14 -15.51 7.79
C GLN A 673 -19.40 -15.97 8.53
N PRO A 674 -20.37 -15.08 8.82
CA PRO A 674 -21.56 -15.53 9.55
C PRO A 674 -22.30 -16.66 8.86
N ALA A 675 -22.33 -16.66 7.52
CA ALA A 675 -23.02 -17.72 6.79
C ALA A 675 -22.45 -19.08 7.14
N PHE A 676 -21.13 -19.24 7.01
CA PHE A 676 -20.50 -20.51 7.34
C PHE A 676 -20.65 -20.86 8.82
N GLY A 677 -20.48 -19.85 9.69
CA GLY A 677 -20.59 -20.13 11.12
C GLY A 677 -21.94 -20.70 11.50
N ILE A 678 -23.01 -20.05 11.04
CA ILE A 678 -24.35 -20.53 11.37
C ILE A 678 -24.65 -21.86 10.68
N SER A 679 -24.25 -21.99 9.41
CA SER A 679 -24.53 -23.21 8.66
C SER A 679 -23.80 -24.42 9.22
N PHE A 680 -22.70 -24.22 9.95
CA PHE A 680 -22.00 -25.36 10.55
C PHE A 680 -22.47 -25.61 11.99
N VAL A 681 -22.80 -24.55 12.72
CA VAL A 681 -23.37 -24.70 14.05
C VAL A 681 -24.71 -25.42 13.98
N LEU A 682 -25.49 -25.19 12.92
CA LEU A 682 -26.76 -25.88 12.76
C LEU A 682 -26.55 -27.39 12.66
N CYS A 683 -25.57 -27.81 11.87
CA CYS A 683 -25.27 -29.24 11.73
C CYS A 683 -24.81 -29.84 13.05
N ILE A 684 -23.92 -29.13 13.76
CA ILE A 684 -23.45 -29.61 15.05
C ILE A 684 -24.62 -29.79 16.01
N SER A 685 -25.53 -28.80 16.04
CA SER A 685 -26.68 -28.87 16.94
C SER A 685 -27.59 -30.03 16.58
N CYS A 686 -27.82 -30.27 15.29
CA CYS A 686 -28.65 -31.39 14.87
C CYS A 686 -28.04 -32.71 15.34
N ILE A 687 -26.73 -32.88 15.17
CA ILE A 687 -26.08 -34.12 15.60
C ILE A 687 -26.22 -34.29 17.11
N LEU A 688 -25.98 -33.22 17.87
CA LEU A 688 -26.05 -33.30 19.32
C LEU A 688 -27.46 -33.68 19.78
N VAL A 689 -28.48 -33.05 19.20
CA VAL A 689 -29.86 -33.32 19.63
C VAL A 689 -30.26 -34.75 19.28
N LYS A 690 -29.88 -35.23 18.09
CA LYS A 690 -30.21 -36.59 17.71
C LYS A 690 -29.59 -37.61 18.68
N THR A 691 -28.30 -37.45 18.96
CA THR A 691 -27.61 -38.38 19.87
C THR A 691 -28.23 -38.34 21.26
N ASN A 692 -28.53 -37.13 21.74
CA ASN A 692 -29.10 -37.02 23.08
C ASN A 692 -30.47 -37.71 23.16
N ARG A 693 -31.25 -37.72 22.07
CA ARG A 693 -32.55 -38.39 22.13
C ARG A 693 -32.41 -39.91 22.23
N VAL A 694 -31.57 -40.52 21.40
CA VAL A 694 -31.52 -41.98 21.42
C VAL A 694 -31.03 -42.48 22.77
N LEU A 695 -30.03 -41.80 23.35
CA LEU A 695 -29.60 -42.17 24.70
C LEU A 695 -30.75 -42.04 25.70
N LEU A 696 -31.42 -40.90 25.70
CA LEU A 696 -32.52 -40.79 26.65
C LEU A 696 -33.60 -41.83 26.40
N VAL A 697 -33.86 -42.21 25.15
CA VAL A 697 -34.85 -43.25 24.95
C VAL A 697 -34.30 -44.56 25.52
N PHE A 698 -33.05 -44.89 25.17
CA PHE A 698 -32.52 -46.19 25.53
C PHE A 698 -32.21 -46.31 27.00
N GLU A 699 -32.04 -45.20 27.72
CA GLU A 699 -31.70 -45.26 29.14
C GLU A 699 -32.91 -45.08 30.04
N ALA A 700 -34.09 -45.54 29.59
CA ALA A 700 -35.34 -45.37 30.31
C ALA A 700 -36.10 -46.68 30.37
N LYS A 701 -35.41 -47.75 30.79
CA LYS A 701 -36.06 -49.06 30.87
C LYS A 701 -37.22 -49.06 31.87
N ILE A 702 -37.05 -48.38 33.01
CA ILE A 702 -38.06 -48.31 34.06
C ILE A 702 -39.29 -47.61 33.45
N PRO A 703 -40.53 -47.95 33.79
CA PRO A 703 -41.67 -47.26 33.18
C PRO A 703 -41.49 -45.75 33.38
N THR A 704 -41.58 -44.94 32.32
CA THR A 704 -41.09 -43.56 32.40
C THR A 704 -42.19 -42.50 32.62
N SER A 705 -41.95 -41.65 33.65
CA SER A 705 -42.94 -40.69 34.15
C SER A 705 -43.11 -39.46 33.24
N PHE A 706 -42.01 -38.79 32.87
CA PHE A 706 -42.12 -37.52 32.13
C PHE A 706 -41.24 -37.40 30.88
N HIS A 707 -40.12 -38.15 30.88
CA HIS A 707 -39.22 -38.04 29.75
C HIS A 707 -39.98 -38.23 28.44
N ARG A 708 -41.16 -38.86 28.49
CA ARG A 708 -42.01 -39.02 27.33
C ARG A 708 -42.23 -37.68 26.63
N LYS A 709 -42.50 -36.63 27.40
CA LYS A 709 -42.57 -35.29 26.85
C LYS A 709 -41.20 -34.67 26.68
N TRP A 710 -40.17 -35.22 27.34
CA TRP A 710 -38.83 -34.67 27.14
C TRP A 710 -38.23 -35.01 25.77
N TRP A 711 -38.57 -36.18 25.21
CA TRP A 711 -38.14 -36.54 23.86
C TRP A 711 -39.20 -36.21 22.82
N GLY A 712 -39.97 -35.16 23.04
CA GLY A 712 -41.01 -34.80 22.09
C GLY A 712 -40.43 -34.41 20.74
N LEU A 713 -41.20 -34.69 19.68
CA LEU A 713 -40.74 -34.42 18.33
C LEU A 713 -40.56 -32.92 18.08
N ASN A 714 -41.44 -32.10 18.64
CA ASN A 714 -41.39 -30.66 18.37
C ASN A 714 -40.31 -29.94 19.16
N LEU A 715 -39.87 -30.49 20.29
CA LEU A 715 -38.90 -29.80 21.12
C LEU A 715 -37.48 -29.88 20.57
N GLN A 716 -37.21 -30.80 19.64
CA GLN A 716 -35.89 -30.91 19.05
C GLN A 716 -35.52 -29.65 18.28
N PHE A 717 -36.47 -29.12 17.50
CA PHE A 717 -36.21 -27.88 16.77
C PHE A 717 -36.02 -26.71 17.73
N LEU A 718 -36.75 -26.70 18.85
CA LEU A 718 -36.55 -25.67 19.86
C LEU A 718 -35.14 -25.75 20.45
N LEU A 719 -34.66 -26.97 20.71
CA LEU A 719 -33.30 -27.12 21.22
C LEU A 719 -32.27 -26.65 20.21
N VAL A 720 -32.47 -26.97 18.93
CA VAL A 720 -31.55 -26.50 17.89
C VAL A 720 -31.53 -24.98 17.83
N PHE A 721 -32.72 -24.37 17.91
CA PHE A 721 -32.79 -22.91 17.90
C PHE A 721 -32.08 -22.31 19.10
N LEU A 722 -32.26 -22.91 20.28
CA LEU A 722 -31.57 -22.42 21.47
C LEU A 722 -30.06 -22.57 21.33
N CYS A 723 -29.61 -23.60 20.60
CA CYS A 723 -28.17 -23.77 20.41
C CYS A 723 -27.60 -22.73 19.46
N THR A 724 -28.35 -22.36 18.41
CA THR A 724 -27.85 -21.38 17.46
C THR A 724 -28.18 -19.93 17.83
N PHE A 725 -28.94 -19.72 18.90
CA PHE A 725 -29.31 -18.36 19.30
C PHE A 725 -28.07 -17.51 19.62
N MET A 726 -27.05 -18.12 20.25
CA MET A 726 -25.85 -17.37 20.57
C MET A 726 -25.14 -16.86 19.32
N GLN A 727 -25.01 -17.72 18.30
CA GLN A 727 -24.41 -17.28 17.06
C GLN A 727 -25.24 -16.18 16.42
N ILE A 728 -26.57 -16.32 16.44
CA ILE A 728 -27.43 -15.30 15.83
C ILE A 728 -27.21 -13.95 16.50
N VAL A 729 -27.25 -13.92 17.84
CA VAL A 729 -27.16 -12.66 18.54
C VAL A 729 -25.77 -12.05 18.40
N ILE A 730 -24.72 -12.88 18.41
CA ILE A 730 -23.37 -12.34 18.26
C ILE A 730 -23.20 -11.73 16.87
N CYS A 731 -23.71 -12.40 15.83
CA CYS A 731 -23.61 -11.84 14.49
C CYS A 731 -24.39 -10.54 14.36
N VAL A 732 -25.58 -10.48 14.97
CA VAL A 732 -26.38 -9.25 14.90
C VAL A 732 -25.65 -8.10 15.59
N ILE A 733 -25.10 -8.36 16.77
CA ILE A 733 -24.40 -7.32 17.51
C ILE A 733 -23.16 -6.87 16.75
N TRP A 734 -22.44 -7.82 16.14
CA TRP A 734 -21.25 -7.47 15.37
C TRP A 734 -21.60 -6.58 14.19
N LEU A 735 -22.63 -6.95 13.42
CA LEU A 735 -23.01 -6.13 12.28
C LEU A 735 -23.57 -4.79 12.70
N TYR A 736 -24.16 -4.69 13.89
CA TYR A 736 -24.72 -3.43 14.35
C TYR A 736 -23.63 -2.41 14.62
N THR A 737 -22.59 -2.79 15.37
CA THR A 737 -21.60 -1.81 15.83
C THR A 737 -20.54 -1.53 14.78
N ALA A 738 -19.76 -2.54 14.40
CA ALA A 738 -18.64 -2.36 13.49
C ALA A 738 -18.70 -3.40 12.39
N PRO A 739 -19.44 -3.13 11.32
CA PRO A 739 -19.56 -4.10 10.23
C PRO A 739 -18.32 -4.08 9.35
N PRO A 740 -18.06 -5.17 8.64
CA PRO A 740 -16.94 -5.18 7.69
C PRO A 740 -17.20 -4.26 6.51
N SER A 741 -16.18 -4.12 5.67
CA SER A 741 -16.25 -3.25 4.49
C SER A 741 -15.22 -3.74 3.49
N SER A 742 -14.96 -2.91 2.47
CA SER A 742 -13.99 -3.21 1.43
C SER A 742 -12.83 -2.23 1.52
N TYR A 743 -11.62 -2.71 1.23
CA TYR A 743 -10.42 -1.90 1.36
C TYR A 743 -9.52 -2.11 0.15
N ARG A 744 -9.00 -1.00 -0.38
CA ARG A 744 -7.97 -1.03 -1.40
C ARG A 744 -6.63 -0.78 -0.72
N ASN A 745 -5.82 -1.84 -0.59
CA ASN A 745 -4.59 -1.78 0.19
C ASN A 745 -3.43 -1.39 -0.72
N GLN A 746 -2.88 -0.19 -0.49
CA GLN A 746 -1.75 0.31 -1.26
C GLN A 746 -0.45 0.30 -0.47
N GLU A 747 -0.44 -0.31 0.72
CA GLU A 747 0.71 -0.25 1.60
C GLU A 747 1.43 -1.58 1.76
N LEU A 748 0.82 -2.69 1.32
CA LEU A 748 1.49 -3.97 1.36
C LEU A 748 2.61 -4.05 0.32
N GLU A 749 2.36 -3.52 -0.87
CA GLU A 749 3.34 -3.59 -1.95
C GLU A 749 3.29 -2.29 -2.75
N ASP A 750 4.42 -1.93 -3.36
CA ASP A 750 4.53 -0.66 -4.07
C ASP A 750 3.76 -0.69 -5.39
N GLU A 751 3.95 -1.76 -6.19
CA GLU A 751 3.46 -1.80 -7.56
C GLU A 751 2.22 -2.68 -7.72
N ILE A 752 1.55 -3.07 -6.64
CA ILE A 752 0.38 -3.93 -6.72
C ILE A 752 -0.71 -3.38 -5.80
N ILE A 753 -1.95 -3.40 -6.26
CA ILE A 753 -3.10 -2.97 -5.47
C ILE A 753 -3.90 -4.20 -5.08
N PHE A 754 -4.15 -4.36 -3.79
CA PHE A 754 -4.88 -5.51 -3.25
C PHE A 754 -6.25 -5.07 -2.76
N ILE A 755 -7.27 -5.85 -3.09
CA ILE A 755 -8.64 -5.63 -2.61
C ILE A 755 -8.92 -6.66 -1.54
N THR A 756 -9.15 -6.19 -0.31
CA THR A 756 -9.42 -7.06 0.83
C THR A 756 -10.60 -6.51 1.61
N CYS A 757 -11.08 -7.31 2.56
CA CYS A 757 -12.18 -6.93 3.43
C CYS A 757 -11.66 -6.65 4.82
N HIS A 758 -12.11 -5.54 5.41
CA HIS A 758 -11.84 -5.28 6.82
C HIS A 758 -12.73 -6.17 7.68
N GLU A 759 -12.41 -6.21 8.97
CA GLU A 759 -13.17 -7.03 9.91
C GLU A 759 -13.91 -6.23 10.97
N GLY A 760 -13.57 -4.96 11.16
CA GLY A 760 -14.26 -4.13 12.13
C GLY A 760 -13.89 -4.43 13.56
N SER A 761 -14.10 -5.68 13.99
CA SER A 761 -13.78 -6.09 15.35
C SER A 761 -13.39 -7.56 15.34
N LEU A 762 -12.14 -7.85 15.74
CA LEU A 762 -11.65 -9.21 15.79
C LEU A 762 -12.22 -10.00 16.97
N MET A 763 -12.65 -9.32 18.03
CA MET A 763 -13.26 -10.01 19.16
C MET A 763 -14.54 -10.72 18.74
N ALA A 764 -15.36 -10.07 17.91
CA ALA A 764 -16.61 -10.63 17.43
C ALA A 764 -16.40 -11.81 16.49
N LEU A 765 -15.18 -12.00 15.97
CA LEU A 765 -14.88 -13.19 15.18
C LEU A 765 -14.27 -14.29 16.05
N GLY A 766 -13.44 -13.91 17.01
CA GLY A 766 -12.93 -14.89 17.96
C GLY A 766 -14.03 -15.54 18.75
N PHE A 767 -15.10 -14.80 19.04
CA PHE A 767 -16.23 -15.39 19.76
C PHE A 767 -16.91 -16.49 18.93
N LEU A 768 -17.14 -16.24 17.64
CA LEU A 768 -17.67 -17.28 16.77
C LEU A 768 -16.77 -18.50 16.73
N ILE A 769 -15.45 -18.26 16.57
CA ILE A 769 -14.52 -19.38 16.50
C ILE A 769 -14.56 -20.20 17.78
N GLY A 770 -14.55 -19.53 18.93
CA GLY A 770 -14.58 -20.23 20.20
C GLY A 770 -15.86 -21.02 20.42
N TYR A 771 -17.01 -20.42 20.06
CA TYR A 771 -18.28 -21.13 20.23
C TYR A 771 -18.35 -22.37 19.35
N THR A 772 -17.92 -22.24 18.08
CA THR A 772 -17.93 -23.40 17.20
C THR A 772 -17.00 -24.49 17.71
N CYS A 773 -15.81 -24.11 18.19
CA CYS A 773 -14.88 -25.11 18.72
C CYS A 773 -15.44 -25.78 19.97
N LEU A 774 -16.12 -25.01 20.83
CA LEU A 774 -16.70 -25.59 22.04
C LEU A 774 -17.77 -26.61 21.70
N LEU A 775 -18.65 -26.30 20.75
CA LEU A 775 -19.66 -27.27 20.35
C LEU A 775 -19.03 -28.50 19.71
N ALA A 776 -18.00 -28.31 18.88
CA ALA A 776 -17.32 -29.45 18.28
C ALA A 776 -16.67 -30.33 19.35
N ALA A 777 -16.15 -29.73 20.40
CA ALA A 777 -15.56 -30.50 21.49
C ALA A 777 -16.62 -31.25 22.29
N ILE A 778 -17.79 -30.64 22.51
CA ILE A 778 -18.87 -31.32 23.20
C ILE A 778 -19.36 -32.51 22.40
N CYS A 779 -19.33 -32.40 21.06
CA CYS A 779 -19.68 -33.54 20.22
C CYS A 779 -18.83 -34.77 20.53
N PHE A 780 -17.57 -34.57 20.92
CA PHE A 780 -16.70 -35.70 21.25
C PHE A 780 -17.25 -36.47 22.44
N PHE A 781 -17.63 -35.76 23.51
CA PHE A 781 -18.18 -36.44 24.68
C PHE A 781 -19.52 -37.10 24.37
N PHE A 782 -20.35 -36.43 23.57
CA PHE A 782 -21.66 -37.02 23.26
C PHE A 782 -21.51 -38.25 22.36
N ALA A 783 -20.46 -38.31 21.55
CA ALA A 783 -20.18 -39.53 20.79
C ALA A 783 -19.57 -40.61 21.68
N PHE A 784 -18.75 -40.21 22.65
CA PHE A 784 -18.15 -41.18 23.57
C PHE A 784 -19.21 -41.89 24.39
N LYS A 785 -20.22 -41.14 24.86
CA LYS A 785 -21.24 -41.73 25.71
C LYS A 785 -22.18 -42.67 24.96
N SER A 786 -22.18 -42.66 23.63
CA SER A 786 -23.13 -43.42 22.83
C SER A 786 -22.52 -44.66 22.19
N ARG A 787 -21.36 -45.11 22.65
CA ARG A 787 -20.65 -46.19 21.98
C ARG A 787 -21.25 -47.57 22.27
N LYS A 788 -22.03 -47.71 23.32
CA LYS A 788 -22.54 -49.01 23.74
C LYS A 788 -23.97 -49.27 23.28
N LEU A 789 -24.52 -48.41 22.43
CA LEU A 789 -25.86 -48.61 21.92
C LEU A 789 -25.87 -49.69 20.85
N PRO A 790 -27.02 -50.36 20.65
CA PRO A 790 -27.08 -51.42 19.64
C PRO A 790 -26.87 -50.92 18.22
N GLU A 791 -26.83 -51.84 17.26
CA GLU A 791 -26.65 -51.49 15.87
C GLU A 791 -27.88 -50.76 15.35
N ASN A 792 -27.67 -49.97 14.30
CA ASN A 792 -28.67 -49.13 13.66
C ASN A 792 -29.04 -47.94 14.54
N PHE A 793 -28.47 -47.87 15.76
CA PHE A 793 -28.67 -46.76 16.66
C PHE A 793 -27.35 -46.19 17.16
N ASN A 794 -26.22 -46.79 16.80
CA ASN A 794 -24.90 -46.36 17.24
C ASN A 794 -24.17 -45.74 16.06
N GLU A 795 -23.63 -44.54 16.26
CA GLU A 795 -22.86 -43.85 15.23
C GLU A 795 -21.63 -43.18 15.83
N ALA A 796 -21.13 -43.72 16.95
CA ALA A 796 -19.99 -43.10 17.63
C ALA A 796 -18.72 -43.15 16.79
N LYS A 797 -18.63 -44.08 15.85
CA LYS A 797 -17.44 -44.20 15.01
C LYS A 797 -17.36 -43.09 13.96
N PHE A 798 -18.49 -42.52 13.56
CA PHE A 798 -18.53 -41.52 12.48
C PHE A 798 -18.59 -40.07 12.96
N ILE A 799 -19.10 -39.84 14.18
CA ILE A 799 -19.16 -38.47 14.72
C ILE A 799 -17.75 -37.93 15.00
N THR A 800 -16.88 -38.79 15.54
CA THR A 800 -15.54 -38.33 15.91
C THR A 800 -14.66 -38.13 14.69
N PHE A 801 -14.78 -39.01 13.69
CA PHE A 801 -13.95 -38.90 12.50
C PHE A 801 -14.38 -37.75 11.59
N SER A 802 -15.60 -37.23 11.76
CA SER A 802 -15.96 -36.00 11.07
C SER A 802 -15.48 -34.73 11.79
N MET A 803 -15.42 -34.76 13.12
CA MET A 803 -14.82 -33.63 13.84
C MET A 803 -13.29 -33.58 13.72
N LEU A 804 -12.64 -34.75 13.65
CA LEU A 804 -11.18 -34.79 13.53
C LEU A 804 -10.72 -34.13 12.24
N ILE A 805 -11.40 -34.40 11.12
CA ILE A 805 -11.04 -33.78 9.85
C ILE A 805 -11.17 -32.27 9.95
N PHE A 806 -12.28 -31.81 10.53
CA PHE A 806 -12.51 -30.36 10.69
C PHE A 806 -11.39 -29.73 11.49
N PHE A 807 -11.05 -30.32 12.64
CA PHE A 807 -10.03 -29.75 13.51
C PHE A 807 -8.67 -29.75 12.83
N ILE A 808 -8.29 -30.86 12.19
CA ILE A 808 -6.99 -30.95 11.55
C ILE A 808 -6.88 -29.92 10.44
N VAL A 809 -7.91 -29.82 9.59
CA VAL A 809 -7.87 -28.91 8.46
C VAL A 809 -7.79 -27.47 8.95
N TRP A 810 -8.58 -27.11 9.96
CA TRP A 810 -8.59 -25.73 10.39
C TRP A 810 -7.47 -25.37 11.35
N ILE A 811 -6.71 -26.34 11.84
CA ILE A 811 -5.52 -26.04 12.64
C ILE A 811 -4.28 -25.95 11.76
N SER A 812 -4.19 -26.80 10.73
CA SER A 812 -3.00 -26.83 9.90
C SER A 812 -2.82 -25.57 9.04
N PHE A 813 -3.84 -24.72 8.94
CA PHE A 813 -3.77 -23.53 8.10
C PHE A 813 -3.46 -22.27 8.89
N ILE A 814 -3.15 -22.38 10.20
CA ILE A 814 -2.89 -21.19 11.00
C ILE A 814 -1.67 -20.41 10.53
N PRO A 815 -0.49 -21.02 10.31
CA PRO A 815 0.67 -20.22 9.87
C PRO A 815 0.44 -19.49 8.56
N ALA A 816 -0.23 -20.13 7.59
CA ALA A 816 -0.49 -19.47 6.31
C ALA A 816 -1.44 -18.29 6.49
N TYR A 817 -2.45 -18.44 7.35
CA TYR A 817 -3.37 -17.34 7.62
C TYR A 817 -2.65 -16.19 8.31
N ALA A 818 -1.73 -16.51 9.22
CA ALA A 818 -1.06 -15.46 9.99
C ALA A 818 -0.03 -14.72 9.14
N SER A 819 0.73 -15.43 8.32
CA SER A 819 1.83 -14.80 7.58
C SER A 819 1.42 -14.36 6.18
N THR A 820 0.98 -15.30 5.35
CA THR A 820 0.79 -15.04 3.93
C THR A 820 -0.39 -14.10 3.70
N TYR A 821 -0.28 -13.30 2.64
CA TYR A 821 -1.37 -12.45 2.19
C TYR A 821 -1.46 -12.55 0.66
N GLY A 822 -2.51 -11.95 0.11
CA GLY A 822 -2.73 -11.95 -1.33
C GLY A 822 -4.04 -12.62 -1.69
N LYS A 823 -4.07 -13.20 -2.88
CA LYS A 823 -5.26 -13.84 -3.41
C LYS A 823 -5.38 -15.31 -3.03
N PHE A 824 -4.38 -15.87 -2.35
CA PHE A 824 -4.39 -17.29 -2.01
C PHE A 824 -4.95 -17.58 -0.62
N VAL A 825 -5.08 -16.57 0.24
CA VAL A 825 -5.73 -16.78 1.52
C VAL A 825 -7.20 -17.14 1.32
N SER A 826 -7.84 -16.50 0.34
CA SER A 826 -9.23 -16.85 0.01
C SER A 826 -9.32 -18.28 -0.52
N ALA A 827 -8.34 -18.68 -1.33
CA ALA A 827 -8.32 -20.06 -1.81
C ALA A 827 -8.16 -21.04 -0.66
N VAL A 828 -7.30 -20.70 0.31
CA VAL A 828 -7.12 -21.55 1.49
C VAL A 828 -8.44 -21.67 2.25
N GLU A 829 -9.13 -20.56 2.44
CA GLU A 829 -10.41 -20.58 3.16
C GLU A 829 -11.43 -21.44 2.42
N VAL A 830 -11.51 -21.28 1.10
CA VAL A 830 -12.46 -22.06 0.31
C VAL A 830 -12.15 -23.54 0.42
N ILE A 831 -10.86 -23.90 0.32
CA ILE A 831 -10.46 -25.30 0.38
C ILE A 831 -10.80 -25.89 1.74
N ALA A 832 -10.52 -25.15 2.82
CA ALA A 832 -10.81 -25.65 4.15
C ALA A 832 -12.30 -25.87 4.36
N ILE A 833 -13.12 -24.89 3.94
CA ILE A 833 -14.57 -25.01 4.09
C ILE A 833 -15.08 -26.22 3.31
N LEU A 834 -14.63 -26.35 2.06
CA LEU A 834 -15.10 -27.42 1.19
C LEU A 834 -14.68 -28.78 1.73
N ALA A 835 -13.45 -28.90 2.21
CA ALA A 835 -12.98 -30.17 2.77
C ALA A 835 -13.76 -30.55 4.01
N ALA A 836 -14.02 -29.59 4.91
CA ALA A 836 -14.79 -29.89 6.12
C ALA A 836 -16.19 -30.37 5.75
N SER A 837 -16.85 -29.67 4.82
CA SER A 837 -18.20 -30.06 4.44
C SER A 837 -18.22 -31.44 3.78
N PHE A 838 -17.25 -31.71 2.90
CA PHE A 838 -17.18 -33.02 2.24
C PHE A 838 -16.94 -34.13 3.25
N GLY A 839 -16.04 -33.91 4.21
CA GLY A 839 -15.80 -34.91 5.23
C GLY A 839 -17.02 -35.20 6.07
N LEU A 840 -17.72 -34.15 6.50
CA LEU A 840 -18.95 -34.35 7.27
C LEU A 840 -19.97 -35.16 6.48
N LEU A 841 -20.25 -34.72 5.24
CA LEU A 841 -21.25 -35.42 4.42
C LEU A 841 -20.88 -36.88 4.22
N ALA A 842 -19.64 -37.14 3.81
CA ALA A 842 -19.20 -38.51 3.57
C ALA A 842 -19.35 -39.35 4.82
N CYS A 843 -18.63 -38.98 5.89
CA CYS A 843 -18.59 -39.79 7.10
C CYS A 843 -19.96 -39.97 7.74
N ILE A 844 -20.91 -39.07 7.49
CA ILE A 844 -22.23 -39.25 8.08
C ILE A 844 -23.13 -40.11 7.20
N PHE A 845 -23.09 -39.97 5.87
CA PHE A 845 -24.16 -40.54 5.05
C PHE A 845 -23.74 -41.65 4.10
N PHE A 846 -22.50 -41.70 3.63
CA PHE A 846 -22.12 -42.65 2.57
C PHE A 846 -22.18 -44.11 3.03
N ASN A 847 -22.06 -44.33 4.33
CA ASN A 847 -22.15 -45.71 4.87
C ASN A 847 -23.55 -46.27 4.65
N LYS A 848 -24.60 -45.49 4.93
CA LYS A 848 -25.99 -45.99 4.88
C LYS A 848 -26.49 -46.06 3.45
N ILE A 849 -26.16 -45.08 2.64
CA ILE A 849 -26.70 -45.06 1.26
C ILE A 849 -26.35 -46.40 0.69
N TYR A 850 -25.17 -46.89 0.97
CA TYR A 850 -24.73 -48.18 0.38
C TYR A 850 -25.68 -49.27 0.83
N ILE A 851 -25.88 -49.44 2.13
CA ILE A 851 -26.81 -50.55 2.48
C ILE A 851 -28.21 -50.31 1.90
N ILE A 852 -28.77 -49.08 1.90
CA ILE A 852 -30.15 -48.73 1.41
C ILE A 852 -30.33 -48.99 -0.08
N LEU A 853 -29.32 -48.71 -0.90
CA LEU A 853 -29.50 -48.80 -2.39
C LEU A 853 -28.83 -50.06 -2.91
N PHE A 854 -27.66 -50.37 -2.38
CA PHE A 854 -27.03 -51.63 -2.85
C PHE A 854 -26.96 -52.63 -1.67
N LYS A 855 -26.58 -53.90 -1.82
CA LYS A 855 -26.67 -54.84 -0.66
C LYS A 855 -27.96 -54.50 0.07
N PRO A 856 -29.17 -54.68 -0.51
CA PRO A 856 -30.41 -54.21 0.13
C PRO A 856 -30.78 -55.24 1.18
N SER A 857 -29.95 -55.38 2.19
CA SER A 857 -30.18 -56.49 3.14
C SER A 857 -29.81 -55.96 4.49
N ARG A 858 -30.35 -56.55 5.56
CA ARG A 858 -30.30 -55.91 6.90
C ARG A 858 -31.33 -54.85 6.60
N ASN A 859 -32.08 -55.11 5.51
CA ASN A 859 -32.97 -54.11 4.90
C ASN A 859 -34.42 -54.20 5.33
N THR A 860 -34.82 -55.15 6.15
CA THR A 860 -36.28 -55.24 6.43
C THR A 860 -36.57 -54.90 7.90
N ILE A 861 -37.79 -55.14 8.40
CA ILE A 861 -38.04 -54.71 9.79
C ILE A 861 -37.91 -55.97 10.62
N GLU A 862 -37.69 -57.11 9.95
CA GLU A 862 -37.62 -58.40 10.68
C GLU A 862 -36.16 -58.68 11.07
N GLU A 863 -35.26 -57.74 10.78
CA GLU A 863 -33.86 -57.87 11.23
C GLU A 863 -33.61 -56.76 12.28
N VAL A 864 -34.09 -55.53 12.03
CA VAL A 864 -33.81 -54.46 12.99
C VAL A 864 -34.32 -54.86 14.38
N ARG A 865 -35.37 -55.69 14.46
CA ARG A 865 -35.82 -56.23 15.76
C ARG A 865 -34.67 -56.99 16.44
N CYS A 866 -34.16 -58.00 15.75
CA CYS A 866 -33.12 -58.81 16.37
C CYS A 866 -31.94 -57.92 16.72
N SER A 867 -31.66 -56.90 15.90
CA SER A 867 -30.55 -56.01 16.22
C SER A 867 -30.78 -55.18 17.49
N THR A 868 -31.98 -54.62 17.67
CA THR A 868 -32.30 -53.83 18.86
C THR A 868 -32.47 -54.70 20.11
N ALA A 869 -32.49 -56.01 19.94
CA ALA A 869 -32.71 -56.97 21.03
C ALA A 869 -31.49 -57.24 21.89
N ALA A 870 -30.37 -56.55 21.70
CA ALA A 870 -29.17 -56.89 22.46
C ALA A 870 -29.02 -56.11 23.78
N HIS A 871 -29.53 -54.87 23.88
CA HIS A 871 -29.30 -54.12 25.12
C HIS A 871 -29.91 -54.82 26.33
N ALA A 872 -31.19 -55.10 26.32
CA ALA A 872 -31.71 -56.05 27.29
C ALA A 872 -31.54 -57.42 26.66
N PHE A 873 -31.15 -58.41 27.46
CA PHE A 873 -30.54 -59.59 26.83
C PHE A 873 -31.50 -60.67 26.30
N LYS A 874 -32.79 -60.73 26.63
CA LYS A 874 -33.62 -61.84 26.14
C LYS A 874 -34.49 -61.39 24.97
N VAL A 875 -34.10 -61.76 23.77
CA VAL A 875 -35.05 -61.81 22.68
C VAL A 875 -34.92 -63.19 22.09
N ALA A 876 -35.53 -64.18 22.71
CA ALA A 876 -35.22 -65.54 22.33
C ALA A 876 -36.43 -66.14 21.65
N ALA A 877 -36.18 -66.80 20.52
CA ALA A 877 -37.17 -67.40 19.63
C ALA A 877 -36.41 -68.18 18.54
N ARG A 878 -37.15 -68.99 17.76
CA ARG A 878 -36.63 -69.63 16.54
C ARG A 878 -37.46 -69.19 15.35
N ALA A 879 -36.82 -68.62 14.36
CA ALA A 879 -37.55 -68.15 13.19
C ALA A 879 -36.79 -68.43 11.90
N TYR B 12 57.96 78.58 -24.55
CA TYR B 12 57.11 78.65 -23.37
C TYR B 12 55.99 77.62 -23.44
N GLY B 13 55.17 77.57 -22.39
CA GLY B 13 54.06 76.66 -22.31
C GLY B 13 52.92 77.24 -21.51
N PRO B 14 52.33 76.42 -20.64
CA PRO B 14 51.26 76.91 -19.77
C PRO B 14 51.75 78.06 -18.88
N ASP B 15 50.85 79.03 -18.66
CA ASP B 15 51.23 80.23 -17.91
C ASP B 15 51.41 79.94 -16.44
N GLN B 16 50.49 79.19 -15.83
CA GLN B 16 50.55 78.92 -14.40
C GLN B 16 51.50 77.75 -14.15
N ARG B 17 52.60 78.02 -13.46
CA ARG B 17 53.66 77.03 -13.32
C ARG B 17 54.52 77.37 -12.11
N ALA B 18 55.33 76.39 -11.71
CA ALA B 18 56.38 76.57 -10.72
C ALA B 18 57.71 76.24 -11.36
N GLN B 19 58.69 77.14 -11.23
CA GLN B 19 59.97 76.93 -11.90
C GLN B 19 61.09 77.59 -11.11
N LYS B 20 62.30 77.08 -11.34
CA LYS B 20 63.51 77.66 -10.77
C LYS B 20 64.66 77.38 -11.73
N LYS B 21 65.72 78.17 -11.60
CA LYS B 21 66.87 78.11 -12.49
C LYS B 21 67.97 77.27 -11.85
N GLY B 22 68.56 76.38 -12.64
CA GLY B 22 69.63 75.53 -12.17
C GLY B 22 70.42 74.96 -13.33
N ASP B 23 71.45 74.18 -12.98
CA ASP B 23 72.30 73.57 -14.00
C ASP B 23 71.61 72.37 -14.65
N ILE B 24 70.84 71.61 -13.88
CA ILE B 24 70.10 70.46 -14.38
C ILE B 24 68.65 70.64 -13.98
N ILE B 25 67.74 70.46 -14.93
CA ILE B 25 66.32 70.77 -14.77
C ILE B 25 65.53 69.47 -14.72
N LEU B 26 64.62 69.38 -13.76
CA LEU B 26 63.71 68.24 -13.62
C LEU B 26 62.28 68.69 -13.94
N GLY B 27 61.53 67.82 -14.60
CA GLY B 27 60.15 68.10 -14.92
C GLY B 27 59.18 67.46 -13.94
N GLY B 28 57.98 68.02 -13.87
CA GLY B 28 56.96 67.51 -12.98
C GLY B 28 55.58 67.61 -13.61
N LEU B 29 54.72 66.66 -13.24
CA LEU B 29 53.35 66.61 -13.74
C LEU B 29 52.45 66.20 -12.58
N PHE B 30 51.62 67.13 -12.11
CA PHE B 30 50.75 66.88 -10.96
C PHE B 30 49.33 67.30 -11.27
N PRO B 31 48.34 66.59 -10.71
CA PRO B 31 46.92 66.95 -10.88
C PRO B 31 46.41 67.94 -9.84
N ILE B 32 46.73 69.22 -10.04
CA ILE B 32 46.27 70.25 -9.13
C ILE B 32 44.76 70.43 -9.21
N HIS B 33 44.15 70.05 -10.32
CA HIS B 33 42.70 70.10 -10.48
C HIS B 33 42.17 68.71 -10.80
N PHE B 34 40.92 68.46 -10.39
CA PHE B 34 40.32 67.14 -10.56
C PHE B 34 39.87 66.86 -11.98
N GLY B 35 39.58 67.88 -12.78
CA GLY B 35 39.11 67.64 -14.12
C GLY B 35 38.94 68.94 -14.87
N VAL B 36 38.28 68.84 -16.04
CA VAL B 36 38.05 69.99 -16.91
C VAL B 36 36.55 70.25 -16.98
N ALA B 37 36.21 71.45 -17.45
CA ALA B 37 34.82 71.86 -17.52
C ALA B 37 34.08 71.10 -18.62
N ALA B 38 32.89 70.60 -18.30
CA ALA B 38 32.07 69.88 -19.26
C ALA B 38 31.47 70.88 -20.26
N LYS B 39 32.02 70.89 -21.47
CA LYS B 39 31.59 71.82 -22.51
C LYS B 39 31.37 71.05 -23.80
N ASP B 40 30.27 71.37 -24.50
CA ASP B 40 29.96 70.79 -25.79
C ASP B 40 30.39 71.77 -26.88
N GLN B 41 31.37 71.37 -27.68
CA GLN B 41 31.93 72.23 -28.72
C GLN B 41 31.20 71.96 -30.03
N ASP B 42 30.47 72.98 -30.50
CA ASP B 42 29.80 72.90 -31.79
C ASP B 42 30.69 73.34 -32.95
N LEU B 43 31.87 73.89 -32.66
CA LEU B 43 32.84 74.31 -33.67
C LEU B 43 32.24 75.32 -34.64
N LYS B 44 31.41 76.22 -34.11
CA LYS B 44 30.92 77.34 -34.90
C LYS B 44 31.96 78.43 -35.08
N SER B 45 32.98 78.45 -34.24
CA SER B 45 34.08 79.41 -34.34
C SER B 45 35.37 78.68 -33.98
N ARG B 46 36.44 79.44 -33.83
CA ARG B 46 37.73 78.85 -33.46
C ARG B 46 37.66 78.32 -32.03
N PRO B 47 38.05 77.07 -31.80
CA PRO B 47 37.99 76.51 -30.44
C PRO B 47 38.94 77.22 -29.50
N GLU B 48 38.57 77.23 -28.22
CA GLU B 48 39.36 77.85 -27.17
C GLU B 48 39.72 76.81 -26.11
N SER B 49 40.74 77.14 -25.32
CA SER B 49 41.22 76.21 -24.30
C SER B 49 40.20 76.05 -23.19
N VAL B 50 40.00 74.79 -22.76
CA VAL B 50 39.05 74.49 -21.69
C VAL B 50 39.69 74.81 -20.34
N GLU B 51 38.84 74.99 -19.33
CA GLU B 51 39.29 75.33 -17.99
C GLU B 51 39.11 74.16 -17.04
N CYS B 52 39.87 74.19 -15.95
CA CYS B 52 39.81 73.18 -14.90
C CYS B 52 38.96 73.68 -13.74
N ILE B 53 38.27 72.74 -13.08
CA ILE B 53 37.12 73.06 -12.24
C ILE B 53 37.45 72.98 -10.75
N ARG B 54 37.78 71.78 -10.25
CA ARG B 54 37.80 71.51 -8.82
C ARG B 54 39.23 71.44 -8.31
N TYR B 55 39.51 72.16 -7.22
CA TYR B 55 40.85 72.17 -6.65
C TYR B 55 41.11 70.88 -5.88
N ASN B 56 42.34 70.38 -6.00
CA ASN B 56 42.79 69.16 -5.34
C ASN B 56 43.87 69.55 -4.34
N PHE B 57 43.50 69.63 -3.05
CA PHE B 57 44.46 70.04 -2.03
C PHE B 57 45.50 68.96 -1.78
N ARG B 58 45.09 67.69 -1.88
CA ARG B 58 46.05 66.59 -1.68
C ARG B 58 47.09 66.56 -2.79
N GLY B 59 46.69 66.87 -4.02
CA GLY B 59 47.65 66.93 -5.11
C GLY B 59 48.59 68.11 -5.04
N PHE B 60 48.21 69.16 -4.31
CA PHE B 60 49.12 70.26 -4.06
C PHE B 60 50.14 69.92 -2.99
N ARG B 61 49.84 68.94 -2.13
CA ARG B 61 50.80 68.50 -1.14
C ARG B 61 51.89 67.64 -1.77
N TRP B 62 51.58 66.93 -2.85
CA TRP B 62 52.59 66.11 -3.51
C TRP B 62 53.65 66.97 -4.20
N LEU B 63 53.23 68.09 -4.78
CA LEU B 63 54.18 69.02 -5.41
C LEU B 63 55.15 69.59 -4.38
N GLN B 64 54.63 69.99 -3.23
CA GLN B 64 55.48 70.55 -2.18
C GLN B 64 56.50 69.53 -1.68
N ALA B 65 56.16 68.24 -1.73
CA ALA B 65 57.13 67.20 -1.38
C ALA B 65 58.31 67.21 -2.34
N MET B 66 58.04 67.32 -3.64
CA MET B 66 59.12 67.38 -4.62
C MET B 66 59.98 68.62 -4.42
N ILE B 67 59.34 69.78 -4.18
CA ILE B 67 60.12 71.01 -3.97
C ILE B 67 60.97 70.90 -2.71
N PHE B 68 60.39 70.34 -1.64
CA PHE B 68 61.14 70.17 -0.40
C PHE B 68 62.32 69.23 -0.58
N ALA B 69 62.13 68.13 -1.32
CA ALA B 69 63.22 67.21 -1.58
C ALA B 69 64.33 67.87 -2.38
N ILE B 70 63.98 68.63 -3.41
CA ILE B 70 65.00 69.30 -4.22
C ILE B 70 65.76 70.32 -3.38
N GLU B 71 65.05 71.08 -2.54
CA GLU B 71 65.72 72.03 -1.66
C GLU B 71 66.64 71.33 -0.67
N GLU B 72 66.23 70.16 -0.17
CA GLU B 72 67.08 69.38 0.71
C GLU B 72 68.35 68.94 0.00
N ILE B 73 68.22 68.48 -1.25
CA ILE B 73 69.39 68.05 -2.00
C ILE B 73 70.34 69.21 -2.26
N ASN B 74 69.78 70.38 -2.60
CA ASN B 74 70.64 71.52 -2.91
C ASN B 74 71.39 72.02 -1.68
N SER B 75 70.92 71.70 -0.47
CA SER B 75 71.58 72.13 0.75
C SER B 75 72.49 71.05 1.34
N SER B 76 72.67 69.92 0.66
CA SER B 76 73.49 68.83 1.17
C SER B 76 74.81 68.77 0.40
N PRO B 77 75.95 69.03 1.05
CA PRO B 77 77.22 68.90 0.34
C PRO B 77 77.58 67.47 -0.01
N ALA B 78 76.94 66.48 0.62
CA ALA B 78 77.30 65.09 0.39
C ALA B 78 76.80 64.58 -0.95
N LEU B 79 75.58 64.95 -1.35
CA LEU B 79 74.96 64.31 -2.50
C LEU B 79 75.47 64.88 -3.82
N LEU B 80 75.45 66.19 -3.99
CA LEU B 80 75.89 66.81 -5.24
C LEU B 80 76.53 68.16 -4.96
N PRO B 81 77.77 68.18 -4.48
CA PRO B 81 78.45 69.46 -4.27
C PRO B 81 78.82 70.11 -5.59
N ASN B 82 78.91 71.45 -5.56
CA ASN B 82 79.27 72.26 -6.71
C ASN B 82 78.27 72.12 -7.87
N LEU B 83 77.03 71.76 -7.56
CA LEU B 83 76.00 71.62 -8.58
C LEU B 83 74.65 71.93 -7.97
N THR B 84 73.73 72.44 -8.79
CA THR B 84 72.40 72.82 -8.34
C THR B 84 71.35 72.19 -9.25
N LEU B 85 70.14 72.08 -8.72
CA LEU B 85 69.02 71.49 -9.44
C LEU B 85 67.88 72.50 -9.56
N GLY B 86 67.26 72.54 -10.75
CA GLY B 86 66.08 73.35 -10.97
C GLY B 86 64.91 72.45 -11.36
N TYR B 87 63.73 73.06 -11.47
CA TYR B 87 62.53 72.33 -11.80
C TYR B 87 61.62 73.15 -12.69
N ARG B 88 60.70 72.44 -13.36
CA ARG B 88 59.65 73.05 -14.17
C ARG B 88 58.43 72.16 -14.06
N ILE B 89 57.42 72.59 -13.30
CA ILE B 89 56.27 71.76 -12.95
C ILE B 89 55.02 72.34 -13.57
N PHE B 90 54.19 71.46 -14.14
CA PHE B 90 52.96 71.85 -14.81
C PHE B 90 51.78 71.06 -14.24
N ASP B 91 50.60 71.61 -14.43
CA ASP B 91 49.35 70.98 -14.00
C ASP B 91 48.72 70.25 -15.18
N THR B 92 48.32 69.00 -14.96
CA THR B 92 47.69 68.19 -16.00
C THR B 92 46.18 68.17 -15.90
N CYS B 93 45.62 68.56 -14.77
CA CYS B 93 44.17 68.54 -14.54
C CYS B 93 43.57 67.16 -14.80
N ASN B 94 44.40 66.12 -14.64
CA ASN B 94 43.99 64.73 -14.81
C ASN B 94 43.45 64.47 -16.21
N THR B 95 44.02 65.15 -17.21
CA THR B 95 43.56 65.09 -18.59
C THR B 95 44.75 64.81 -19.51
N VAL B 96 44.51 64.02 -20.55
CA VAL B 96 45.57 63.63 -21.47
C VAL B 96 46.03 64.82 -22.30
N SER B 97 45.10 65.65 -22.75
CA SER B 97 45.45 66.74 -23.65
C SER B 97 46.37 67.76 -22.97
N LYS B 98 46.06 68.13 -21.73
CA LYS B 98 46.90 69.08 -21.00
C LYS B 98 48.28 68.50 -20.72
N ALA B 99 48.33 67.21 -20.40
CA ALA B 99 49.62 66.55 -20.17
C ALA B 99 50.46 66.54 -21.44
N LEU B 100 49.83 66.27 -22.59
CA LEU B 100 50.57 66.30 -23.86
C LEU B 100 51.05 67.72 -24.18
N GLU B 101 50.21 68.72 -23.89
CA GLU B 101 50.62 70.10 -24.11
C GLU B 101 51.82 70.46 -23.25
N ALA B 102 51.83 70.02 -21.99
CA ALA B 102 52.96 70.29 -21.12
C ALA B 102 54.19 69.48 -21.52
N THR B 103 54.00 68.27 -22.07
CA THR B 103 55.11 67.42 -22.45
C THR B 103 55.79 67.94 -23.72
N LEU B 104 55.02 68.51 -24.64
CA LEU B 104 55.60 69.02 -25.88
C LEU B 104 56.63 70.12 -25.62
N SER B 105 56.49 70.83 -24.50
CA SER B 105 57.49 71.83 -24.12
C SER B 105 58.70 71.23 -23.42
N PHE B 106 58.61 69.98 -22.96
CA PHE B 106 59.76 69.32 -22.37
C PHE B 106 60.77 68.90 -23.43
N VAL B 107 60.31 68.61 -24.64
CA VAL B 107 61.13 67.99 -25.67
C VAL B 107 61.34 68.96 -26.84
N ALA B 108 61.28 70.27 -26.55
CA ALA B 108 61.36 71.25 -27.63
C ALA B 108 62.70 71.19 -28.34
N GLN B 109 63.80 71.23 -27.59
CA GLN B 109 65.13 71.25 -28.20
C GLN B 109 65.41 69.95 -28.96
N ASN B 110 65.09 68.81 -28.34
CA ASN B 110 65.34 67.52 -29.00
C ASN B 110 64.51 67.39 -30.26
N LYS B 111 63.25 67.82 -30.20
CA LYS B 111 62.39 67.76 -31.38
C LYS B 111 62.89 68.66 -32.49
N ILE B 112 63.35 69.87 -32.15
CA ILE B 112 63.92 70.76 -33.16
C ILE B 112 65.15 70.15 -33.79
N ASP B 113 66.01 69.54 -32.97
CA ASP B 113 67.21 68.89 -33.50
C ASP B 113 66.84 67.72 -34.42
N SER B 114 65.84 66.93 -34.03
CA SER B 114 65.47 65.75 -34.81
C SER B 114 64.85 66.14 -36.14
N LEU B 115 63.94 67.12 -36.15
CA LEU B 115 63.29 67.53 -37.40
C LEU B 115 64.16 68.44 -38.25
N ASN B 116 65.25 68.97 -37.71
CA ASN B 116 66.20 69.84 -38.41
C ASN B 116 65.56 71.14 -38.89
N LEU B 117 64.35 71.45 -38.44
CA LEU B 117 63.68 72.67 -38.89
C LEU B 117 64.38 73.91 -38.33
N ASP B 118 64.88 73.84 -37.10
CA ASP B 118 65.57 74.94 -36.45
C ASP B 118 64.71 76.19 -36.38
N CYS B 123 66.11 79.18 -33.33
CA CYS B 123 65.40 80.44 -33.38
C CYS B 123 65.50 81.17 -32.04
N SER B 124 65.01 80.53 -30.98
CA SER B 124 65.07 81.14 -29.66
C SER B 124 66.49 81.18 -29.11
N GLU B 125 67.32 80.20 -29.49
CA GLU B 125 68.74 80.08 -29.13
C GLU B 125 68.95 79.81 -27.64
N HIS B 126 67.90 79.72 -26.84
CA HIS B 126 68.04 79.45 -25.41
C HIS B 126 66.84 78.61 -24.98
N ILE B 127 67.01 77.29 -24.97
CA ILE B 127 65.95 76.37 -24.58
C ILE B 127 66.53 75.36 -23.58
N PRO B 128 66.07 75.36 -22.34
CA PRO B 128 66.59 74.39 -21.37
C PRO B 128 66.19 72.98 -21.73
N SER B 129 67.06 72.04 -21.38
CA SER B 129 66.86 70.62 -21.67
C SER B 129 66.51 69.89 -20.40
N THR B 130 65.44 69.09 -20.45
CA THR B 130 64.97 68.33 -19.31
C THR B 130 65.68 66.98 -19.25
N ILE B 131 66.25 66.66 -18.08
CA ILE B 131 66.97 65.40 -17.92
C ILE B 131 66.00 64.26 -17.62
N ALA B 132 65.10 64.47 -16.68
CA ALA B 132 64.13 63.45 -16.30
C ALA B 132 62.83 64.12 -15.89
N VAL B 133 61.75 63.34 -15.93
CA VAL B 133 60.41 63.81 -15.64
C VAL B 133 59.79 62.92 -14.58
N VAL B 134 59.26 63.52 -13.52
CA VAL B 134 58.51 62.79 -12.50
C VAL B 134 57.11 62.55 -13.05
N GLY B 135 56.81 61.28 -13.33
CA GLY B 135 55.63 60.91 -14.11
C GLY B 135 54.28 61.32 -13.55
N ALA B 136 53.22 61.01 -14.27
CA ALA B 136 51.88 61.47 -13.93
C ALA B 136 51.24 60.54 -12.91
N THR B 137 49.96 60.77 -12.63
CA THR B 137 49.21 59.99 -11.64
C THR B 137 48.43 58.85 -12.29
N GLY B 138 47.53 59.18 -13.22
CA GLY B 138 46.72 58.16 -13.86
C GLY B 138 47.53 57.33 -14.85
N SER B 139 47.08 56.09 -15.05
CA SER B 139 47.77 55.19 -15.96
C SER B 139 47.52 55.58 -17.41
N GLY B 140 46.32 56.06 -17.73
CA GLY B 140 46.04 56.46 -19.09
C GLY B 140 46.85 57.68 -19.52
N VAL B 141 47.07 58.62 -18.60
CA VAL B 141 47.90 59.77 -18.89
C VAL B 141 49.36 59.36 -19.01
N SER B 142 49.80 58.43 -18.16
CA SER B 142 51.20 58.01 -18.16
C SER B 142 51.59 57.37 -19.48
N THR B 143 50.70 56.54 -20.06
CA THR B 143 51.01 55.92 -21.34
C THR B 143 51.15 56.96 -22.45
N ALA B 144 50.26 57.94 -22.48
CA ALA B 144 50.33 58.98 -23.51
C ALA B 144 51.59 59.81 -23.36
N VAL B 145 52.00 60.11 -22.13
CA VAL B 145 53.22 60.87 -21.92
C VAL B 145 54.45 60.04 -22.29
N ALA B 146 54.44 58.76 -21.91
CA ALA B 146 55.58 57.89 -22.18
C ALA B 146 55.76 57.64 -23.67
N ASN B 147 54.67 57.56 -24.43
CA ASN B 147 54.79 57.39 -25.88
C ASN B 147 55.63 58.51 -26.50
N LEU B 148 55.47 59.74 -26.01
CA LEU B 148 56.23 60.85 -26.54
C LEU B 148 57.63 60.94 -25.94
N LEU B 149 57.78 60.63 -24.64
CA LEU B 149 59.09 60.75 -24.02
C LEU B 149 60.05 59.68 -24.52
N GLY B 150 59.55 58.46 -24.78
CA GLY B 150 60.41 57.38 -25.23
C GLY B 150 61.03 57.60 -26.60
N LEU B 151 60.52 58.55 -27.36
CA LEU B 151 61.15 58.90 -28.64
C LEU B 151 62.55 59.45 -28.44
N PHE B 152 62.72 60.29 -27.41
CA PHE B 152 64.00 60.95 -27.14
C PHE B 152 64.76 60.31 -26.00
N TYR B 153 64.34 59.15 -25.52
CA TYR B 153 65.04 58.40 -24.46
C TYR B 153 65.19 59.22 -23.19
N ILE B 154 64.14 59.95 -22.82
CA ILE B 154 64.13 60.75 -21.60
C ILE B 154 63.51 59.93 -20.49
N PRO B 155 64.23 59.65 -19.40
CA PRO B 155 63.67 58.80 -18.33
C PRO B 155 62.46 59.45 -17.66
N GLN B 156 61.54 58.60 -17.23
CA GLN B 156 60.32 59.05 -16.56
C GLN B 156 60.06 58.15 -15.36
N VAL B 157 59.87 58.76 -14.19
CA VAL B 157 59.66 58.03 -12.94
C VAL B 157 58.30 58.41 -12.40
N SER B 158 57.35 57.48 -12.47
CA SER B 158 56.00 57.72 -11.98
C SER B 158 55.89 57.30 -10.52
N TYR B 159 54.93 57.92 -9.82
CA TYR B 159 54.74 57.66 -8.39
C TYR B 159 53.38 57.07 -8.05
N ALA B 160 52.44 57.02 -9.00
CA ALA B 160 51.10 56.54 -8.68
C ALA B 160 50.60 55.52 -9.70
N SER B 161 51.09 55.59 -10.93
CA SER B 161 50.60 54.70 -11.99
C SER B 161 51.01 53.27 -11.69
N SER B 162 50.05 52.35 -11.78
CA SER B 162 50.29 50.96 -11.38
C SER B 162 49.71 49.94 -12.35
N SER B 163 49.34 50.34 -13.57
CA SER B 163 48.84 49.40 -14.54
C SER B 163 49.95 48.46 -15.00
N ARG B 164 49.58 47.21 -15.29
CA ARG B 164 50.54 46.23 -15.75
C ARG B 164 50.89 46.38 -17.22
N LEU B 165 50.14 47.18 -17.96
CA LEU B 165 50.47 47.41 -19.37
C LEU B 165 51.71 48.25 -19.55
N LEU B 166 52.16 48.94 -18.50
CA LEU B 166 53.34 49.79 -18.56
C LEU B 166 54.63 49.03 -18.30
N SER B 167 54.55 47.72 -18.06
CA SER B 167 55.73 46.88 -17.85
C SER B 167 56.31 46.36 -19.16
N ASN B 168 55.69 46.66 -20.29
CA ASN B 168 56.21 46.23 -21.59
C ASN B 168 57.36 47.13 -22.00
N LYS B 169 58.54 46.55 -22.14
CA LYS B 169 59.73 47.32 -22.50
C LYS B 169 59.95 47.42 -24.00
N ASN B 170 59.13 46.73 -24.81
CA ASN B 170 59.19 46.93 -26.25
C ASN B 170 58.52 48.23 -26.67
N GLN B 171 57.52 48.68 -25.90
CA GLN B 171 56.79 49.91 -26.19
C GLN B 171 57.20 51.08 -25.30
N PHE B 172 57.45 50.82 -24.02
CA PHE B 172 57.77 51.87 -23.05
C PHE B 172 59.22 51.67 -22.62
N LYS B 173 60.14 52.32 -23.33
CA LYS B 173 61.56 52.08 -23.15
C LYS B 173 62.14 52.72 -21.90
N SER B 174 61.63 53.88 -21.49
CA SER B 174 62.24 54.66 -20.42
C SER B 174 61.21 54.98 -19.34
N PHE B 175 60.47 53.97 -18.88
CA PHE B 175 59.47 54.14 -17.83
C PHE B 175 59.92 53.40 -16.58
N LEU B 176 59.84 54.09 -15.43
CA LEU B 176 60.20 53.52 -14.14
C LEU B 176 59.12 53.85 -13.12
N ARG B 177 59.04 53.04 -12.08
CA ARG B 177 57.98 53.14 -11.08
C ARG B 177 58.56 53.09 -9.68
N THR B 178 57.89 53.79 -8.76
CA THR B 178 58.13 53.66 -7.32
C THR B 178 56.93 53.05 -6.61
N ILE B 179 56.01 52.45 -7.35
CA ILE B 179 54.80 51.85 -6.78
C ILE B 179 54.61 50.47 -7.41
N PRO B 180 54.16 49.47 -6.67
CA PRO B 180 53.93 48.15 -7.27
C PRO B 180 52.74 48.16 -8.21
N ASN B 181 52.70 47.14 -9.08
CA ASN B 181 51.60 46.98 -10.01
C ASN B 181 50.42 46.25 -9.34
N ASP B 182 49.35 46.04 -10.10
CA ASP B 182 48.07 45.65 -9.53
C ASP B 182 47.79 44.15 -9.56
N GLU B 183 48.71 43.34 -10.10
CA GLU B 183 48.50 41.89 -10.11
C GLU B 183 48.44 41.35 -8.69
N HIS B 184 49.36 41.79 -7.84
CA HIS B 184 49.34 41.39 -6.43
C HIS B 184 48.06 41.87 -5.76
N GLN B 185 47.57 43.06 -6.13
CA GLN B 185 46.34 43.57 -5.53
C GLN B 185 45.14 42.70 -5.90
N ALA B 186 45.05 42.29 -7.17
CA ALA B 186 43.95 41.42 -7.58
C ALA B 186 44.04 40.05 -6.90
N THR B 187 45.25 39.51 -6.81
CA THR B 187 45.42 38.24 -6.10
C THR B 187 45.04 38.37 -4.62
N ALA B 188 45.38 39.49 -4.00
CA ALA B 188 45.03 39.72 -2.61
C ALA B 188 43.52 39.83 -2.43
N MET B 189 42.83 40.48 -3.36
CA MET B 189 41.38 40.55 -3.29
C MET B 189 40.77 39.15 -3.40
N ALA B 190 41.28 38.34 -4.32
CA ALA B 190 40.79 36.97 -4.42
C ALA B 190 41.03 36.19 -3.14
N ASP B 191 42.21 36.37 -2.54
CA ASP B 191 42.53 35.68 -1.29
C ASP B 191 41.61 36.13 -0.16
N ILE B 192 41.28 37.43 -0.11
CA ILE B 192 40.36 37.93 0.90
C ILE B 192 38.99 37.32 0.73
N ILE B 193 38.51 37.24 -0.53
CA ILE B 193 37.20 36.65 -0.77
C ILE B 193 37.19 35.19 -0.37
N GLU B 194 38.26 34.46 -0.68
CA GLU B 194 38.33 33.05 -0.31
C GLU B 194 38.46 32.85 1.20
N TYR B 195 39.06 33.80 1.90
CA TYR B 195 39.31 33.66 3.33
C TYR B 195 38.01 33.65 4.13
N PHE B 196 37.05 34.48 3.73
CA PHE B 196 35.79 34.60 4.45
C PHE B 196 34.71 33.66 3.92
N ARG B 197 35.05 32.81 2.95
CA ARG B 197 34.15 31.77 2.43
C ARG B 197 32.89 32.38 1.80
N TRP B 198 33.11 33.19 0.76
CA TRP B 198 32.06 33.67 -0.11
C TRP B 198 32.27 33.10 -1.50
N ASN B 199 31.16 32.89 -2.23
CA ASN B 199 31.27 32.42 -3.61
C ASN B 199 30.29 33.10 -4.57
N TRP B 200 29.69 34.22 -4.17
CA TRP B 200 28.66 34.89 -4.98
C TRP B 200 28.89 36.39 -4.86
N VAL B 201 29.62 36.96 -5.81
CA VAL B 201 30.05 38.35 -5.77
C VAL B 201 29.81 39.00 -7.13
N GLY B 202 29.86 40.34 -7.14
CA GLY B 202 29.81 41.09 -8.36
C GLY B 202 30.98 42.06 -8.42
N THR B 203 31.24 42.56 -9.64
CA THR B 203 32.40 43.42 -9.87
C THR B 203 31.99 44.67 -10.63
N ILE B 204 32.73 45.76 -10.38
CA ILE B 204 32.56 47.03 -11.06
C ILE B 204 33.94 47.60 -11.35
N ALA B 205 34.17 48.05 -12.58
CA ALA B 205 35.47 48.56 -12.98
C ALA B 205 35.31 49.86 -13.76
N ALA B 206 36.34 50.69 -13.72
CA ALA B 206 36.37 51.93 -14.48
C ALA B 206 36.93 51.68 -15.88
N ASP B 207 36.37 52.38 -16.86
CA ASP B 207 36.73 52.18 -18.27
C ASP B 207 37.97 53.00 -18.60
N ASP B 208 39.11 52.50 -18.14
CA ASP B 208 40.41 53.10 -18.44
C ASP B 208 41.47 52.00 -18.43
N ASP B 209 42.73 52.40 -18.55
CA ASP B 209 43.83 51.44 -18.54
C ASP B 209 44.17 50.93 -17.15
N TYR B 210 43.58 51.51 -16.11
CA TYR B 210 43.84 51.09 -14.74
C TYR B 210 42.82 50.06 -14.24
N GLY B 211 41.55 50.22 -14.63
CA GLY B 211 40.50 49.36 -14.13
C GLY B 211 40.32 48.05 -14.88
N ARG B 212 40.33 48.09 -16.21
CA ARG B 212 40.05 46.89 -16.99
C ARG B 212 41.08 45.79 -16.79
N PRO B 213 42.40 46.03 -16.89
CA PRO B 213 43.35 44.93 -16.63
C PRO B 213 43.23 44.36 -15.23
N GLY B 214 42.98 45.22 -14.23
CA GLY B 214 42.83 44.73 -12.87
C GLY B 214 41.63 43.83 -12.69
N ILE B 215 40.49 44.22 -13.27
CA ILE B 215 39.30 43.38 -13.16
C ILE B 215 39.46 42.09 -13.95
N GLU B 216 40.17 42.13 -15.08
CA GLU B 216 40.41 40.90 -15.84
C GLU B 216 41.30 39.95 -15.05
N LYS B 217 42.36 40.46 -14.43
CA LYS B 217 43.22 39.61 -13.61
C LYS B 217 42.46 39.06 -12.41
N PHE B 218 41.59 39.87 -11.80
CA PHE B 218 40.79 39.37 -10.69
C PHE B 218 39.86 38.25 -11.15
N ARG B 219 39.27 38.38 -12.33
CA ARG B 219 38.36 37.36 -12.84
C ARG B 219 39.11 36.04 -13.08
N GLU B 220 40.28 36.10 -13.71
CA GLU B 220 41.09 34.89 -13.88
C GLU B 220 41.46 34.28 -12.54
N GLU B 221 41.86 35.10 -11.57
CA GLU B 221 42.21 34.55 -10.26
C GLU B 221 41.01 33.88 -9.60
N ALA B 222 39.84 34.52 -9.71
CA ALA B 222 38.65 34.00 -9.03
C ALA B 222 38.15 32.73 -9.68
N GLU B 223 38.33 32.57 -10.99
CA GLU B 223 37.90 31.33 -11.65
C GLU B 223 38.67 30.12 -11.13
N GLU B 224 39.94 30.30 -10.72
CA GLU B 224 40.70 29.19 -10.14
C GLU B 224 40.16 28.76 -8.80
N ARG B 225 39.69 29.70 -8.00
CA ARG B 225 39.24 29.39 -6.66
C ARG B 225 37.75 29.04 -6.61
N ASP B 226 37.12 28.88 -7.78
CA ASP B 226 35.71 28.49 -7.87
C ASP B 226 34.80 29.53 -7.20
N ILE B 227 34.95 30.78 -7.62
CA ILE B 227 34.10 31.88 -7.15
C ILE B 227 33.25 32.35 -8.33
N CYS B 228 31.94 32.41 -8.11
CA CYS B 228 31.00 32.79 -9.17
C CYS B 228 30.79 34.30 -9.16
N ILE B 229 30.93 34.91 -10.32
CA ILE B 229 30.70 36.34 -10.50
C ILE B 229 29.33 36.54 -11.12
N ASP B 230 28.50 37.35 -10.46
CA ASP B 230 27.13 37.55 -10.94
C ASP B 230 27.10 38.59 -12.06
N PHE B 231 27.56 39.81 -11.79
CA PHE B 231 27.53 40.88 -12.77
C PHE B 231 28.89 41.57 -12.85
N SER B 232 29.07 42.34 -13.91
CA SER B 232 30.31 43.09 -14.12
C SER B 232 29.99 44.26 -15.04
N GLU B 233 30.09 45.48 -14.52
CA GLU B 233 29.73 46.69 -15.26
C GLU B 233 30.88 47.67 -15.28
N LEU B 234 30.86 48.56 -16.27
CA LEU B 234 31.89 49.58 -16.46
C LEU B 234 31.27 50.96 -16.25
N ILE B 235 32.00 51.82 -15.53
CA ILE B 235 31.55 53.17 -15.23
C ILE B 235 32.66 54.15 -15.60
N SER B 236 32.32 55.44 -15.54
CA SER B 236 33.25 56.50 -15.91
C SER B 236 32.81 57.80 -15.26
N GLN B 237 33.71 58.78 -15.28
CA GLN B 237 33.40 60.09 -14.74
C GLN B 237 32.42 60.86 -15.62
N TYR B 238 32.38 60.55 -16.92
CA TYR B 238 31.56 61.25 -17.89
C TYR B 238 30.38 60.40 -18.36
N SER B 239 29.77 59.67 -17.43
CA SER B 239 28.60 58.85 -17.74
C SER B 239 27.34 59.67 -17.62
N ASP B 240 26.41 59.46 -18.54
CA ASP B 240 25.15 60.19 -18.53
C ASP B 240 24.17 59.53 -17.56
N GLU B 241 22.95 60.07 -17.49
CA GLU B 241 21.99 59.58 -16.51
C GLU B 241 21.53 58.16 -16.82
N GLU B 242 21.28 57.85 -18.10
CA GLU B 242 20.64 56.58 -18.44
C GLU B 242 21.53 55.40 -18.06
N GLU B 243 22.82 55.50 -18.36
CA GLU B 243 23.81 54.48 -18.04
C GLU B 243 23.85 54.22 -16.54
N ILE B 244 24.00 55.29 -15.78
CA ILE B 244 24.09 55.20 -14.33
C ILE B 244 22.84 54.55 -13.77
N GLN B 245 21.68 54.93 -14.29
CA GLN B 245 20.44 54.29 -13.86
C GLN B 245 20.46 52.80 -14.18
N HIS B 246 20.93 52.44 -15.37
CA HIS B 246 20.99 51.02 -15.76
C HIS B 246 21.90 50.23 -14.83
N VAL B 247 23.06 50.78 -14.50
CA VAL B 247 23.98 50.10 -13.60
C VAL B 247 23.39 49.98 -12.20
N VAL B 248 22.67 51.02 -11.76
CA VAL B 248 22.05 50.97 -10.43
C VAL B 248 21.04 49.83 -10.34
N GLU B 249 20.22 49.65 -11.37
CA GLU B 249 19.28 48.53 -11.36
C GLU B 249 19.86 47.29 -12.02
N VAL B 250 21.10 46.96 -11.62
CA VAL B 250 21.70 45.66 -11.88
C VAL B 250 22.20 45.17 -10.53
N ILE B 251 22.52 46.13 -9.65
CA ILE B 251 22.86 45.81 -8.27
C ILE B 251 21.61 45.51 -7.45
N GLN B 252 20.56 46.31 -7.65
CA GLN B 252 19.32 46.11 -6.90
C GLN B 252 18.65 44.80 -7.26
N ASN B 253 18.90 44.28 -8.46
CA ASN B 253 18.29 43.03 -8.92
C ASN B 253 19.25 41.86 -8.81
N SER B 254 20.11 41.85 -7.79
CA SER B 254 21.09 40.80 -7.61
C SER B 254 21.10 40.34 -6.15
N THR B 255 21.45 39.08 -5.95
CA THR B 255 21.51 38.50 -4.62
C THR B 255 22.88 38.69 -3.96
N ALA B 256 23.93 38.88 -4.75
CA ALA B 256 25.28 39.03 -4.21
C ALA B 256 25.39 40.29 -3.36
N LYS B 257 26.10 40.17 -2.24
CA LYS B 257 26.30 41.29 -1.33
C LYS B 257 27.69 41.90 -1.41
N VAL B 258 28.67 41.16 -1.90
CA VAL B 258 30.06 41.61 -1.94
C VAL B 258 30.37 42.12 -3.35
N ILE B 259 30.92 43.33 -3.43
CA ILE B 259 31.23 43.98 -4.71
C ILE B 259 32.67 44.44 -4.68
N VAL B 260 33.40 44.17 -5.76
CA VAL B 260 34.81 44.54 -5.90
C VAL B 260 34.92 45.64 -6.94
N VAL B 261 35.57 46.74 -6.58
CA VAL B 261 35.62 47.94 -7.42
C VAL B 261 37.08 48.31 -7.68
N PHE B 262 37.41 48.50 -8.96
CA PHE B 262 38.67 49.10 -9.40
C PHE B 262 38.36 50.45 -10.03
N SER B 263 38.52 51.52 -9.28
CA SER B 263 38.31 52.86 -9.80
C SER B 263 38.91 53.86 -8.82
N SER B 264 38.89 55.13 -9.21
CA SER B 264 39.28 56.24 -8.37
C SER B 264 38.04 57.03 -7.96
N GLY B 265 38.26 58.07 -7.15
CA GLY B 265 37.18 58.89 -6.65
C GLY B 265 36.38 59.61 -7.73
N PRO B 266 37.05 60.31 -8.64
CA PRO B 266 36.31 60.99 -9.72
C PRO B 266 35.48 60.06 -10.59
N ASP B 267 35.96 58.83 -10.82
CA ASP B 267 35.22 57.89 -11.66
C ASP B 267 34.11 57.17 -10.93
N LEU B 268 34.11 57.20 -9.59
CA LEU B 268 33.14 56.47 -8.79
C LEU B 268 32.13 57.37 -8.10
N GLU B 269 32.37 58.67 -8.04
CA GLU B 269 31.47 59.57 -7.31
C GLU B 269 30.04 59.58 -7.83
N PRO B 270 29.77 59.70 -9.14
CA PRO B 270 28.36 59.72 -9.58
C PRO B 270 27.57 58.48 -9.19
N LEU B 271 28.18 57.30 -9.30
CA LEU B 271 27.49 56.07 -8.93
C LEU B 271 27.16 56.05 -7.45
N ILE B 272 28.10 56.50 -6.62
CA ILE B 272 27.85 56.54 -5.17
C ILE B 272 26.76 57.54 -4.84
N LYS B 273 26.75 58.69 -5.53
CA LYS B 273 25.68 59.67 -5.32
C LYS B 273 24.32 59.07 -5.66
N GLU B 274 24.23 58.38 -6.80
CA GLU B 274 22.95 57.80 -7.22
C GLU B 274 22.51 56.68 -6.28
N ILE B 275 23.46 55.87 -5.80
CA ILE B 275 23.11 54.79 -4.87
C ILE B 275 22.66 55.36 -3.53
N VAL B 276 23.30 56.44 -3.07
CA VAL B 276 22.89 57.09 -1.83
C VAL B 276 21.50 57.70 -1.99
N ARG B 277 21.20 58.21 -3.19
CA ARG B 277 19.87 58.79 -3.43
C ARG B 277 18.77 57.76 -3.23
N ARG B 278 18.96 56.55 -3.74
CA ARG B 278 17.96 55.49 -3.65
C ARG B 278 17.99 54.76 -2.31
N ASN B 279 18.94 55.07 -1.43
CA ASN B 279 19.01 54.49 -0.09
C ASN B 279 19.15 52.96 -0.16
N ILE B 280 20.20 52.52 -0.84
CA ILE B 280 20.52 51.10 -0.96
C ILE B 280 21.59 50.78 0.08
N THR B 281 21.22 49.97 1.06
CA THR B 281 22.11 49.61 2.17
C THR B 281 22.22 48.10 2.27
N GLY B 282 23.27 47.65 2.94
CA GLY B 282 23.49 46.24 3.18
C GLY B 282 24.52 45.57 2.31
N LYS B 283 25.28 46.32 1.52
CA LYS B 283 26.31 45.77 0.65
C LYS B 283 27.68 45.83 1.32
N ILE B 284 28.56 44.93 0.89
CA ILE B 284 29.94 44.86 1.38
C ILE B 284 30.85 45.30 0.25
N TRP B 285 31.66 46.32 0.51
CA TRP B 285 32.51 46.94 -0.50
C TRP B 285 33.96 46.52 -0.30
N LEU B 286 34.60 46.08 -1.37
CA LEU B 286 36.03 45.81 -1.40
C LEU B 286 36.68 46.85 -2.30
N ALA B 287 37.64 47.59 -1.76
CA ALA B 287 38.17 48.79 -2.40
C ALA B 287 39.62 48.62 -2.81
N SER B 288 39.96 49.12 -3.99
CA SER B 288 41.34 49.20 -4.42
C SER B 288 42.01 50.43 -3.82
N GLU B 289 43.34 50.50 -3.95
CA GLU B 289 44.10 51.55 -3.29
C GLU B 289 43.78 52.95 -3.81
N ALA B 290 43.17 53.06 -4.99
CA ALA B 290 42.90 54.37 -5.56
C ALA B 290 41.82 55.11 -4.79
N TRP B 291 40.74 54.43 -4.40
CA TRP B 291 39.64 55.07 -3.70
C TRP B 291 39.45 54.57 -2.28
N ALA B 292 40.35 53.74 -1.77
CA ALA B 292 40.23 53.25 -0.40
C ALA B 292 40.47 54.34 0.64
N SER B 293 40.99 55.50 0.23
CA SER B 293 41.20 56.61 1.16
C SER B 293 40.77 57.94 0.56
N SER B 294 39.91 57.93 -0.46
CA SER B 294 39.54 59.16 -1.14
C SER B 294 38.61 60.01 -0.27
N SER B 295 38.89 61.31 -0.21
CA SER B 295 38.03 62.23 0.52
C SER B 295 36.71 62.47 -0.19
N LEU B 296 36.62 62.12 -1.48
CA LEU B 296 35.37 62.31 -2.22
C LEU B 296 34.33 61.28 -1.83
N ILE B 297 34.75 60.09 -1.46
CA ILE B 297 33.82 58.99 -1.17
C ILE B 297 33.63 58.86 0.33
N ALA B 298 34.69 59.13 1.10
CA ALA B 298 34.66 58.97 2.55
C ALA B 298 34.07 60.24 3.19
N MET B 299 32.75 60.39 3.01
CA MET B 299 32.05 61.54 3.58
C MET B 299 31.08 61.08 4.66
N PRO B 300 30.86 61.90 5.69
CA PRO B 300 29.97 61.48 6.80
C PRO B 300 28.55 61.17 6.37
N GLN B 301 28.02 61.87 5.37
CA GLN B 301 26.64 61.64 4.95
C GLN B 301 26.48 60.40 4.08
N TYR B 302 27.57 59.76 3.65
CA TYR B 302 27.52 58.54 2.88
C TYR B 302 27.68 57.28 3.73
N PHE B 303 27.82 57.44 5.05
CA PHE B 303 28.22 56.31 5.89
C PHE B 303 27.15 55.23 5.94
N HIS B 304 25.88 55.58 5.71
CA HIS B 304 24.83 54.55 5.70
C HIS B 304 24.90 53.66 4.47
N VAL B 305 25.73 54.00 3.49
CA VAL B 305 25.90 53.20 2.29
C VAL B 305 27.30 52.62 2.17
N VAL B 306 28.33 53.41 2.50
CA VAL B 306 29.71 52.99 2.33
C VAL B 306 30.38 52.67 3.66
N GLY B 307 29.62 52.62 4.76
CA GLY B 307 30.21 52.30 6.04
C GLY B 307 30.68 50.85 6.11
N GLY B 308 31.83 50.65 6.74
CA GLY B 308 32.39 49.32 6.88
C GLY B 308 33.23 48.84 5.71
N THR B 309 33.60 49.73 4.78
CA THR B 309 34.36 49.33 3.61
C THR B 309 35.72 48.78 4.02
N ILE B 310 36.17 47.74 3.31
CA ILE B 310 37.50 47.16 3.50
C ILE B 310 38.30 47.40 2.23
N GLY B 311 39.46 48.02 2.37
CA GLY B 311 40.27 48.36 1.21
C GLY B 311 41.75 48.12 1.39
N PHE B 312 42.55 48.63 0.46
CA PHE B 312 43.99 48.42 0.46
C PHE B 312 44.72 49.76 0.56
N ALA B 313 45.87 49.73 1.22
CA ALA B 313 46.70 50.92 1.40
C ALA B 313 48.16 50.52 1.27
N LEU B 314 48.99 51.49 0.87
CA LEU B 314 50.42 51.27 0.74
C LEU B 314 51.11 51.47 2.09
N LYS B 315 52.43 51.37 2.08
CA LYS B 315 53.22 51.51 3.31
C LYS B 315 53.61 52.96 3.51
N ALA B 316 53.53 53.41 4.77
CA ALA B 316 53.82 54.80 5.10
C ALA B 316 55.31 55.01 5.30
N GLY B 317 55.77 56.22 4.97
CA GLY B 317 57.14 56.62 5.16
C GLY B 317 57.23 57.88 5.99
N GLN B 318 58.47 58.27 6.31
CA GLN B 318 58.74 59.42 7.15
C GLN B 318 59.59 60.43 6.38
N ILE B 319 59.17 61.69 6.42
CA ILE B 319 59.94 62.80 5.85
C ILE B 319 60.06 63.87 6.92
N PRO B 320 61.06 63.79 7.81
CA PRO B 320 61.15 64.76 8.91
C PRO B 320 61.29 66.19 8.40
N GLY B 321 60.60 67.10 9.08
CA GLY B 321 60.60 68.50 8.71
C GLY B 321 59.65 68.88 7.59
N PHE B 322 58.82 67.95 7.11
CA PHE B 322 57.93 68.24 6.00
C PHE B 322 56.78 69.15 6.41
N ARG B 323 56.18 68.88 7.58
CA ARG B 323 55.03 69.66 8.03
C ARG B 323 55.42 71.11 8.30
N GLU B 324 56.59 71.33 8.89
CA GLU B 324 57.08 72.68 9.11
C GLU B 324 57.30 73.42 7.79
N PHE B 325 57.71 72.69 6.74
CA PHE B 325 57.82 73.31 5.42
C PHE B 325 56.45 73.64 4.85
N LEU B 326 55.48 72.74 5.02
CA LEU B 326 54.14 72.98 4.49
C LEU B 326 53.50 74.19 5.17
N LYS B 327 53.77 74.38 6.47
CA LYS B 327 53.14 75.47 7.19
C LYS B 327 53.68 76.85 6.83
N LYS B 328 54.75 76.93 6.03
CA LYS B 328 55.39 78.20 5.70
C LYS B 328 54.93 78.79 4.38
N VAL B 329 53.95 78.17 3.71
CA VAL B 329 53.52 78.65 2.40
C VAL B 329 52.88 80.03 2.56
N HIS B 330 53.05 80.86 1.52
CA HIS B 330 52.52 82.21 1.53
C HIS B 330 52.36 82.68 0.09
N PRO B 331 51.28 83.37 -0.27
CA PRO B 331 51.12 83.81 -1.66
C PRO B 331 52.17 84.79 -2.12
N ARG B 332 52.71 85.62 -1.22
CA ARG B 332 53.65 86.66 -1.61
C ARG B 332 55.10 86.19 -1.51
N LYS B 333 55.46 85.54 -0.39
CA LYS B 333 56.84 85.11 -0.17
C LYS B 333 57.26 83.96 -1.08
N SER B 334 56.31 83.29 -1.74
CA SER B 334 56.61 82.21 -2.67
C SER B 334 56.56 82.78 -4.09
N VAL B 335 57.73 83.06 -4.66
CA VAL B 335 57.84 83.71 -5.96
C VAL B 335 58.07 82.67 -7.04
N HIS B 336 58.72 81.56 -6.67
CA HIS B 336 59.01 80.49 -7.62
C HIS B 336 57.87 79.48 -7.74
N ASN B 337 56.79 79.66 -6.98
CA ASN B 337 55.63 78.78 -7.02
C ASN B 337 54.43 79.60 -7.49
N GLY B 338 53.92 79.30 -8.67
CA GLY B 338 52.77 80.00 -9.21
C GLY B 338 51.43 79.40 -8.85
N PHE B 339 51.41 78.35 -8.04
CA PHE B 339 50.17 77.72 -7.62
C PHE B 339 49.72 78.15 -6.23
N ALA B 340 50.47 79.03 -5.58
CA ALA B 340 50.16 79.41 -4.20
C ALA B 340 48.98 80.39 -4.10
N LYS B 341 48.82 81.27 -5.09
CA LYS B 341 47.76 82.27 -5.01
C LYS B 341 46.38 81.63 -5.01
N GLU B 342 46.15 80.71 -5.96
CA GLU B 342 44.87 80.02 -6.00
C GLU B 342 44.67 79.13 -4.79
N PHE B 343 45.76 78.57 -4.24
CA PHE B 343 45.66 77.78 -3.02
C PHE B 343 45.16 78.64 -1.86
N TRP B 344 45.74 79.84 -1.70
CA TRP B 344 45.30 80.76 -0.66
C TRP B 344 43.84 81.16 -0.86
N GLU B 345 43.48 81.49 -2.10
CA GLU B 345 42.12 81.94 -2.38
C GLU B 345 41.10 80.84 -2.12
N GLU B 346 41.42 79.60 -2.50
CA GLU B 346 40.51 78.49 -2.28
C GLU B 346 40.47 78.06 -0.81
N THR B 347 41.54 78.32 -0.06
CA THR B 347 41.53 77.96 1.34
C THR B 347 40.71 78.95 2.16
N PHE B 348 40.98 80.24 2.02
CA PHE B 348 40.32 81.24 2.84
C PHE B 348 39.13 81.91 2.16
N ASN B 349 38.78 81.48 0.94
CA ASN B 349 37.58 81.96 0.24
C ASN B 349 37.57 83.48 0.10
N CYS B 350 38.71 84.04 -0.30
CA CYS B 350 38.83 85.47 -0.54
C CYS B 350 39.45 85.70 -1.92
N HIS B 351 39.69 86.97 -2.24
CA HIS B 351 40.29 87.36 -3.51
C HIS B 351 41.54 88.19 -3.24
N LEU B 352 42.63 87.84 -3.91
CA LEU B 352 43.89 88.55 -3.71
C LEU B 352 43.90 89.80 -4.58
N GLN B 353 44.10 90.95 -3.95
CA GLN B 353 44.14 92.21 -4.69
C GLN B 353 45.43 92.30 -5.49
N GLU B 354 45.31 92.69 -6.75
CA GLU B 354 46.47 92.81 -7.63
C GLU B 354 46.59 94.22 -8.20
N ARG B 384 33.00 88.43 -2.88
CA ARG B 384 34.07 87.68 -2.23
C ARG B 384 35.11 88.65 -1.65
N PRO B 385 35.33 88.56 -0.33
CA PRO B 385 36.19 89.54 0.34
C PRO B 385 37.65 89.47 -0.08
N LEU B 386 38.47 90.36 0.48
CA LEU B 386 39.88 90.45 0.14
C LEU B 386 40.73 89.72 1.16
N CYS B 387 41.84 89.15 0.69
CA CYS B 387 42.77 88.44 1.55
C CYS B 387 43.73 89.44 2.19
N THR B 388 43.69 89.55 3.51
CA THR B 388 44.56 90.47 4.22
C THR B 388 46.01 90.00 4.26
N GLY B 389 46.26 88.71 4.00
CA GLY B 389 47.59 88.16 4.05
C GLY B 389 48.05 87.75 5.44
N ASP B 390 47.23 87.93 6.46
CA ASP B 390 47.57 87.57 7.83
C ASP B 390 46.77 86.37 8.33
N GLU B 391 46.10 85.65 7.44
CA GLU B 391 45.30 84.50 7.85
C GLU B 391 46.20 83.35 8.29
N ASN B 392 45.61 82.44 9.06
CA ASN B 392 46.32 81.28 9.61
C ASN B 392 45.83 80.03 8.90
N ILE B 393 46.78 79.25 8.37
CA ILE B 393 46.42 78.04 7.62
C ILE B 393 45.79 77.01 8.54
N SER B 394 46.25 76.92 9.78
CA SER B 394 45.77 75.89 10.70
C SER B 394 44.31 76.08 11.09
N SER B 395 43.76 77.28 10.88
CA SER B 395 42.38 77.56 11.28
C SER B 395 41.34 76.93 10.35
N VAL B 396 41.75 76.44 9.18
CA VAL B 396 40.82 75.86 8.21
C VAL B 396 41.25 74.42 7.95
N GLU B 397 40.28 73.50 8.00
CA GLU B 397 40.54 72.07 7.83
C GLU B 397 40.45 71.72 6.34
N THR B 398 41.59 71.36 5.75
CA THR B 398 41.69 70.91 4.38
C THR B 398 42.65 69.73 4.35
N PRO B 399 42.56 68.87 3.32
CA PRO B 399 43.48 67.74 3.24
C PRO B 399 44.94 68.14 3.04
N TYR B 400 45.24 69.44 3.02
CA TYR B 400 46.61 69.90 2.89
C TYR B 400 47.46 69.47 4.08
N ILE B 401 46.94 69.67 5.30
CA ILE B 401 47.68 69.30 6.50
C ILE B 401 46.81 68.45 7.41
N ASP B 402 45.72 67.91 6.86
CA ASP B 402 44.86 66.99 7.60
C ASP B 402 45.15 65.58 7.10
N TYR B 403 46.16 64.95 7.69
CA TYR B 403 46.57 63.61 7.29
C TYR B 403 47.22 62.93 8.48
N THR B 404 47.29 61.60 8.40
CA THR B 404 47.92 60.79 9.43
C THR B 404 49.16 60.06 8.95
N HIS B 405 49.26 59.75 7.66
CA HIS B 405 50.41 59.06 7.11
C HIS B 405 50.77 59.67 5.76
N LEU B 406 52.04 59.53 5.39
CA LEU B 406 52.54 59.94 4.08
C LEU B 406 52.79 58.68 3.27
N ARG B 407 51.94 58.41 2.28
CA ARG B 407 52.05 57.21 1.48
C ARG B 407 52.36 57.51 0.02
N ILE B 408 51.55 58.33 -0.65
CA ILE B 408 51.85 58.68 -2.04
C ILE B 408 52.83 59.85 -2.10
N SER B 409 52.76 60.76 -1.14
CA SER B 409 53.73 61.85 -1.09
C SER B 409 55.12 61.38 -0.73
N TYR B 410 55.25 60.19 -0.14
CA TYR B 410 56.55 59.59 0.10
C TYR B 410 57.16 59.00 -1.17
N ASN B 411 56.34 58.68 -2.17
CA ASN B 411 56.85 58.15 -3.42
C ASN B 411 57.49 59.22 -4.29
N VAL B 412 57.02 60.46 -4.20
CA VAL B 412 57.64 61.56 -4.95
C VAL B 412 59.02 61.88 -4.38
N TYR B 413 59.13 61.86 -3.05
CA TYR B 413 60.41 62.05 -2.38
C TYR B 413 61.43 61.01 -2.84
N LEU B 414 61.03 59.75 -2.87
CA LEU B 414 61.90 58.67 -3.34
C LEU B 414 62.20 58.81 -4.83
N ALA B 415 61.24 59.26 -5.64
CA ALA B 415 61.47 59.45 -7.06
C ALA B 415 62.54 60.51 -7.32
N VAL B 416 62.51 61.58 -6.52
CA VAL B 416 63.50 62.63 -6.65
C VAL B 416 64.87 62.13 -6.20
N TYR B 417 64.93 61.41 -5.07
CA TYR B 417 66.22 60.89 -4.62
C TYR B 417 66.79 59.84 -5.59
N SER B 418 65.94 59.11 -6.30
CA SER B 418 66.46 58.15 -7.27
C SER B 418 67.25 58.88 -8.36
N ILE B 419 66.66 59.94 -8.91
CA ILE B 419 67.39 60.71 -9.93
C ILE B 419 68.64 61.36 -9.34
N ALA B 420 68.54 61.88 -8.12
CA ALA B 420 69.69 62.53 -7.48
C ALA B 420 70.84 61.55 -7.29
N HIS B 421 70.53 60.32 -6.85
CA HIS B 421 71.58 59.33 -6.64
C HIS B 421 72.15 58.83 -7.96
N ALA B 422 71.34 58.73 -9.00
CA ALA B 422 71.90 58.41 -10.32
C ALA B 422 72.88 59.47 -10.78
N LEU B 423 72.54 60.75 -10.59
CA LEU B 423 73.46 61.82 -10.94
C LEU B 423 74.73 61.77 -10.10
N GLN B 424 74.58 61.48 -8.81
CA GLN B 424 75.76 61.34 -7.95
C GLN B 424 76.66 60.20 -8.41
N ASP B 425 76.07 59.07 -8.78
CA ASP B 425 76.86 57.95 -9.30
C ASP B 425 77.57 58.32 -10.59
N ILE B 426 76.94 59.17 -11.41
CA ILE B 426 77.63 59.72 -12.57
C ILE B 426 78.81 60.58 -12.12
N TYR B 427 78.63 61.32 -11.03
CA TYR B 427 79.64 62.29 -10.60
C TYR B 427 80.95 61.63 -10.19
N THR B 428 80.89 60.43 -9.61
CA THR B 428 82.06 59.77 -9.04
C THR B 428 82.50 58.55 -9.84
N CYS B 429 82.47 58.65 -11.17
CA CYS B 429 82.89 57.56 -12.04
C CYS B 429 84.39 57.68 -12.28
N LEU B 430 85.17 56.77 -11.71
CA LEU B 430 86.59 56.72 -11.97
C LEU B 430 86.84 56.13 -13.36
N PRO B 431 87.89 56.60 -14.05
CA PRO B 431 88.18 56.07 -15.40
C PRO B 431 88.44 54.58 -15.36
N GLY B 432 87.94 53.88 -16.39
CA GLY B 432 88.08 52.45 -16.48
C GLY B 432 86.97 51.65 -15.83
N ARG B 433 86.06 52.30 -15.10
CA ARG B 433 84.98 51.63 -14.40
C ARG B 433 83.61 52.17 -14.81
N GLY B 434 83.51 52.71 -16.02
CA GLY B 434 82.23 53.20 -16.50
C GLY B 434 81.35 52.10 -17.06
N LEU B 435 80.10 52.44 -17.31
CA LEU B 435 79.13 51.51 -17.88
C LEU B 435 79.05 51.62 -19.41
N PHE B 436 79.76 52.55 -20.01
CA PHE B 436 79.69 52.76 -21.45
C PHE B 436 80.84 52.03 -22.14
N THR B 437 81.03 52.31 -23.43
CA THR B 437 81.98 51.57 -24.25
C THR B 437 83.40 51.75 -23.72
N ASN B 438 84.13 50.63 -23.62
CA ASN B 438 85.51 50.60 -23.19
C ASN B 438 85.70 51.17 -21.79
N GLY B 439 84.68 51.05 -20.95
CA GLY B 439 84.79 51.49 -19.57
C GLY B 439 84.80 52.98 -19.37
N SER B 440 84.49 53.77 -20.40
CA SER B 440 84.49 55.21 -20.28
C SER B 440 83.30 55.69 -19.45
N CYS B 441 83.44 56.89 -18.89
CA CYS B 441 82.40 57.55 -18.13
C CYS B 441 81.84 58.73 -18.91
N ALA B 442 80.73 59.27 -18.42
CA ALA B 442 80.10 60.44 -19.00
C ALA B 442 80.54 61.70 -18.26
N ASP B 443 80.46 62.83 -18.95
CA ASP B 443 80.83 64.12 -18.39
C ASP B 443 79.62 64.71 -17.66
N ILE B 444 79.80 65.05 -16.38
CA ILE B 444 78.71 65.61 -15.59
C ILE B 444 78.37 67.02 -16.05
N LYS B 445 79.30 67.73 -16.68
CA LYS B 445 79.03 69.08 -17.15
C LYS B 445 78.26 69.10 -18.47
N LYS B 446 78.25 68.00 -19.20
CA LYS B 446 77.53 67.89 -20.47
C LYS B 446 76.76 66.58 -20.52
N VAL B 447 76.08 66.25 -19.42
CA VAL B 447 75.36 64.98 -19.33
C VAL B 447 74.15 65.00 -20.26
N GLU B 448 73.71 63.80 -20.65
CA GLU B 448 72.58 63.62 -21.53
C GLU B 448 71.55 62.69 -20.88
N ALA B 449 70.38 62.59 -21.53
CA ALA B 449 69.27 61.88 -20.91
C ALA B 449 69.46 60.37 -20.94
N TRP B 450 69.97 59.83 -22.05
CA TRP B 450 70.11 58.38 -22.16
C TRP B 450 71.18 57.84 -21.21
N GLN B 451 72.21 58.64 -20.93
CA GLN B 451 73.20 58.24 -19.92
C GLN B 451 72.56 58.15 -18.54
N VAL B 452 71.70 59.11 -18.20
CA VAL B 452 71.00 59.07 -16.92
C VAL B 452 70.06 57.87 -16.87
N LEU B 453 69.44 57.53 -18.01
CA LEU B 453 68.59 56.35 -18.05
C LEU B 453 69.40 55.07 -17.83
N LYS B 454 70.57 54.99 -18.44
CA LYS B 454 71.44 53.82 -18.25
C LYS B 454 71.87 53.69 -16.79
N HIS B 455 72.21 54.81 -16.16
CA HIS B 455 72.57 54.76 -14.74
C HIS B 455 71.37 54.45 -13.85
N LEU B 456 70.17 54.89 -14.24
CA LEU B 456 68.98 54.56 -13.48
C LEU B 456 68.66 53.08 -13.55
N ARG B 457 68.92 52.46 -14.70
CA ARG B 457 68.65 51.03 -14.86
C ARG B 457 69.54 50.18 -13.95
N HIS B 458 70.69 50.72 -13.52
CA HIS B 458 71.63 49.98 -12.68
C HIS B 458 71.75 50.58 -11.28
N LEU B 459 70.66 51.12 -10.76
CA LEU B 459 70.69 51.85 -9.49
C LEU B 459 70.46 50.91 -8.31
N ASN B 460 71.24 51.12 -7.25
CA ASN B 460 71.10 50.32 -6.02
C ASN B 460 71.64 51.19 -4.88
N PHE B 461 70.73 51.80 -4.12
CA PHE B 461 71.11 52.70 -3.05
C PHE B 461 70.18 52.46 -1.85
N THR B 462 70.42 53.22 -0.78
CA THR B 462 69.68 53.10 0.46
C THR B 462 68.96 54.41 0.76
N ASN B 463 67.71 54.32 1.21
CA ASN B 463 66.92 55.50 1.51
C ASN B 463 67.15 55.95 2.95
N ASN B 464 66.39 56.95 3.38
CA ASN B 464 66.57 57.52 4.71
C ASN B 464 66.07 56.60 5.82
N MET B 465 65.28 55.59 5.49
CA MET B 465 64.75 54.66 6.48
C MET B 465 65.61 53.42 6.66
N GLY B 466 66.72 53.32 5.93
CA GLY B 466 67.63 52.20 6.06
C GLY B 466 67.38 51.05 5.10
N GLU B 467 66.36 51.12 4.26
CA GLU B 467 66.06 50.04 3.33
C GLU B 467 66.73 50.29 1.99
N GLN B 468 66.76 49.25 1.15
CA GLN B 468 67.38 49.33 -0.16
C GLN B 468 66.34 49.65 -1.22
N VAL B 469 66.76 50.43 -2.21
CA VAL B 469 65.91 50.80 -3.34
C VAL B 469 66.63 50.39 -4.63
N THR B 470 65.96 49.59 -5.46
CA THR B 470 66.52 49.16 -6.73
C THR B 470 65.39 48.70 -7.63
N PHE B 471 65.52 48.97 -8.92
CA PHE B 471 64.50 48.62 -9.89
C PHE B 471 64.80 47.28 -10.54
N ASP B 472 63.74 46.53 -10.85
CA ASP B 472 63.88 45.22 -11.47
C ASP B 472 64.11 45.40 -12.98
N GLU B 473 64.08 44.30 -13.72
CA GLU B 473 64.29 44.36 -15.16
C GLU B 473 63.13 44.97 -15.91
N CYS B 474 61.98 45.15 -15.27
CA CYS B 474 60.81 45.77 -15.90
C CYS B 474 60.59 47.19 -15.42
N GLY B 475 61.43 47.70 -14.51
CA GLY B 475 61.25 49.03 -13.97
C GLY B 475 60.29 49.15 -12.82
N ASP B 476 59.87 48.04 -12.22
CA ASP B 476 58.87 48.04 -11.17
C ASP B 476 59.52 47.88 -9.80
N LEU B 477 58.68 47.86 -8.77
CA LEU B 477 59.11 47.66 -7.39
C LEU B 477 58.22 46.61 -6.73
N VAL B 478 58.59 46.23 -5.51
CA VAL B 478 57.81 45.33 -4.69
C VAL B 478 57.53 46.02 -3.36
N GLY B 479 56.32 45.84 -2.85
CA GLY B 479 55.93 46.52 -1.63
C GLY B 479 54.81 45.86 -0.86
N ASN B 480 54.88 45.93 0.47
CA ASN B 480 53.84 45.41 1.33
C ASN B 480 52.55 46.21 1.16
N TYR B 481 51.43 45.56 1.42
CA TYR B 481 50.12 46.21 1.44
C TYR B 481 49.57 46.23 2.86
N SER B 482 48.58 47.09 3.08
CA SER B 482 47.90 47.21 4.35
C SER B 482 46.41 47.17 4.12
N ILE B 483 45.68 46.54 5.05
CA ILE B 483 44.23 46.37 4.96
C ILE B 483 43.58 47.24 6.02
N ILE B 484 42.59 48.03 5.62
CA ILE B 484 41.96 49.01 6.48
C ILE B 484 40.45 48.83 6.44
N ASN B 485 39.79 49.36 7.47
CA ASN B 485 38.33 49.29 7.61
C ASN B 485 37.81 50.67 7.96
N TRP B 486 36.64 51.02 7.44
CA TRP B 486 36.05 52.35 7.62
C TRP B 486 35.17 52.35 8.86
N HIS B 487 35.56 53.13 9.86
CA HIS B 487 34.79 53.29 11.09
C HIS B 487 34.23 54.72 11.15
N LEU B 488 33.58 55.02 12.27
CA LEU B 488 33.01 56.35 12.52
C LEU B 488 33.56 56.90 13.82
N SER B 489 34.00 58.14 13.80
CA SER B 489 34.53 58.79 15.00
C SER B 489 33.39 59.19 15.91
N PRO B 490 33.36 58.73 17.18
CA PRO B 490 32.24 59.10 18.06
C PRO B 490 32.28 60.56 18.49
N GLU B 491 33.46 61.15 18.66
CA GLU B 491 33.55 62.51 19.18
C GLU B 491 33.19 63.55 18.13
N ASP B 492 33.50 63.31 16.86
CA ASP B 492 33.28 64.29 15.80
C ASP B 492 32.26 63.85 14.77
N GLY B 493 32.22 62.56 14.43
CA GLY B 493 31.37 62.08 13.36
C GLY B 493 32.08 61.85 12.04
N SER B 494 33.40 62.00 12.00
CA SER B 494 34.17 61.77 10.79
C SER B 494 34.47 60.29 10.62
N ILE B 495 34.93 59.93 9.42
CA ILE B 495 35.24 58.54 9.09
C ILE B 495 36.68 58.24 9.47
N VAL B 496 36.89 57.17 10.22
CA VAL B 496 38.20 56.78 10.73
C VAL B 496 38.64 55.51 10.00
N PHE B 497 39.90 55.50 9.56
CA PHE B 497 40.49 54.33 8.91
C PHE B 497 41.29 53.55 9.95
N LYS B 498 40.96 52.28 10.12
CA LYS B 498 41.60 51.42 11.11
C LYS B 498 42.28 50.26 10.42
N GLU B 499 43.55 50.02 10.75
CA GLU B 499 44.31 48.93 10.16
C GLU B 499 43.95 47.61 10.83
N VAL B 500 43.60 46.62 10.02
CA VAL B 500 43.10 45.35 10.54
C VAL B 500 43.87 44.18 9.93
N GLY B 501 45.01 44.45 9.34
CA GLY B 501 45.83 43.40 8.77
C GLY B 501 46.76 43.92 7.70
N TYR B 502 47.45 42.98 7.06
CA TYR B 502 48.42 43.31 6.03
C TYR B 502 48.50 42.15 5.04
N TYR B 503 49.16 42.41 3.92
CA TYR B 503 49.36 41.41 2.87
C TYR B 503 50.85 41.35 2.55
N ASN B 504 51.52 40.34 3.08
CA ASN B 504 52.94 40.14 2.80
C ASN B 504 53.14 39.70 1.36
N VAL B 505 54.20 40.20 0.73
CA VAL B 505 54.52 39.86 -0.65
C VAL B 505 55.78 39.02 -0.77
N TYR B 506 56.59 38.93 0.28
CA TYR B 506 57.80 38.12 0.27
C TYR B 506 57.59 36.73 0.83
N ALA B 507 56.36 36.38 1.21
CA ALA B 507 56.06 35.08 1.78
C ALA B 507 55.72 34.08 0.66
N LYS B 508 55.47 32.85 1.06
CA LYS B 508 55.11 31.79 0.13
C LYS B 508 53.66 31.95 -0.32
N LYS B 509 53.36 31.41 -1.49
CA LYS B 509 52.02 31.54 -2.06
C LYS B 509 51.02 30.71 -1.28
N GLY B 510 50.33 31.34 -0.32
CA GLY B 510 49.37 30.64 0.50
C GLY B 510 49.41 31.10 1.95
N GLU B 511 50.48 31.80 2.32
CA GLU B 511 50.66 32.34 3.66
C GLU B 511 51.01 33.82 3.59
N ARG B 512 50.32 34.56 2.72
CA ARG B 512 50.60 35.97 2.51
C ARG B 512 49.61 36.91 3.18
N LEU B 513 48.42 36.42 3.50
CA LEU B 513 47.34 37.27 4.01
C LEU B 513 47.16 37.05 5.49
N PHE B 514 47.14 38.15 6.25
CA PHE B 514 46.85 38.12 7.68
C PHE B 514 45.75 39.13 7.97
N ILE B 515 44.67 38.67 8.59
CA ILE B 515 43.54 39.51 8.94
C ILE B 515 43.14 39.22 10.39
N ASN B 516 42.95 40.28 11.18
CA ASN B 516 42.45 40.17 12.54
C ASN B 516 40.97 40.52 12.52
N GLU B 517 40.12 39.49 12.59
CA GLU B 517 38.68 39.66 12.43
C GLU B 517 38.03 40.31 13.65
N GLU B 518 38.71 40.35 14.79
CA GLU B 518 38.13 40.93 15.99
C GLU B 518 38.05 42.45 15.94
N LYS B 519 38.70 43.10 14.98
CA LYS B 519 38.72 44.55 14.88
C LYS B 519 37.90 45.07 13.69
N ILE B 520 37.02 44.24 13.14
CA ILE B 520 36.25 44.58 11.96
C ILE B 520 34.79 44.75 12.35
N LEU B 521 34.20 45.87 11.96
CA LEU B 521 32.78 46.14 12.15
C LEU B 521 32.12 46.08 10.77
N TRP B 522 31.32 45.05 10.55
CA TRP B 522 30.66 44.88 9.26
C TRP B 522 29.51 45.87 9.13
N SER B 523 29.44 46.54 7.98
CA SER B 523 28.48 47.61 7.70
C SER B 523 28.60 48.79 8.66
N GLY B 524 29.66 48.83 9.46
CA GLY B 524 29.89 49.90 10.40
C GLY B 524 29.42 49.61 11.82
N PHE B 525 28.56 48.60 12.01
CA PHE B 525 27.99 48.34 13.31
C PHE B 525 27.98 46.87 13.73
N SER B 526 28.06 45.92 12.81
CA SER B 526 27.81 44.52 13.12
C SER B 526 29.12 43.75 13.29
N ARG B 527 29.13 42.84 14.26
CA ARG B 527 30.28 41.98 14.52
C ARG B 527 30.11 40.58 13.92
N GLU B 528 29.10 40.39 13.08
CA GLU B 528 28.80 39.09 12.49
C GLU B 528 29.16 39.11 11.02
N VAL B 529 29.88 38.08 10.57
CA VAL B 529 30.29 37.99 9.17
C VAL B 529 29.05 37.79 8.30
N PRO B 530 28.87 38.58 7.24
CA PRO B 530 27.67 38.43 6.40
C PRO B 530 27.72 37.18 5.54
N PHE B 531 26.58 36.88 4.92
CA PHE B 531 26.39 35.69 4.11
C PHE B 531 26.15 36.09 2.65
N SER B 532 26.87 35.45 1.72
CA SER B 532 26.66 35.68 0.29
C SER B 532 27.04 34.43 -0.48
N ASN B 533 26.05 33.55 -0.69
CA ASN B 533 26.37 32.32 -1.38
C ASN B 533 25.33 31.79 -2.38
N CYS B 534 24.23 32.50 -2.61
CA CYS B 534 23.21 32.19 -3.60
C CYS B 534 22.40 30.95 -3.23
N SER B 535 22.80 30.22 -2.20
CA SER B 535 22.11 28.99 -1.82
C SER B 535 22.60 28.52 -0.46
N ARG B 536 21.73 27.82 0.25
CA ARG B 536 22.09 27.18 1.50
C ARG B 536 22.65 25.79 1.24
N ASP B 537 23.53 25.35 2.13
CA ASP B 537 24.19 24.06 1.96
C ASP B 537 23.21 22.92 2.18
N CYS B 538 23.36 21.87 1.36
CA CYS B 538 22.58 20.65 1.56
C CYS B 538 23.06 19.92 2.79
N LEU B 539 22.13 19.52 3.66
CA LEU B 539 22.49 18.87 4.90
C LEU B 539 22.71 17.37 4.68
N ALA B 540 23.09 16.68 5.75
CA ALA B 540 23.30 15.24 5.68
C ALA B 540 21.99 14.53 5.36
N GLY B 541 22.06 13.58 4.43
CA GLY B 541 20.89 12.91 3.94
C GLY B 541 20.30 13.49 2.66
N THR B 542 20.94 14.49 2.07
CA THR B 542 20.43 15.12 0.86
C THR B 542 21.45 15.00 -0.27
N ARG B 543 21.15 15.66 -1.38
CA ARG B 543 21.95 15.51 -2.60
C ARG B 543 21.71 16.73 -3.48
N LYS B 544 22.79 17.25 -4.07
CA LYS B 544 22.71 18.47 -4.87
C LYS B 544 21.93 18.23 -6.16
N GLY B 545 21.22 19.26 -6.59
CA GLY B 545 20.45 19.19 -7.82
C GLY B 545 20.75 20.35 -8.74
N ILE B 546 20.69 20.07 -10.03
CA ILE B 546 21.04 21.06 -11.06
C ILE B 546 19.85 21.96 -11.33
N ILE B 547 20.13 23.25 -11.46
CA ILE B 547 19.17 24.23 -11.96
C ILE B 547 19.63 24.66 -13.34
N GLU B 548 18.77 24.46 -14.33
CA GLU B 548 19.14 24.73 -15.71
C GLU B 548 19.29 26.23 -15.95
N GLY B 549 20.32 26.59 -16.71
CA GLY B 549 20.57 27.99 -17.03
C GLY B 549 21.23 28.81 -15.94
N GLU B 550 21.78 28.17 -14.93
CA GLU B 550 22.39 28.84 -13.79
C GLU B 550 23.78 28.29 -13.54
N PRO B 551 24.67 29.07 -12.94
CA PRO B 551 26.03 28.58 -12.66
C PRO B 551 26.04 27.50 -11.59
N THR B 552 27.22 26.93 -11.39
CA THR B 552 27.36 25.80 -10.47
C THR B 552 27.18 26.19 -9.02
N CYS B 553 27.40 27.47 -8.67
CA CYS B 553 27.31 27.89 -7.27
C CYS B 553 25.88 27.92 -6.74
N CYS B 554 24.87 27.75 -7.60
CA CYS B 554 23.48 27.80 -7.18
C CYS B 554 22.81 26.49 -7.59
N PHE B 555 22.23 25.79 -6.61
CA PHE B 555 21.71 24.45 -6.81
C PHE B 555 20.46 24.26 -5.95
N GLU B 556 20.04 23.00 -5.83
CA GLU B 556 18.93 22.63 -4.96
C GLU B 556 19.21 21.27 -4.35
N CYS B 557 18.54 20.98 -3.24
CA CYS B 557 18.75 19.74 -2.50
C CYS B 557 17.63 18.75 -2.78
N VAL B 558 18.00 17.48 -2.93
CA VAL B 558 17.05 16.39 -3.15
C VAL B 558 17.35 15.28 -2.15
N GLU B 559 16.29 14.69 -1.60
CA GLU B 559 16.45 13.62 -0.64
C GLU B 559 16.96 12.35 -1.33
N CYS B 560 17.83 11.63 -0.63
CA CYS B 560 18.38 10.39 -1.16
C CYS B 560 17.31 9.29 -1.18
N PRO B 561 17.47 8.29 -2.06
CA PRO B 561 16.50 7.20 -2.12
C PRO B 561 16.50 6.32 -0.88
N ASP B 562 15.64 5.30 -0.87
CA ASP B 562 15.44 4.50 0.34
C ASP B 562 16.66 3.69 0.72
N GLY B 563 17.35 3.12 -0.27
CA GLY B 563 18.45 2.22 0.00
C GLY B 563 19.83 2.84 -0.09
N GLU B 564 19.91 4.16 -0.08
CA GLU B 564 21.17 4.89 -0.18
C GLU B 564 21.24 5.91 0.94
N TYR B 565 22.43 6.47 1.14
CA TYR B 565 22.65 7.37 2.27
C TYR B 565 23.65 8.44 1.89
N SER B 566 23.61 9.55 2.63
CA SER B 566 24.53 10.67 2.46
C SER B 566 24.92 11.16 3.84
N ASP B 567 26.22 11.17 4.13
CA ASP B 567 26.72 11.47 5.47
C ASP B 567 27.60 12.71 5.50
N GLU B 568 27.44 13.61 4.55
CA GLU B 568 28.24 14.83 4.51
C GLU B 568 27.36 16.06 4.31
N THR B 569 27.99 17.22 4.12
CA THR B 569 27.31 18.45 3.75
C THR B 569 27.78 18.87 2.37
N ASP B 570 26.84 19.33 1.55
CA ASP B 570 27.11 19.70 0.15
C ASP B 570 27.73 18.52 -0.60
N ALA B 571 27.03 17.40 -0.56
CA ALA B 571 27.43 16.18 -1.28
C ALA B 571 26.58 16.06 -2.54
N SER B 572 27.23 15.78 -3.66
CA SER B 572 26.58 15.78 -4.96
C SER B 572 26.01 14.42 -5.35
N ALA B 573 26.10 13.42 -4.48
CA ALA B 573 25.58 12.10 -4.81
C ALA B 573 25.27 11.34 -3.53
N CYS B 574 24.43 10.32 -3.67
CA CYS B 574 24.07 9.43 -2.57
C CYS B 574 24.79 8.10 -2.75
N ASN B 575 25.49 7.67 -1.72
CA ASN B 575 26.21 6.41 -1.75
C ASN B 575 25.31 5.26 -1.33
N LYS B 576 25.58 4.09 -1.88
CA LYS B 576 24.83 2.89 -1.54
C LYS B 576 25.38 2.23 -0.29
N CYS B 577 24.49 1.61 0.48
CA CYS B 577 24.91 0.83 1.63
C CYS B 577 25.62 -0.44 1.17
N PRO B 578 26.42 -1.06 2.04
CA PRO B 578 27.11 -2.30 1.67
C PRO B 578 26.15 -3.46 1.40
N ASP B 579 26.71 -4.63 1.09
CA ASP B 579 25.90 -5.73 0.57
C ASP B 579 24.83 -6.17 1.55
N ASP B 580 25.15 -6.22 2.84
CA ASP B 580 24.21 -6.69 3.86
C ASP B 580 23.78 -5.58 4.81
N PHE B 581 23.78 -4.34 4.33
CA PHE B 581 23.39 -3.19 5.11
C PHE B 581 22.24 -2.46 4.42
N TRP B 582 21.38 -1.84 5.23
CA TRP B 582 20.26 -1.06 4.74
C TRP B 582 20.19 0.28 5.48
N SER B 583 19.74 1.31 4.78
CA SER B 583 19.66 2.63 5.38
C SER B 583 18.51 2.71 6.37
N ASN B 584 18.64 3.62 7.33
CA ASN B 584 17.62 3.87 8.33
C ASN B 584 16.69 4.99 7.84
N GLU B 585 15.87 5.52 8.76
CA GLU B 585 14.83 6.48 8.37
C GLU B 585 15.42 7.75 7.75
N ASN B 586 16.33 8.42 8.47
CA ASN B 586 17.05 9.54 7.89
C ASN B 586 18.18 8.91 7.10
N HIS B 587 18.27 9.15 5.80
CA HIS B 587 19.29 8.43 5.06
C HIS B 587 20.70 9.03 5.27
N THR B 588 21.13 9.05 6.55
CA THR B 588 22.40 9.64 6.98
C THR B 588 23.47 8.63 7.39
N SER B 589 23.14 7.34 7.44
CA SER B 589 24.03 6.25 7.85
C SER B 589 23.40 4.92 7.48
N CYS B 590 24.22 3.87 7.46
CA CYS B 590 23.75 2.52 7.17
C CYS B 590 23.64 1.72 8.46
N ILE B 591 22.64 0.85 8.52
CA ILE B 591 22.43 -0.04 9.66
C ILE B 591 22.30 -1.47 9.15
N ALA B 592 22.58 -2.42 10.03
CA ALA B 592 22.53 -3.83 9.66
C ALA B 592 21.10 -4.29 9.45
N LYS B 593 20.95 -5.33 8.64
CA LYS B 593 19.63 -5.89 8.35
C LYS B 593 19.13 -6.71 9.55
N GLU B 594 17.93 -7.27 9.40
CA GLU B 594 17.30 -8.06 10.45
C GLU B 594 17.24 -9.51 10.02
N ILE B 595 17.60 -10.41 10.93
CA ILE B 595 17.61 -11.84 10.68
C ILE B 595 16.27 -12.42 11.08
N GLU B 596 15.65 -13.19 10.18
CA GLU B 596 14.33 -13.76 10.40
C GLU B 596 14.43 -15.28 10.44
N PHE B 597 14.11 -15.87 11.58
CA PHE B 597 14.01 -17.31 11.73
C PHE B 597 13.14 -17.59 12.94
N LEU B 598 12.62 -18.82 13.00
CA LEU B 598 11.76 -19.22 14.11
C LEU B 598 12.63 -19.48 15.33
N SER B 599 12.44 -18.69 16.38
CA SER B 599 13.30 -18.68 17.55
C SER B 599 12.65 -19.41 18.71
N TRP B 600 13.49 -19.80 19.67
CA TRP B 600 12.99 -20.46 20.88
C TRP B 600 12.16 -19.49 21.73
N THR B 601 12.60 -18.24 21.85
CA THR B 601 11.97 -17.28 22.75
C THR B 601 10.94 -16.46 21.97
N GLU B 602 9.81 -17.11 21.70
CA GLU B 602 8.66 -16.47 21.10
C GLU B 602 7.44 -17.32 21.42
N PRO B 603 6.24 -16.73 21.41
CA PRO B 603 5.05 -17.51 21.79
C PRO B 603 4.84 -18.78 20.97
N PHE B 604 5.07 -18.70 19.65
CA PHE B 604 4.88 -19.83 18.73
C PHE B 604 5.95 -20.91 18.86
N GLY B 605 7.15 -20.56 19.37
CA GLY B 605 8.15 -21.57 19.66
C GLY B 605 7.99 -22.21 21.03
N ILE B 606 7.46 -21.43 21.99
CA ILE B 606 7.12 -21.96 23.30
C ILE B 606 5.95 -22.94 23.22
N ALA B 607 4.96 -22.63 22.35
CA ALA B 607 3.77 -23.47 22.24
C ALA B 607 4.11 -24.88 21.78
N LEU B 608 5.00 -25.01 20.78
CA LEU B 608 5.31 -26.32 20.24
C LEU B 608 6.23 -27.10 21.16
N THR B 609 7.15 -26.40 21.85
CA THR B 609 8.04 -27.11 22.78
C THR B 609 7.25 -27.79 23.89
N LEU B 610 6.22 -27.12 24.42
CA LEU B 610 5.42 -27.74 25.47
C LEU B 610 4.75 -29.03 24.99
N PHE B 611 4.21 -29.01 23.76
CA PHE B 611 3.58 -30.22 23.21
C PHE B 611 4.58 -31.34 23.03
N ALA B 612 5.77 -31.03 22.52
CA ALA B 612 6.79 -32.06 22.35
C ALA B 612 7.20 -32.66 23.69
N VAL B 613 7.40 -31.82 24.70
CA VAL B 613 7.78 -32.31 26.03
C VAL B 613 6.65 -33.17 26.61
N LEU B 614 5.41 -32.76 26.42
CA LEU B 614 4.28 -33.55 26.91
C LEU B 614 4.23 -34.92 26.25
N GLY B 615 4.44 -34.97 24.93
CA GLY B 615 4.45 -36.25 24.24
C GLY B 615 5.55 -37.16 24.73
N ILE B 616 6.76 -36.60 24.91
CA ILE B 616 7.87 -37.40 25.42
C ILE B 616 7.56 -37.93 26.82
N PHE B 617 7.00 -37.08 27.68
CA PHE B 617 6.66 -37.50 29.04
C PHE B 617 5.61 -38.60 29.04
N LEU B 618 4.59 -38.48 28.19
CA LEU B 618 3.55 -39.51 28.13
C LEU B 618 4.13 -40.84 27.64
N THR B 619 5.00 -40.80 26.63
CA THR B 619 5.62 -42.04 26.15
C THR B 619 6.45 -42.68 27.26
N ALA B 620 7.22 -41.86 27.99
CA ALA B 620 8.02 -42.40 29.08
C ALA B 620 7.14 -43.00 30.16
N PHE B 621 6.02 -42.36 30.47
CA PHE B 621 5.11 -42.89 31.49
C PHE B 621 4.52 -44.23 31.07
N VAL B 622 4.12 -44.37 29.80
CA VAL B 622 3.59 -45.63 29.32
C VAL B 622 4.65 -46.72 29.39
N LEU B 623 5.89 -46.39 28.99
CA LEU B 623 6.97 -47.37 29.09
C LEU B 623 7.22 -47.79 30.53
N GLY B 624 7.18 -46.83 31.46
CA GLY B 624 7.34 -47.17 32.86
C GLY B 624 6.23 -48.08 33.37
N VAL B 625 5.00 -47.84 32.94
CA VAL B 625 3.89 -48.69 33.34
C VAL B 625 4.10 -50.11 32.85
N PHE B 626 4.50 -50.26 31.57
CA PHE B 626 4.78 -51.60 31.07
C PHE B 626 5.92 -52.26 31.84
N ILE B 627 6.97 -51.49 32.16
CA ILE B 627 8.10 -52.07 32.89
C ILE B 627 7.67 -52.58 34.25
N LYS B 628 6.88 -51.77 34.97
CA LYS B 628 6.43 -52.19 36.29
C LYS B 628 5.34 -53.26 36.23
N PHE B 629 4.73 -53.49 35.08
CA PHE B 629 3.73 -54.54 34.91
C PHE B 629 4.15 -55.54 33.83
N ARG B 630 5.42 -55.95 33.85
CA ARG B 630 5.97 -56.73 32.76
C ARG B 630 5.50 -58.18 32.73
N ASN B 631 4.92 -58.67 33.83
CA ASN B 631 4.52 -60.08 33.92
C ASN B 631 3.01 -60.29 33.83
N THR B 632 2.23 -59.22 33.69
CA THR B 632 0.79 -59.38 33.58
C THR B 632 0.43 -59.99 32.23
N PRO B 633 -0.66 -60.76 32.16
CA PRO B 633 -1.03 -61.39 30.89
C PRO B 633 -1.32 -60.41 29.77
N ILE B 634 -1.75 -59.19 30.07
CA ILE B 634 -2.05 -58.22 29.02
C ILE B 634 -0.78 -57.87 28.24
N VAL B 635 0.31 -57.60 28.95
CA VAL B 635 1.55 -57.24 28.27
C VAL B 635 2.23 -58.46 27.67
N LYS B 636 1.98 -59.65 28.22
CA LYS B 636 2.57 -60.87 27.67
C LYS B 636 1.89 -61.33 26.40
N ALA B 637 0.57 -61.14 26.28
CA ALA B 637 -0.14 -61.55 25.08
C ALA B 637 0.38 -60.80 23.87
N THR B 638 0.58 -59.49 24.00
CA THR B 638 1.30 -58.73 23.00
C THR B 638 2.79 -59.07 23.10
N ASN B 639 3.48 -59.00 21.97
CA ASN B 639 4.92 -59.27 21.96
C ASN B 639 5.61 -58.14 22.70
N ARG B 640 5.99 -58.40 23.95
CA ARG B 640 6.51 -57.35 24.82
C ARG B 640 7.93 -56.93 24.47
N GLU B 641 8.62 -57.68 23.61
CA GLU B 641 9.95 -57.30 23.16
C GLU B 641 9.93 -56.43 21.91
N LEU B 642 8.75 -56.17 21.36
CA LEU B 642 8.59 -55.19 20.28
C LEU B 642 7.91 -53.92 20.74
N SER B 643 7.15 -53.96 21.84
CA SER B 643 6.55 -52.75 22.39
C SER B 643 7.62 -51.78 22.87
N TYR B 644 8.70 -52.30 23.45
CA TYR B 644 9.81 -51.45 23.85
C TYR B 644 10.42 -50.75 22.65
N LEU B 645 10.62 -51.47 21.55
CA LEU B 645 11.14 -50.87 20.34
C LEU B 645 10.19 -49.81 19.79
N LEU B 646 8.88 -50.10 19.83
CA LEU B 646 7.89 -49.14 19.36
C LEU B 646 7.92 -47.86 20.20
N LEU B 647 8.02 -47.99 21.52
CA LEU B 647 8.03 -46.82 22.39
C LEU B 647 9.32 -46.02 22.21
N PHE B 648 10.46 -46.70 22.06
CA PHE B 648 11.71 -46.00 21.80
C PHE B 648 11.67 -45.26 20.47
N SER B 649 11.09 -45.88 19.44
CA SER B 649 10.95 -45.22 18.16
C SER B 649 10.01 -44.03 18.24
N LEU B 650 8.96 -44.14 19.05
CA LEU B 650 8.05 -43.02 19.24
C LEU B 650 8.75 -41.86 19.94
N LEU B 651 9.60 -42.16 20.93
CA LEU B 651 10.40 -41.12 21.57
C LEU B 651 11.31 -40.45 20.56
N CYS B 652 11.96 -41.24 19.70
CA CYS B 652 12.83 -40.66 18.68
C CYS B 652 12.04 -39.79 17.71
N CYS B 653 10.84 -40.23 17.32
CA CYS B 653 10.01 -39.45 16.40
C CYS B 653 9.59 -38.14 17.03
N PHE B 654 9.23 -38.16 18.32
CA PHE B 654 8.88 -36.93 19.02
C PHE B 654 10.08 -35.99 19.11
N SER B 655 11.26 -36.53 19.41
CA SER B 655 12.44 -35.70 19.55
C SER B 655 12.97 -35.18 18.22
N SER B 656 12.59 -35.82 17.11
CA SER B 656 13.03 -35.36 15.79
C SER B 656 12.40 -34.05 15.36
N SER B 657 11.40 -33.57 16.09
CA SER B 657 10.77 -32.30 15.76
C SER B 657 11.48 -31.10 16.36
N LEU B 658 12.46 -31.32 17.25
CA LEU B 658 13.21 -30.23 17.85
C LEU B 658 14.26 -29.65 16.91
N PHE B 659 14.56 -30.32 15.80
CA PHE B 659 15.52 -29.82 14.84
C PHE B 659 14.94 -28.74 13.94
N PHE B 660 13.63 -28.50 14.01
CA PHE B 660 12.97 -27.48 13.20
C PHE B 660 12.83 -26.16 13.92
N ILE B 661 13.37 -26.03 15.13
CA ILE B 661 13.25 -24.83 15.93
C ILE B 661 14.63 -24.27 16.18
N GLY B 662 14.78 -22.95 16.00
CA GLY B 662 16.05 -22.28 16.21
C GLY B 662 16.73 -21.95 14.88
N GLU B 663 17.88 -21.30 15.01
CA GLU B 663 18.63 -20.89 13.83
C GLU B 663 19.20 -22.12 13.12
N PRO B 664 18.96 -22.29 11.83
CA PRO B 664 19.52 -23.45 11.12
C PRO B 664 21.04 -23.41 11.10
N GLN B 665 21.64 -24.59 11.15
CA GLN B 665 23.08 -24.75 11.05
C GLN B 665 23.38 -25.78 9.97
N ASP B 666 24.66 -25.90 9.62
CA ASP B 666 25.06 -26.75 8.50
C ASP B 666 24.79 -28.23 8.78
N TRP B 667 24.77 -28.63 10.05
CA TRP B 667 24.53 -30.02 10.39
C TRP B 667 23.08 -30.34 10.74
N THR B 668 22.31 -29.33 11.18
CA THR B 668 20.89 -29.56 11.45
C THR B 668 20.13 -29.88 10.17
N CYS B 669 20.41 -29.15 9.09
CA CYS B 669 19.68 -29.35 7.84
C CYS B 669 20.01 -30.71 7.22
N ARG B 670 21.19 -31.24 7.47
CA ARG B 670 21.54 -32.56 6.97
C ARG B 670 20.87 -33.68 7.74
N LEU B 671 20.64 -33.47 9.04
CA LEU B 671 20.01 -34.46 9.91
C LEU B 671 18.53 -34.21 10.13
N ARG B 672 17.94 -33.26 9.38
CA ARG B 672 16.56 -32.86 9.62
C ARG B 672 15.57 -33.95 9.23
N GLN B 673 15.53 -34.30 7.95
CA GLN B 673 14.51 -35.21 7.41
C GLN B 673 14.81 -36.69 7.64
N PRO B 674 16.04 -37.17 7.44
CA PRO B 674 16.30 -38.61 7.63
C PRO B 674 15.95 -39.11 9.02
N ALA B 675 16.11 -38.28 10.06
CA ALA B 675 15.75 -38.70 11.41
C ALA B 675 14.28 -39.08 11.49
N PHE B 676 13.39 -38.19 11.03
CA PHE B 676 11.97 -38.50 11.06
C PHE B 676 11.64 -39.67 10.14
N GLY B 677 12.28 -39.73 8.97
CA GLY B 677 11.99 -40.82 8.05
C GLY B 677 12.27 -42.18 8.67
N ILE B 678 13.46 -42.33 9.27
CA ILE B 678 13.82 -43.60 9.91
C ILE B 678 12.93 -43.87 11.12
N SER B 679 12.68 -42.84 11.95
CA SER B 679 11.88 -43.04 13.16
C SER B 679 10.46 -43.48 12.85
N PHE B 680 9.91 -43.00 11.73
CA PHE B 680 8.55 -43.39 11.37
C PHE B 680 8.51 -44.71 10.62
N VAL B 681 9.50 -45.01 9.79
CA VAL B 681 9.53 -46.32 9.13
C VAL B 681 9.70 -47.43 10.15
N LEU B 682 10.49 -47.19 11.19
CA LEU B 682 10.63 -48.19 12.25
C LEU B 682 9.30 -48.42 12.95
N CYS B 683 8.56 -47.35 13.27
CA CYS B 683 7.25 -47.55 13.88
C CYS B 683 6.30 -48.32 12.95
N ILE B 684 6.28 -47.97 11.66
CA ILE B 684 5.39 -48.64 10.72
C ILE B 684 5.73 -50.13 10.63
N SER B 685 7.01 -50.47 10.58
CA SER B 685 7.41 -51.86 10.51
C SER B 685 7.03 -52.61 11.79
N CYS B 686 7.22 -51.98 12.96
CA CYS B 686 6.85 -52.63 14.21
C CYS B 686 5.35 -52.90 14.26
N ILE B 687 4.54 -51.94 13.79
CA ILE B 687 3.10 -52.16 13.74
C ILE B 687 2.76 -53.28 12.76
N LEU B 688 3.41 -53.29 11.60
CA LEU B 688 3.09 -54.25 10.55
C LEU B 688 3.48 -55.67 10.95
N VAL B 689 4.41 -55.82 11.89
CA VAL B 689 4.87 -57.17 12.34
C VAL B 689 3.70 -57.88 13.05
N LYS B 690 2.92 -57.13 13.83
CA LYS B 690 1.82 -57.74 14.63
C LYS B 690 0.59 -58.04 13.75
N THR B 691 0.52 -57.45 12.54
CA THR B 691 -0.70 -57.65 11.71
C THR B 691 -0.91 -59.14 11.45
N ASN B 692 -2.16 -59.64 11.46
CA ASN B 692 -2.43 -61.10 11.38
C ASN B 692 -1.96 -61.77 10.08
N ARG B 693 -2.16 -61.15 8.92
CA ARG B 693 -1.87 -61.85 7.64
C ARG B 693 -0.44 -61.57 7.13
N VAL B 694 0.42 -60.98 7.95
CA VAL B 694 1.77 -60.62 7.43
C VAL B 694 2.83 -61.67 7.78
N LEU B 695 3.03 -61.99 9.07
CA LEU B 695 4.13 -62.90 9.40
C LEU B 695 3.94 -64.27 8.75
N LEU B 696 2.67 -64.69 8.61
CA LEU B 696 2.34 -65.94 7.93
C LEU B 696 2.74 -65.93 6.45
N VAL B 697 2.42 -64.86 5.72
CA VAL B 697 2.64 -64.90 4.28
C VAL B 697 4.15 -64.85 3.96
N PHE B 698 5.01 -64.70 4.98
CA PHE B 698 6.45 -64.84 4.74
C PHE B 698 7.06 -66.12 5.33
N GLU B 699 6.69 -67.29 4.81
CA GLU B 699 7.24 -68.59 5.22
C GLU B 699 7.32 -68.73 6.73
N ALA B 700 6.27 -68.31 7.42
CA ALA B 700 6.26 -68.59 8.85
C ALA B 700 6.41 -70.08 9.09
N LYS B 701 5.72 -70.87 8.28
CA LYS B 701 5.74 -72.31 8.31
C LYS B 701 5.74 -72.81 9.73
N ASN B 714 13.95 -65.75 15.31
CA ASN B 714 13.72 -64.32 15.18
C ASN B 714 13.44 -63.93 13.73
N LEU B 715 12.26 -64.28 13.24
CA LEU B 715 11.84 -63.94 11.88
C LEU B 715 11.09 -62.63 11.82
N GLN B 716 10.95 -61.93 12.95
CA GLN B 716 10.31 -60.62 13.00
C GLN B 716 11.31 -59.48 13.08
N PHE B 717 12.36 -59.64 13.89
CA PHE B 717 13.45 -58.66 13.89
C PHE B 717 14.13 -58.61 12.53
N LEU B 718 14.22 -59.74 11.84
CA LEU B 718 14.74 -59.75 10.48
C LEU B 718 13.86 -58.90 9.57
N LEU B 719 12.54 -59.02 9.69
CA LEU B 719 11.64 -58.22 8.88
C LEU B 719 11.81 -56.72 9.18
N VAL B 720 11.93 -56.38 10.46
CA VAL B 720 12.11 -54.98 10.84
C VAL B 720 13.41 -54.43 10.27
N PHE B 721 14.49 -55.20 10.39
CA PHE B 721 15.78 -54.77 9.87
C PHE B 721 15.75 -54.60 8.35
N LEU B 722 15.12 -55.54 7.65
CA LEU B 722 15.01 -55.42 6.20
C LEU B 722 14.19 -54.20 5.81
N CYS B 723 13.15 -53.89 6.59
CA CYS B 723 12.32 -52.72 6.29
C CYS B 723 13.10 -51.43 6.49
N THR B 724 13.92 -51.35 7.54
CA THR B 724 14.68 -50.12 7.81
C THR B 724 15.92 -49.98 6.93
N PHE B 725 16.42 -51.08 6.38
CA PHE B 725 17.66 -51.04 5.62
C PHE B 725 17.54 -50.17 4.37
N MET B 726 16.39 -50.23 3.69
CA MET B 726 16.22 -49.42 2.48
C MET B 726 16.26 -47.94 2.79
N GLN B 727 15.60 -47.52 3.87
CA GLN B 727 15.67 -46.12 4.28
C GLN B 727 17.09 -45.72 4.64
N ILE B 728 17.80 -46.60 5.35
CA ILE B 728 19.18 -46.29 5.75
C ILE B 728 20.06 -46.08 4.53
N VAL B 729 19.97 -46.98 3.55
CA VAL B 729 20.82 -46.88 2.37
C VAL B 729 20.42 -45.68 1.51
N ILE B 730 19.13 -45.37 1.43
CA ILE B 730 18.70 -44.21 0.67
C ILE B 730 19.26 -42.94 1.30
N CYS B 731 19.18 -42.83 2.62
CA CYS B 731 19.72 -41.65 3.30
C CYS B 731 21.24 -41.56 3.11
N VAL B 732 21.93 -42.71 3.15
CA VAL B 732 23.37 -42.71 2.99
C VAL B 732 23.75 -42.20 1.59
N ILE B 733 23.07 -42.71 0.56
CA ILE B 733 23.38 -42.27 -0.80
C ILE B 733 23.04 -40.80 -1.00
N TRP B 734 21.92 -40.36 -0.41
CA TRP B 734 21.54 -38.95 -0.51
C TRP B 734 22.62 -38.06 0.12
N LEU B 735 23.01 -38.34 1.35
CA LEU B 735 24.02 -37.52 2.01
C LEU B 735 25.41 -37.70 1.42
N TYR B 736 25.62 -38.74 0.60
CA TYR B 736 26.92 -38.92 -0.05
C TYR B 736 27.01 -38.14 -1.36
N THR B 737 26.10 -38.40 -2.30
CA THR B 737 26.23 -37.81 -3.63
C THR B 737 25.82 -36.34 -3.65
N ALA B 738 24.88 -35.92 -2.80
CA ALA B 738 24.39 -34.55 -2.83
C ALA B 738 23.79 -34.18 -1.48
N PRO B 739 24.60 -33.70 -0.53
CA PRO B 739 24.09 -33.43 0.81
C PRO B 739 23.32 -32.12 0.86
N PRO B 740 22.44 -31.97 1.84
CA PRO B 740 21.84 -30.66 2.10
C PRO B 740 22.85 -29.73 2.77
N SER B 741 22.47 -28.46 2.87
CA SER B 741 23.34 -27.44 3.43
C SER B 741 22.48 -26.31 3.98
N SER B 742 23.13 -25.19 4.31
CA SER B 742 22.46 -24.01 4.82
C SER B 742 22.56 -22.87 3.81
N TYR B 743 21.65 -21.91 3.91
CA TYR B 743 21.58 -20.82 2.95
C TYR B 743 21.05 -19.57 3.62
N ARG B 744 21.56 -18.42 3.20
CA ARG B 744 21.09 -17.11 3.63
C ARG B 744 20.32 -16.49 2.48
N ASN B 745 19.01 -16.32 2.66
CA ASN B 745 18.13 -15.81 1.62
C ASN B 745 18.09 -14.30 1.70
N GLN B 746 18.46 -13.63 0.60
CA GLN B 746 18.38 -12.18 0.50
C GLN B 746 17.52 -11.73 -0.68
N GLU B 747 16.79 -12.65 -1.31
CA GLU B 747 15.94 -12.33 -2.46
C GLU B 747 14.46 -12.32 -2.13
N LEU B 748 14.07 -12.79 -0.94
CA LEU B 748 12.68 -12.70 -0.53
C LEU B 748 12.27 -11.26 -0.23
N GLU B 749 13.14 -10.51 0.45
CA GLU B 749 12.90 -9.11 0.76
C GLU B 749 14.23 -8.39 0.75
N ASP B 750 14.17 -7.04 0.71
CA ASP B 750 15.36 -6.22 0.62
C ASP B 750 15.86 -5.70 1.97
N GLU B 751 15.08 -5.86 3.04
CA GLU B 751 15.46 -5.31 4.34
C GLU B 751 15.61 -6.37 5.42
N ILE B 752 15.39 -7.64 5.12
CA ILE B 752 15.52 -8.71 6.11
C ILE B 752 16.36 -9.83 5.52
N ILE B 753 16.95 -10.63 6.41
CA ILE B 753 17.75 -11.78 6.05
C ILE B 753 17.03 -13.02 6.57
N PHE B 754 16.74 -13.95 5.67
CA PHE B 754 16.03 -15.19 6.00
C PHE B 754 16.98 -16.37 5.83
N ILE B 755 17.03 -17.24 6.83
CA ILE B 755 17.93 -18.39 6.86
C ILE B 755 17.11 -19.64 6.59
N THR B 756 17.53 -20.43 5.61
CA THR B 756 16.84 -21.65 5.22
C THR B 756 17.86 -22.68 4.76
N CYS B 757 17.42 -23.92 4.63
CA CYS B 757 18.28 -25.04 4.26
C CYS B 757 17.89 -25.51 2.86
N HIS B 758 18.86 -25.55 1.96
CA HIS B 758 18.65 -26.17 0.65
C HIS B 758 18.51 -27.68 0.87
N GLU B 759 17.83 -28.37 -0.03
CA GLU B 759 17.65 -29.80 0.20
C GLU B 759 18.43 -30.69 -0.75
N GLY B 760 19.38 -30.11 -1.49
CA GLY B 760 20.25 -30.95 -2.29
C GLY B 760 19.49 -31.51 -3.46
N SER B 761 19.16 -32.80 -3.39
CA SER B 761 18.42 -33.49 -4.43
C SER B 761 17.01 -33.83 -3.94
N LEU B 762 16.00 -33.44 -4.71
CA LEU B 762 14.63 -33.82 -4.42
C LEU B 762 14.34 -35.26 -4.80
N MET B 763 15.17 -35.86 -5.65
CA MET B 763 15.01 -37.24 -6.09
C MET B 763 15.25 -38.25 -4.97
N ALA B 764 15.79 -37.83 -3.84
CA ALA B 764 15.93 -38.70 -2.68
C ALA B 764 14.85 -38.45 -1.63
N LEU B 765 14.45 -37.19 -1.43
CA LEU B 765 13.31 -36.92 -0.56
C LEU B 765 12.05 -37.56 -1.10
N GLY B 766 11.85 -37.51 -2.42
CA GLY B 766 10.70 -38.18 -3.01
C GLY B 766 10.70 -39.67 -2.75
N PHE B 767 11.88 -40.30 -2.88
CA PHE B 767 11.97 -41.74 -2.59
C PHE B 767 11.68 -42.04 -1.13
N LEU B 768 12.20 -41.23 -0.22
CA LEU B 768 11.90 -41.43 1.20
C LEU B 768 10.39 -41.37 1.45
N ILE B 769 9.74 -40.33 0.95
CA ILE B 769 8.31 -40.17 1.17
C ILE B 769 7.54 -41.31 0.52
N GLY B 770 7.94 -41.72 -0.67
CA GLY B 770 7.24 -42.80 -1.35
C GLY B 770 7.34 -44.12 -0.60
N TYR B 771 8.54 -44.46 -0.12
CA TYR B 771 8.70 -45.70 0.65
C TYR B 771 7.89 -45.65 1.94
N THR B 772 7.94 -44.51 2.65
CA THR B 772 7.19 -44.39 3.91
C THR B 772 5.67 -44.51 3.69
N CYS B 773 5.18 -43.90 2.61
CA CYS B 773 3.75 -43.98 2.31
C CYS B 773 3.35 -45.37 1.86
N LEU B 774 4.21 -46.04 1.07
CA LEU B 774 3.88 -47.39 0.61
C LEU B 774 3.79 -48.37 1.78
N LEU B 775 4.74 -48.27 2.73
CA LEU B 775 4.67 -49.15 3.89
C LEU B 775 3.40 -48.91 4.69
N ALA B 776 3.04 -47.64 4.90
CA ALA B 776 1.81 -47.36 5.64
C ALA B 776 0.57 -47.87 4.89
N ALA B 777 0.55 -47.73 3.57
CA ALA B 777 -0.58 -48.23 2.79
C ALA B 777 -0.71 -49.74 2.90
N ILE B 778 0.41 -50.47 2.83
CA ILE B 778 0.36 -51.92 2.97
C ILE B 778 -0.14 -52.30 4.36
N CYS B 779 0.38 -51.65 5.40
CA CYS B 779 -0.06 -51.95 6.75
C CYS B 779 -1.54 -51.67 6.93
N PHE B 780 -2.03 -50.54 6.40
CA PHE B 780 -3.45 -50.22 6.52
C PHE B 780 -4.31 -51.24 5.80
N PHE B 781 -3.91 -51.65 4.59
CA PHE B 781 -4.69 -52.64 3.86
C PHE B 781 -4.78 -53.95 4.63
N PHE B 782 -3.63 -54.42 5.14
CA PHE B 782 -3.62 -55.70 5.85
C PHE B 782 -4.40 -55.63 7.16
N ALA B 783 -4.36 -54.48 7.84
CA ALA B 783 -5.12 -54.36 9.08
C ALA B 783 -6.62 -54.25 8.81
N PHE B 784 -7.00 -53.51 7.76
CA PHE B 784 -8.41 -53.33 7.45
C PHE B 784 -9.05 -54.61 6.93
N LYS B 785 -8.29 -55.44 6.22
CA LYS B 785 -8.86 -56.68 5.71
C LYS B 785 -9.32 -57.62 6.82
N SER B 786 -8.82 -57.45 8.05
CA SER B 786 -9.14 -58.34 9.16
C SER B 786 -9.45 -57.54 10.41
N ARG B 787 -10.33 -56.55 10.28
CA ARG B 787 -10.66 -55.66 11.39
C ARG B 787 -11.74 -56.22 12.31
N LYS B 788 -12.34 -57.36 11.98
CA LYS B 788 -13.44 -57.92 12.76
C LYS B 788 -12.98 -58.88 13.85
N LEU B 789 -11.69 -59.19 13.92
CA LEU B 789 -11.19 -60.16 14.88
C LEU B 789 -10.84 -59.48 16.20
N PRO B 790 -11.45 -59.84 17.32
CA PRO B 790 -11.11 -59.24 18.62
C PRO B 790 -9.98 -59.99 19.33
N GLU B 791 -8.84 -60.10 18.65
CA GLU B 791 -7.74 -60.90 19.19
C GLU B 791 -7.20 -60.32 20.49
N ASN B 792 -6.86 -59.03 20.48
CA ASN B 792 -6.31 -58.37 21.67
C ASN B 792 -6.99 -57.00 21.81
N PHE B 793 -8.14 -56.98 22.50
CA PHE B 793 -8.87 -55.75 22.77
C PHE B 793 -9.13 -54.96 21.49
N ASN B 794 -9.50 -55.67 20.42
CA ASN B 794 -9.77 -55.07 19.12
C ASN B 794 -8.56 -54.28 18.61
N GLU B 795 -7.44 -54.99 18.47
CA GLU B 795 -6.20 -54.34 18.05
C GLU B 795 -6.21 -53.98 16.58
N ALA B 796 -6.88 -54.78 15.74
CA ALA B 796 -6.86 -54.55 14.30
C ALA B 796 -7.66 -53.33 13.87
N LYS B 797 -8.42 -52.71 14.77
CA LYS B 797 -9.22 -51.54 14.45
C LYS B 797 -8.46 -50.24 14.70
N PHE B 798 -7.72 -50.18 15.81
CA PHE B 798 -6.97 -48.97 16.12
C PHE B 798 -5.82 -48.74 15.16
N ILE B 799 -5.26 -49.83 14.60
CA ILE B 799 -4.24 -49.68 13.56
C ILE B 799 -4.83 -48.97 12.34
N THR B 800 -6.03 -49.39 11.92
CA THR B 800 -6.70 -48.72 10.81
C THR B 800 -6.98 -47.26 11.14
N PHE B 801 -7.43 -46.99 12.37
CA PHE B 801 -7.70 -45.61 12.78
C PHE B 801 -6.43 -44.76 12.68
N SER B 802 -5.31 -45.28 13.19
CA SER B 802 -4.06 -44.53 13.17
C SER B 802 -3.57 -44.30 11.74
N MET B 803 -3.68 -45.31 10.88
CA MET B 803 -3.27 -45.13 9.49
C MET B 803 -4.11 -44.07 8.79
N LEU B 804 -5.43 -44.09 9.02
CA LEU B 804 -6.30 -43.07 8.45
C LEU B 804 -5.92 -41.68 8.95
N ILE B 805 -5.61 -41.57 10.26
CA ILE B 805 -5.21 -40.28 10.81
C ILE B 805 -3.92 -39.78 10.15
N PHE B 806 -2.94 -40.69 9.97
CA PHE B 806 -1.68 -40.32 9.32
C PHE B 806 -1.91 -39.81 7.90
N PHE B 807 -2.71 -40.55 7.13
CA PHE B 807 -2.98 -40.14 5.75
C PHE B 807 -3.70 -38.80 5.70
N ILE B 808 -4.70 -38.61 6.58
CA ILE B 808 -5.43 -37.36 6.60
C ILE B 808 -4.50 -36.20 6.94
N VAL B 809 -3.64 -36.38 7.94
CA VAL B 809 -2.74 -35.32 8.37
C VAL B 809 -1.83 -34.89 7.24
N TRP B 810 -1.25 -35.85 6.52
CA TRP B 810 -0.31 -35.44 5.47
C TRP B 810 -1.01 -34.89 4.23
N ILE B 811 -2.18 -35.45 3.87
CA ILE B 811 -2.94 -34.88 2.76
C ILE B 811 -3.36 -33.46 3.07
N SER B 812 -3.71 -33.17 4.32
CA SER B 812 -4.02 -31.80 4.70
C SER B 812 -2.75 -30.94 4.79
N PHE B 813 -1.60 -31.56 5.07
CA PHE B 813 -0.35 -30.81 5.13
C PHE B 813 0.06 -30.29 3.76
N ILE B 814 -0.23 -31.04 2.71
CA ILE B 814 0.19 -30.64 1.36
C ILE B 814 -0.23 -29.20 1.04
N PRO B 815 -1.54 -28.86 1.04
CA PRO B 815 -1.92 -27.49 0.67
C PRO B 815 -1.43 -26.42 1.63
N ALA B 816 -1.31 -26.74 2.92
CA ALA B 816 -0.82 -25.77 3.91
C ALA B 816 0.66 -25.47 3.69
N TYR B 817 1.45 -26.49 3.37
CA TYR B 817 2.85 -26.24 3.03
C TYR B 817 2.97 -25.47 1.72
N ALA B 818 2.10 -25.77 0.75
CA ALA B 818 2.21 -25.14 -0.56
C ALA B 818 1.89 -23.65 -0.53
N SER B 819 1.32 -23.13 0.55
CA SER B 819 0.86 -21.74 0.60
C SER B 819 1.38 -21.01 1.83
N THR B 820 2.61 -21.31 2.25
CA THR B 820 3.22 -20.65 3.39
C THR B 820 4.59 -20.11 3.00
N TYR B 821 4.89 -18.89 3.43
CA TYR B 821 6.15 -18.22 3.11
C TYR B 821 6.80 -17.71 4.39
N GLY B 822 8.13 -17.76 4.43
CA GLY B 822 8.87 -17.16 5.52
C GLY B 822 9.29 -18.13 6.61
N LYS B 823 9.16 -17.69 7.87
CA LYS B 823 9.64 -18.43 9.02
C LYS B 823 8.65 -19.49 9.51
N PHE B 824 7.47 -19.59 8.91
CA PHE B 824 6.43 -20.49 9.39
C PHE B 824 6.42 -21.84 8.67
N VAL B 825 7.38 -22.09 7.78
CA VAL B 825 7.50 -23.41 7.18
C VAL B 825 7.81 -24.46 8.24
N SER B 826 8.73 -24.13 9.16
CA SER B 826 8.96 -25.00 10.31
C SER B 826 7.69 -25.17 11.12
N ALA B 827 6.90 -24.10 11.26
CA ALA B 827 5.67 -24.18 12.02
C ALA B 827 4.70 -25.18 11.41
N VAL B 828 4.56 -25.17 10.07
CA VAL B 828 3.63 -26.10 9.44
C VAL B 828 4.22 -27.51 9.37
N GLU B 829 5.54 -27.67 9.43
CA GLU B 829 6.13 -29.00 9.39
C GLU B 829 6.21 -29.68 10.75
N VAL B 830 6.19 -28.93 11.85
CA VAL B 830 6.23 -29.55 13.18
C VAL B 830 4.87 -30.11 13.57
N ILE B 831 3.80 -29.41 13.17
CA ILE B 831 2.46 -29.75 13.61
C ILE B 831 2.05 -31.13 13.09
N ALA B 832 2.36 -31.43 11.83
CA ALA B 832 2.02 -32.73 11.27
C ALA B 832 2.74 -33.85 11.99
N ILE B 833 4.03 -33.65 12.31
CA ILE B 833 4.79 -34.65 13.04
C ILE B 833 4.15 -34.90 14.40
N LEU B 834 3.82 -33.83 15.12
CA LEU B 834 3.22 -33.99 16.44
C LEU B 834 1.88 -34.71 16.35
N ALA B 835 1.05 -34.34 15.37
CA ALA B 835 -0.27 -34.95 15.24
C ALA B 835 -0.15 -36.44 14.95
N ALA B 836 0.70 -36.82 13.99
CA ALA B 836 0.85 -38.23 13.64
C ALA B 836 1.39 -39.04 14.82
N SER B 837 2.41 -38.50 15.50
CA SER B 837 2.98 -39.23 16.63
C SER B 837 1.96 -39.40 17.76
N PHE B 838 1.21 -38.33 18.08
CA PHE B 838 0.20 -38.43 19.13
C PHE B 838 -0.88 -39.43 18.75
N GLY B 839 -1.33 -39.41 17.49
CA GLY B 839 -2.35 -40.36 17.07
C GLY B 839 -1.87 -41.80 17.21
N LEU B 840 -0.66 -42.08 16.73
CA LEU B 840 -0.12 -43.43 16.87
C LEU B 840 -0.04 -43.86 18.33
N LEU B 841 0.59 -43.03 19.16
CA LEU B 841 0.79 -43.39 20.56
C LEU B 841 -0.54 -43.62 21.27
N ALA B 842 -1.48 -42.68 21.12
CA ALA B 842 -2.78 -42.82 21.75
C ALA B 842 -3.47 -44.09 21.30
N CYS B 843 -3.75 -44.18 19.99
CA CYS B 843 -4.53 -45.30 19.46
C CYS B 843 -3.91 -46.65 19.74
N ILE B 844 -2.60 -46.71 19.95
CA ILE B 844 -1.98 -48.00 20.24
C ILE B 844 -1.98 -48.33 21.72
N PHE B 845 -1.62 -47.38 22.59
CA PHE B 845 -1.33 -47.75 23.97
C PHE B 845 -2.33 -47.26 25.00
N PHE B 846 -3.06 -46.17 24.74
CA PHE B 846 -3.90 -45.58 25.78
C PHE B 846 -5.11 -46.43 26.08
N ASN B 847 -5.49 -47.34 25.19
CA ASN B 847 -6.56 -48.28 25.50
C ASN B 847 -6.15 -49.23 26.62
N LYS B 848 -4.99 -49.87 26.48
CA LYS B 848 -4.55 -50.86 27.48
C LYS B 848 -4.05 -50.19 28.75
N ILE B 849 -3.44 -49.00 28.64
CA ILE B 849 -2.97 -48.32 29.84
C ILE B 849 -4.13 -48.04 30.79
N TYR B 850 -5.33 -47.84 30.24
CA TYR B 850 -6.49 -47.63 31.10
C TYR B 850 -6.78 -48.84 31.94
N ILE B 851 -6.90 -50.03 31.32
CA ILE B 851 -7.17 -51.24 32.08
C ILE B 851 -6.06 -51.51 33.10
N ILE B 852 -4.82 -51.22 32.71
CA ILE B 852 -3.66 -51.55 33.60
C ILE B 852 -3.57 -50.60 34.80
N LEU B 853 -3.81 -49.30 34.59
CA LEU B 853 -3.67 -48.30 35.69
C LEU B 853 -4.80 -47.25 35.58
N PHE B 854 -5.30 -46.73 36.71
CA PHE B 854 -6.43 -45.76 36.78
C PHE B 854 -7.76 -46.48 36.53
N LYS B 855 -7.74 -47.82 36.55
CA LYS B 855 -8.97 -48.62 36.27
C LYS B 855 -8.80 -50.00 36.89
N PRO B 856 -9.85 -50.86 36.94
CA PRO B 856 -9.73 -52.13 37.66
C PRO B 856 -8.63 -53.05 37.17
N SER B 857 -7.80 -53.53 38.11
CA SER B 857 -6.73 -54.47 37.75
C SER B 857 -7.28 -55.84 37.33
N ARG B 858 -8.21 -56.39 38.09
CA ARG B 858 -8.71 -57.77 37.82
C ARG B 858 -9.46 -57.84 36.49
N ASN B 859 -10.24 -56.80 36.19
CA ASN B 859 -11.08 -56.87 34.97
C ASN B 859 -10.21 -57.02 33.73
N THR B 860 -10.52 -57.98 32.88
CA THR B 860 -9.82 -58.11 31.57
C THR B 860 -8.31 -58.15 31.72
N ILE B 861 -7.76 -58.82 32.73
CA ILE B 861 -6.28 -58.99 32.80
C ILE B 861 -6.01 -60.49 32.76
N GLU B 862 -7.06 -61.31 32.86
CA GLU B 862 -6.87 -62.74 32.87
C GLU B 862 -6.49 -63.23 31.48
N GLU B 863 -6.04 -64.49 31.44
CA GLU B 863 -5.60 -65.09 30.20
C GLU B 863 -6.76 -65.42 29.25
N VAL B 864 -8.01 -65.32 29.72
CA VAL B 864 -9.16 -65.63 28.88
C VAL B 864 -9.92 -64.39 28.44
N ARG B 865 -9.82 -63.28 29.18
CA ARG B 865 -10.53 -62.07 28.75
C ARG B 865 -9.91 -61.46 27.50
N CYS B 866 -8.59 -61.61 27.33
CA CYS B 866 -7.94 -61.10 26.13
C CYS B 866 -8.46 -61.80 24.88
N SER B 867 -8.64 -63.12 24.95
CA SER B 867 -9.16 -63.87 23.81
C SER B 867 -10.57 -63.42 23.45
N THR B 868 -11.43 -63.21 24.45
CA THR B 868 -12.81 -62.76 24.31
C THR B 868 -13.53 -63.32 23.08
N ALA C 7 -68.47 -20.00 52.48
CA ALA C 7 -68.00 -20.85 53.57
C ALA C 7 -68.08 -22.32 53.19
N GLU C 8 -69.30 -22.80 52.98
CA GLU C 8 -69.48 -24.20 52.56
C GLU C 8 -68.83 -24.45 51.21
N ASP C 9 -68.98 -23.51 50.28
CA ASP C 9 -68.33 -23.63 48.98
C ASP C 9 -66.82 -23.68 49.15
N LYS C 10 -66.26 -22.83 50.02
CA LYS C 10 -64.83 -22.84 50.27
C LYS C 10 -64.38 -24.21 50.78
N ALA C 11 -65.04 -24.71 51.82
CA ALA C 11 -64.66 -25.99 52.41
C ALA C 11 -64.75 -27.11 51.37
N ALA C 12 -65.79 -27.09 50.53
CA ALA C 12 -65.85 -28.05 49.44
C ALA C 12 -64.67 -27.89 48.49
N VAL C 13 -64.20 -26.66 48.29
CA VAL C 13 -63.05 -26.43 47.41
C VAL C 13 -61.79 -27.09 47.99
N GLU C 14 -61.52 -26.88 49.28
CA GLU C 14 -60.33 -27.53 49.85
C GLU C 14 -60.48 -29.05 49.86
N ARG C 15 -61.69 -29.56 50.13
CA ARG C 15 -61.88 -31.00 50.08
C ARG C 15 -61.60 -31.55 48.70
N SER C 16 -62.08 -30.86 47.66
CA SER C 16 -61.84 -31.31 46.30
C SER C 16 -60.35 -31.25 45.96
N LYS C 17 -59.67 -30.19 46.40
CA LYS C 17 -58.24 -30.08 46.12
C LYS C 17 -57.45 -31.20 46.78
N MET C 18 -57.78 -31.52 48.03
CA MET C 18 -57.10 -32.62 48.71
C MET C 18 -57.39 -33.95 48.02
N ILE C 19 -58.64 -34.16 47.58
CA ILE C 19 -58.98 -35.38 46.87
C ILE C 19 -58.18 -35.48 45.58
N ASP C 20 -58.06 -34.36 44.85
CA ASP C 20 -57.30 -34.37 43.60
C ASP C 20 -55.84 -34.68 43.86
N ARG C 21 -55.26 -34.13 44.92
CA ARG C 21 -53.88 -34.43 45.26
C ARG C 21 -53.70 -35.91 45.56
N ASN C 22 -54.62 -36.49 46.34
CA ASN C 22 -54.52 -37.91 46.67
C ASN C 22 -54.62 -38.78 45.42
N LEU C 23 -55.56 -38.45 44.53
CA LEU C 23 -55.69 -39.22 43.29
C LEU C 23 -54.44 -39.09 42.42
N ARG C 24 -53.86 -37.89 42.34
CA ARG C 24 -52.65 -37.71 41.56
C ARG C 24 -51.51 -38.57 42.11
N GLU C 25 -51.33 -38.57 43.43
CA GLU C 25 -50.27 -39.38 44.02
C GLU C 25 -50.52 -40.87 43.81
N ASP C 26 -51.77 -41.31 43.94
CA ASP C 26 -52.09 -42.71 43.73
C ASP C 26 -51.80 -43.13 42.29
N GLY C 27 -52.22 -42.30 41.33
CA GLY C 27 -51.93 -42.63 39.94
C GLY C 27 -50.45 -42.64 39.63
N GLU C 28 -49.70 -41.69 40.19
CA GLU C 28 -48.26 -41.66 39.98
C GLU C 28 -47.59 -42.91 40.54
N LYS C 29 -48.01 -43.34 41.73
CA LYS C 29 -47.44 -44.56 42.30
C LYS C 29 -47.83 -45.79 41.50
N ALA C 30 -49.07 -45.86 41.02
CA ALA C 30 -49.52 -47.04 40.29
C ALA C 30 -48.95 -47.12 38.88
N ALA C 31 -48.54 -46.00 38.31
CA ALA C 31 -48.02 -46.01 36.94
C ALA C 31 -46.67 -46.70 36.81
N LYS C 32 -46.00 -47.03 37.91
CA LYS C 32 -44.67 -47.62 37.89
C LYS C 32 -44.68 -49.11 38.18
N GLU C 33 -45.67 -49.84 37.70
CA GLU C 33 -45.76 -51.28 37.92
C GLU C 33 -46.05 -51.99 36.61
N VAL C 34 -45.54 -53.21 36.49
CA VAL C 34 -45.71 -54.04 35.31
C VAL C 34 -46.84 -55.02 35.57
N LYS C 35 -47.85 -55.00 34.71
CA LYS C 35 -49.02 -55.86 34.85
C LYS C 35 -48.96 -56.97 33.80
N LEU C 36 -49.07 -58.21 34.25
CA LEU C 36 -48.97 -59.39 33.41
C LEU C 36 -50.25 -60.22 33.53
N LEU C 37 -50.80 -60.61 32.39
CA LEU C 37 -51.96 -61.49 32.34
C LEU C 37 -51.49 -62.91 32.07
N LEU C 38 -51.80 -63.82 32.98
CA LEU C 38 -51.31 -65.20 32.94
C LEU C 38 -52.42 -66.10 32.41
N LEU C 39 -52.36 -66.42 31.12
CA LEU C 39 -53.29 -67.35 30.51
C LEU C 39 -52.66 -68.75 30.53
N GLY C 40 -53.30 -69.69 29.87
CA GLY C 40 -52.82 -71.05 29.81
C GLY C 40 -53.97 -72.04 29.73
N ALA C 41 -53.69 -73.19 29.14
CA ALA C 41 -54.70 -74.23 28.99
C ALA C 41 -54.93 -74.94 30.32
N GLY C 42 -56.08 -75.63 30.42
CA GLY C 42 -56.44 -76.29 31.69
C GLY C 42 -55.54 -77.46 32.03
N GLU C 43 -55.29 -77.70 33.32
CA GLU C 43 -54.51 -78.90 33.77
C GLU C 43 -53.17 -78.98 33.04
N SER C 44 -52.50 -77.83 32.81
CA SER C 44 -51.24 -77.84 32.02
C SER C 44 -50.07 -77.30 32.87
N GLY C 45 -50.37 -76.75 34.05
CA GLY C 45 -49.30 -76.12 34.86
C GLY C 45 -49.78 -74.85 35.53
N LYS C 46 -49.13 -73.70 35.27
CA LYS C 46 -49.68 -72.42 35.83
C LYS C 46 -49.79 -72.46 37.35
N SER C 47 -49.12 -73.41 38.01
CA SER C 47 -49.08 -73.46 39.49
C SER C 47 -47.60 -73.49 39.90
N THR C 48 -46.80 -74.28 39.17
CA THR C 48 -45.33 -74.32 39.43
C THR C 48 -44.77 -72.93 39.11
N ILE C 49 -45.24 -72.33 38.02
CA ILE C 49 -44.78 -70.97 37.61
C ILE C 49 -45.03 -70.00 38.77
N VAL C 50 -46.14 -70.17 39.48
CA VAL C 50 -46.48 -69.28 40.59
C VAL C 50 -45.44 -69.37 41.69
N LYS C 51 -45.01 -70.58 42.05
CA LYS C 51 -43.95 -70.74 43.03
C LYS C 51 -42.63 -70.17 42.53
N GLN C 52 -42.31 -70.41 41.25
CA GLN C 52 -41.06 -69.91 40.68
C GLN C 52 -41.04 -68.39 40.65
N MET C 53 -42.17 -67.78 40.26
CA MET C 53 -42.29 -66.32 40.25
C MET C 53 -42.50 -65.74 41.64
N LYS C 54 -42.45 -66.56 42.69
CA LYS C 54 -42.65 -66.12 44.06
C LYS C 54 -44.02 -65.44 44.24
N LYS C 180 -60.04 -66.43 49.92
CA LYS C 180 -61.48 -66.49 50.06
C LYS C 180 -62.17 -66.12 48.73
N THR C 181 -61.63 -65.15 47.97
CA THR C 181 -62.28 -64.70 46.75
C THR C 181 -62.06 -65.65 45.59
N THR C 182 -62.97 -65.55 44.64
CA THR C 182 -63.01 -66.37 43.46
C THR C 182 -63.02 -65.40 42.26
N GLY C 183 -62.51 -65.81 41.11
CA GLY C 183 -62.39 -64.81 40.05
C GLY C 183 -60.97 -64.29 40.01
N ILE C 184 -60.70 -63.05 39.58
CA ILE C 184 -59.30 -62.65 39.40
C ILE C 184 -58.54 -62.94 40.71
N VAL C 185 -57.34 -63.52 40.57
CA VAL C 185 -56.40 -63.78 41.65
C VAL C 185 -55.12 -63.00 41.33
N GLU C 186 -54.52 -62.34 42.33
CA GLU C 186 -53.39 -61.45 42.09
C GLU C 186 -52.18 -61.80 42.92
N THR C 187 -50.99 -61.77 42.30
CA THR C 187 -49.72 -62.02 42.99
C THR C 187 -48.76 -60.88 42.71
N HIS C 188 -47.94 -60.56 43.70
CA HIS C 188 -46.99 -59.46 43.59
C HIS C 188 -45.60 -59.94 43.97
N PHE C 189 -44.59 -59.47 43.24
CA PHE C 189 -43.20 -59.76 43.57
C PHE C 189 -42.32 -58.70 42.92
N THR C 190 -41.09 -58.61 43.43
CA THR C 190 -40.13 -57.62 42.97
C THR C 190 -38.84 -58.30 42.55
N PHE C 191 -38.15 -57.71 41.58
CA PHE C 191 -36.88 -58.25 41.12
C PHE C 191 -36.09 -57.13 40.45
N LYS C 192 -34.95 -56.75 41.06
CA LYS C 192 -34.04 -55.75 40.52
C LYS C 192 -34.76 -54.41 40.31
N ASP C 193 -35.39 -53.91 41.37
CA ASP C 193 -36.04 -52.60 41.38
C ASP C 193 -37.16 -52.51 40.35
N LEU C 194 -37.89 -53.60 40.17
CA LEU C 194 -39.10 -53.62 39.36
C LEU C 194 -40.23 -54.26 40.15
N TYR C 195 -41.46 -53.88 39.82
CA TYR C 195 -42.65 -54.40 40.46
C TYR C 195 -43.51 -55.10 39.42
N PHE C 196 -43.93 -56.33 39.72
CA PHE C 196 -44.71 -57.14 38.80
C PHE C 196 -46.08 -57.44 39.40
N LYS C 197 -47.10 -57.43 38.54
CA LYS C 197 -48.45 -57.81 38.94
C LYS C 197 -48.94 -58.88 37.98
N MET C 198 -49.37 -60.01 38.52
CA MET C 198 -49.83 -61.15 37.72
C MET C 198 -51.28 -61.44 38.05
N PHE C 199 -52.12 -61.52 37.02
CA PHE C 199 -53.54 -61.77 37.17
C PHE C 199 -53.87 -63.17 36.67
N ASP C 200 -54.43 -63.99 37.55
CA ASP C 200 -54.85 -65.34 37.19
C ASP C 200 -56.37 -65.33 37.09
N VAL C 201 -56.87 -64.95 35.92
CA VAL C 201 -58.30 -64.80 35.68
C VAL C 201 -58.85 -66.08 35.08
N GLY C 202 -58.04 -67.14 35.08
CA GLY C 202 -58.44 -68.40 34.48
C GLY C 202 -59.53 -69.15 35.21
N GLY C 203 -59.93 -68.68 36.39
CA GLY C 203 -60.98 -69.33 37.15
C GLY C 203 -62.32 -68.63 37.03
N GLN C 204 -62.47 -67.78 36.01
CA GLN C 204 -63.71 -67.01 35.87
C GLN C 204 -64.89 -67.90 35.48
N ARG C 205 -64.67 -68.79 34.51
CA ARG C 205 -65.68 -69.76 34.08
C ARG C 205 -66.95 -69.07 33.58
N SER C 206 -66.80 -68.26 32.54
CA SER C 206 -67.91 -67.60 31.89
C SER C 206 -67.50 -67.28 30.45
N GLU C 207 -68.29 -66.47 29.77
CA GLU C 207 -67.98 -66.09 28.40
C GLU C 207 -66.82 -65.10 28.38
N ARG C 208 -65.74 -65.47 27.68
CA ARG C 208 -64.55 -64.63 27.66
C ARG C 208 -64.83 -63.29 26.98
N LYS C 209 -65.60 -63.30 25.89
CA LYS C 209 -65.74 -62.12 25.04
C LYS C 209 -66.34 -60.92 25.77
N LYS C 210 -67.03 -61.15 26.90
CA LYS C 210 -67.64 -60.05 27.62
C LYS C 210 -66.72 -59.37 28.62
N TRP C 211 -65.54 -59.93 28.89
CA TRP C 211 -64.62 -59.32 29.83
C TRP C 211 -63.17 -59.33 29.38
N ILE C 212 -62.86 -59.91 28.21
CA ILE C 212 -61.47 -59.96 27.76
C ILE C 212 -60.92 -58.59 27.45
N HIS C 213 -61.79 -57.62 27.14
CA HIS C 213 -61.33 -56.27 26.81
C HIS C 213 -61.02 -55.43 28.04
N CYS C 214 -61.29 -55.93 29.24
CA CYS C 214 -60.93 -55.21 30.45
C CYS C 214 -59.43 -55.21 30.70
N PHE C 215 -58.66 -56.01 29.97
CA PHE C 215 -57.21 -56.11 30.15
C PHE C 215 -56.45 -55.41 29.03
N GLU C 216 -57.11 -54.54 28.28
CA GLU C 216 -56.45 -53.80 27.20
C GLU C 216 -55.47 -52.81 27.82
N GLY C 217 -54.18 -53.13 27.77
CA GLY C 217 -53.16 -52.28 28.33
C GLY C 217 -52.12 -53.01 29.14
N VAL C 218 -52.21 -54.34 29.18
CA VAL C 218 -51.21 -55.14 29.88
C VAL C 218 -49.92 -55.16 29.06
N THR C 219 -48.78 -55.18 29.76
CA THR C 219 -47.49 -55.14 29.09
C THR C 219 -47.27 -56.38 28.23
N ALA C 220 -47.59 -57.56 28.76
CA ALA C 220 -47.36 -58.80 28.03
C ALA C 220 -48.29 -59.87 28.58
N ILE C 221 -48.39 -60.97 27.83
CA ILE C 221 -49.21 -62.12 28.19
C ILE C 221 -48.30 -63.33 28.33
N ILE C 222 -48.40 -64.01 29.47
CA ILE C 222 -47.62 -65.21 29.75
C ILE C 222 -48.47 -66.42 29.45
N PHE C 223 -47.99 -67.29 28.57
CA PHE C 223 -48.72 -68.48 28.14
C PHE C 223 -47.94 -69.72 28.56
N CYS C 224 -48.65 -70.72 29.05
CA CYS C 224 -48.05 -71.97 29.53
C CYS C 224 -48.60 -73.14 28.74
N VAL C 225 -47.71 -73.96 28.20
CA VAL C 225 -48.08 -75.15 27.43
C VAL C 225 -47.26 -76.32 27.95
N ALA C 226 -47.94 -77.44 28.22
CA ALA C 226 -47.29 -78.64 28.72
C ALA C 226 -46.92 -79.55 27.56
N LEU C 227 -45.63 -79.85 27.41
CA LEU C 227 -45.16 -80.69 26.32
C LEU C 227 -45.58 -82.16 26.48
N SER C 228 -46.10 -82.54 27.64
CA SER C 228 -46.49 -83.93 27.89
C SER C 228 -47.80 -84.29 27.23
N ASP C 229 -48.52 -83.33 26.66
CA ASP C 229 -49.79 -83.65 26.06
C ASP C 229 -49.63 -84.05 24.62
N TYR C 230 -48.40 -83.91 24.12
CA TYR C 230 -48.26 -84.21 22.67
C TYR C 230 -49.06 -85.48 22.35
N ASP C 231 -49.18 -86.38 23.33
CA ASP C 231 -50.06 -87.56 23.12
C ASP C 231 -50.33 -88.25 24.47
N LEU C 232 -51.06 -89.37 24.43
CA LEU C 232 -51.33 -90.21 25.63
C LEU C 232 -52.34 -89.53 26.54
N VAL C 233 -52.69 -88.28 26.25
CA VAL C 233 -53.79 -87.66 27.06
C VAL C 233 -54.69 -86.77 26.17
N LEU C 234 -55.98 -87.12 25.98
CA LEU C 234 -56.95 -86.26 25.22
C LEU C 234 -57.72 -85.48 26.29
N ALA C 235 -58.83 -84.81 25.97
CA ALA C 235 -59.41 -84.12 27.14
C ALA C 235 -60.88 -84.46 27.32
N GLU C 236 -61.19 -85.44 28.16
CA GLU C 236 -62.59 -85.71 28.52
C GLU C 236 -63.48 -85.76 27.26
N ASP C 237 -62.96 -86.35 26.21
CA ASP C 237 -63.59 -86.32 24.88
C ASP C 237 -63.09 -87.53 24.10
N GLU C 238 -63.28 -87.52 22.78
CA GLU C 238 -62.87 -88.67 21.99
C GLU C 238 -61.85 -88.36 20.90
N GLU C 239 -61.92 -87.20 20.27
CA GLU C 239 -60.99 -86.83 19.20
C GLU C 239 -60.56 -85.38 19.36
N MET C 240 -60.26 -84.97 20.59
CA MET C 240 -59.83 -83.61 20.90
C MET C 240 -58.50 -83.69 21.64
N ASN C 241 -57.40 -83.59 20.89
CA ASN C 241 -56.08 -83.60 21.50
C ASN C 241 -55.87 -82.33 22.33
N ARG C 242 -55.24 -82.50 23.49
CA ARG C 242 -55.02 -81.36 24.38
C ARG C 242 -54.11 -80.32 23.73
N MET C 243 -53.05 -80.78 23.04
CA MET C 243 -52.16 -79.84 22.36
C MET C 243 -52.89 -79.13 21.23
N HIS C 244 -53.77 -79.85 20.52
CA HIS C 244 -54.53 -79.23 19.43
C HIS C 244 -55.58 -78.26 19.94
N GLU C 245 -55.93 -78.31 21.22
CA GLU C 245 -56.79 -77.30 21.81
C GLU C 245 -55.99 -76.12 22.36
N SER C 246 -54.80 -76.40 22.92
CA SER C 246 -53.91 -75.32 23.33
C SER C 246 -53.51 -74.46 22.14
N MET C 247 -53.27 -75.09 20.99
CA MET C 247 -52.97 -74.35 19.78
C MET C 247 -54.14 -73.46 19.36
N LYS C 248 -55.37 -73.98 19.48
CA LYS C 248 -56.54 -73.18 19.14
C LYS C 248 -56.70 -71.99 20.06
N LEU C 249 -56.50 -72.19 21.36
CA LEU C 249 -56.57 -71.07 22.30
C LEU C 249 -55.47 -70.06 22.04
N PHE C 250 -54.27 -70.52 21.70
CA PHE C 250 -53.19 -69.59 21.37
C PHE C 250 -53.50 -68.80 20.11
N ASP C 251 -54.08 -69.46 19.10
CA ASP C 251 -54.47 -68.74 17.88
C ASP C 251 -55.53 -67.70 18.17
N SER C 252 -56.53 -68.05 18.99
CA SER C 252 -57.58 -67.10 19.31
C SER C 252 -57.05 -65.92 20.11
N ILE C 253 -56.19 -66.18 21.10
CA ILE C 253 -55.71 -65.11 21.97
C ILE C 253 -54.75 -64.19 21.23
N CYS C 254 -53.82 -64.77 20.46
CA CYS C 254 -52.78 -63.96 19.84
C CYS C 254 -53.31 -63.02 18.77
N ASN C 255 -54.52 -63.27 18.27
CA ASN C 255 -55.07 -62.51 17.15
C ASN C 255 -56.35 -61.76 17.55
N ASN C 256 -56.50 -61.43 18.81
CA ASN C 256 -57.64 -60.61 19.23
C ASN C 256 -57.48 -59.18 18.75
N LYS C 257 -58.61 -58.48 18.63
CA LYS C 257 -58.59 -57.07 18.27
C LYS C 257 -58.00 -56.21 19.38
N TRP C 258 -58.03 -56.67 20.62
CA TRP C 258 -57.52 -55.91 21.76
C TRP C 258 -56.05 -56.19 22.04
N PHE C 259 -55.45 -57.18 21.39
CA PHE C 259 -54.10 -57.62 21.69
C PHE C 259 -53.20 -57.53 20.45
N THR C 260 -53.31 -56.43 19.71
CA THR C 260 -52.48 -56.26 18.53
C THR C 260 -51.04 -55.89 18.88
N GLU C 261 -50.86 -55.08 19.92
CA GLU C 261 -49.55 -54.54 20.27
C GLU C 261 -48.92 -55.21 21.49
N THR C 262 -49.60 -56.19 22.10
CA THR C 262 -49.10 -56.83 23.31
C THR C 262 -48.37 -58.12 22.95
N SER C 263 -47.11 -58.22 23.36
CA SER C 263 -46.31 -59.39 23.08
C SER C 263 -46.66 -60.53 24.03
N ILE C 264 -46.26 -61.75 23.64
CA ILE C 264 -46.59 -62.96 24.37
C ILE C 264 -45.29 -63.65 24.77
N ILE C 265 -45.20 -64.04 26.04
CA ILE C 265 -44.11 -64.84 26.55
C ILE C 265 -44.63 -66.27 26.70
N LEU C 266 -44.09 -67.18 25.90
CA LEU C 266 -44.60 -68.55 25.80
C LEU C 266 -43.68 -69.48 26.57
N PHE C 267 -44.24 -70.21 27.53
CA PHE C 267 -43.49 -71.16 28.35
C PHE C 267 -43.90 -72.58 27.98
N LEU C 268 -42.92 -73.41 27.66
CA LEU C 268 -43.14 -74.83 27.38
C LEU C 268 -42.60 -75.63 28.56
N ASN C 269 -43.50 -76.16 29.38
CA ASN C 269 -43.13 -76.80 30.63
C ASN C 269 -43.14 -78.32 30.49
N LYS C 270 -42.57 -78.98 31.51
CA LYS C 270 -42.55 -80.44 31.62
C LYS C 270 -41.83 -81.07 30.42
N LYS C 271 -40.55 -80.76 30.30
CA LYS C 271 -39.73 -81.35 29.24
C LYS C 271 -39.12 -82.69 29.63
N ASP C 272 -39.01 -82.97 30.93
CA ASP C 272 -38.47 -84.26 31.37
C ASP C 272 -39.39 -85.40 30.95
N LEU C 273 -40.70 -85.24 31.17
CA LEU C 273 -41.65 -86.25 30.73
C LEU C 273 -41.64 -86.40 29.22
N PHE C 274 -41.47 -85.29 28.50
CA PHE C 274 -41.37 -85.35 27.05
C PHE C 274 -40.17 -86.18 26.62
N GLU C 275 -39.02 -85.95 27.26
CA GLU C 275 -37.82 -86.72 26.93
C GLU C 275 -38.02 -88.19 27.25
N GLU C 276 -38.66 -88.49 28.38
CA GLU C 276 -38.88 -89.89 28.76
C GLU C 276 -39.83 -90.58 27.81
N LYS C 277 -40.86 -89.87 27.32
CA LYS C 277 -41.89 -90.48 26.48
C LYS C 277 -41.55 -90.47 25.00
N ILE C 278 -40.54 -89.71 24.57
CA ILE C 278 -40.14 -89.75 23.16
C ILE C 278 -39.60 -91.12 22.79
N LYS C 279 -38.87 -91.76 23.72
CA LYS C 279 -38.23 -93.04 23.42
C LYS C 279 -39.24 -94.15 23.15
N ARG C 280 -40.45 -94.04 23.71
CA ARG C 280 -41.49 -95.05 23.52
C ARG C 280 -42.57 -94.60 22.54
N SER C 281 -43.14 -93.42 22.74
CA SER C 281 -44.21 -92.92 21.90
C SER C 281 -43.68 -91.82 20.98
N PRO C 282 -43.62 -92.04 19.67
CA PRO C 282 -43.10 -91.01 18.77
C PRO C 282 -44.06 -89.84 18.65
N LEU C 283 -43.57 -88.76 18.05
CA LEU C 283 -44.33 -87.53 17.90
C LEU C 283 -45.33 -87.59 16.75
N THR C 284 -45.23 -88.59 15.87
CA THR C 284 -46.11 -88.67 14.71
C THR C 284 -47.56 -88.93 15.08
N ILE C 285 -47.83 -89.34 16.33
CA ILE C 285 -49.21 -89.56 16.76
C ILE C 285 -49.96 -88.25 16.96
N CYS C 286 -49.25 -87.13 17.04
CA CYS C 286 -49.94 -85.85 17.33
C CYS C 286 -50.19 -85.05 16.05
N TYR C 287 -49.16 -84.82 15.25
CA TYR C 287 -49.24 -83.93 14.06
C TYR C 287 -49.07 -84.82 12.86
N PRO C 288 -49.72 -84.58 11.71
CA PRO C 288 -49.62 -85.55 10.59
C PRO C 288 -48.24 -85.82 9.99
N GLU C 289 -47.48 -84.78 9.64
CA GLU C 289 -46.19 -85.03 8.95
C GLU C 289 -45.02 -85.13 9.93
N TYR C 290 -43.79 -84.98 9.47
CA TYR C 290 -42.57 -85.30 10.24
C TYR C 290 -42.43 -84.59 11.59
N THR C 291 -41.51 -85.17 12.40
CA THR C 291 -40.90 -84.61 13.60
C THR C 291 -39.38 -84.53 13.52
N GLY C 292 -38.79 -85.56 12.90
CA GLY C 292 -37.35 -85.75 12.88
C GLY C 292 -36.83 -87.10 13.34
N SER C 293 -35.79 -87.05 14.18
CA SER C 293 -35.13 -88.24 14.75
C SER C 293 -35.96 -88.95 15.76
N ASN C 294 -37.21 -88.54 15.91
CA ASN C 294 -37.97 -89.00 17.05
C ASN C 294 -37.11 -88.83 18.29
N THR C 295 -36.23 -87.84 18.17
CA THR C 295 -35.28 -87.45 19.17
C THR C 295 -35.84 -86.19 19.79
N TYR C 296 -35.53 -86.02 21.07
CA TYR C 296 -36.10 -84.93 21.84
C TYR C 296 -35.65 -83.57 21.32
N GLU C 297 -34.38 -83.45 20.95
CA GLU C 297 -33.91 -82.15 20.49
C GLU C 297 -34.69 -81.73 19.24
N GLU C 298 -34.99 -82.68 18.34
CA GLU C 298 -35.59 -82.37 17.03
C GLU C 298 -37.12 -82.14 17.08
N ALA C 299 -37.80 -82.89 17.97
CA ALA C 299 -39.24 -82.73 18.18
C ALA C 299 -39.57 -81.43 18.91
N ALA C 300 -38.77 -81.07 19.92
CA ALA C 300 -39.03 -79.82 20.63
C ALA C 300 -38.93 -78.60 19.71
N ALA C 301 -37.90 -78.58 18.85
CA ALA C 301 -37.75 -77.49 17.90
C ALA C 301 -38.92 -77.44 16.93
N TYR C 302 -39.36 -78.60 16.43
CA TYR C 302 -40.51 -78.56 15.52
C TYR C 302 -41.80 -78.10 16.22
N ILE C 303 -42.00 -78.51 17.47
CA ILE C 303 -43.18 -78.07 18.22
C ILE C 303 -43.14 -76.57 18.43
N GLN C 304 -41.97 -76.03 18.80
CA GLN C 304 -41.85 -74.59 18.96
C GLN C 304 -42.13 -73.86 17.65
N CYS C 305 -41.61 -74.37 16.54
CA CYS C 305 -41.84 -73.72 15.26
C CYS C 305 -43.31 -73.77 14.87
N GLN C 306 -43.97 -74.90 15.10
CA GLN C 306 -45.39 -75.02 14.77
C GLN C 306 -46.24 -74.11 15.64
N PHE C 307 -45.89 -73.99 16.92
CA PHE C 307 -46.67 -73.17 17.84
C PHE C 307 -46.42 -71.68 17.63
N GLU C 308 -45.24 -71.32 17.13
CA GLU C 308 -44.90 -69.92 16.90
C GLU C 308 -45.36 -69.40 15.54
N ASP C 309 -45.85 -70.27 14.67
CA ASP C 309 -46.33 -69.86 13.35
C ASP C 309 -47.80 -69.51 13.32
N LEU C 310 -48.49 -69.59 14.47
CA LEU C 310 -49.91 -69.28 14.53
C LEU C 310 -50.18 -67.79 14.63
N ASN C 311 -49.17 -66.95 14.78
CA ASN C 311 -49.37 -65.51 14.83
C ASN C 311 -49.29 -64.92 13.43
N ARG C 312 -50.07 -63.87 13.22
CA ARG C 312 -50.13 -63.19 11.93
C ARG C 312 -49.89 -61.70 12.08
N ARG C 313 -49.59 -61.25 13.30
CA ARG C 313 -49.28 -59.85 13.59
C ARG C 313 -47.78 -59.65 13.73
N LYS C 314 -47.00 -60.34 12.90
CA LYS C 314 -45.54 -60.34 13.04
C LYS C 314 -44.94 -58.95 12.92
N ASP C 315 -45.64 -58.02 12.28
CA ASP C 315 -45.12 -56.67 12.11
C ASP C 315 -45.28 -55.81 13.36
N THR C 316 -46.07 -56.25 14.34
CA THR C 316 -46.35 -55.44 15.52
C THR C 316 -45.91 -56.10 16.82
N LYS C 317 -46.12 -57.39 16.98
CA LYS C 317 -45.81 -58.10 18.21
C LYS C 317 -44.72 -59.13 17.96
N GLU C 318 -44.22 -59.70 19.05
CA GLU C 318 -43.16 -60.70 18.99
C GLU C 318 -43.48 -61.75 20.04
N ILE C 319 -42.85 -62.92 19.90
CA ILE C 319 -43.07 -64.05 20.80
C ILE C 319 -41.73 -64.46 21.40
N TYR C 320 -41.71 -64.66 22.72
CA TYR C 320 -40.54 -65.16 23.44
C TYR C 320 -40.82 -66.56 23.94
N THR C 321 -39.96 -67.52 23.60
CA THR C 321 -40.13 -68.91 23.94
C THR C 321 -38.94 -69.40 24.75
N HIS C 322 -39.22 -70.15 25.82
CA HIS C 322 -38.17 -70.67 26.69
C HIS C 322 -38.61 -72.00 27.27
N PHE C 323 -37.94 -73.07 26.86
CA PHE C 323 -38.22 -74.39 27.41
C PHE C 323 -37.91 -74.41 28.91
N THR C 324 -38.82 -74.99 29.69
CA THR C 324 -38.66 -75.04 31.13
C THR C 324 -39.12 -76.39 31.64
N CYS C 325 -38.66 -76.75 32.83
CA CYS C 325 -39.07 -77.98 33.50
C CYS C 325 -39.46 -77.69 34.93
N ALA C 326 -39.71 -78.75 35.71
CA ALA C 326 -39.98 -78.59 37.13
C ALA C 326 -38.74 -78.27 37.94
N THR C 327 -37.55 -78.40 37.35
CA THR C 327 -36.30 -78.13 38.02
C THR C 327 -35.66 -76.81 37.59
N ASP C 328 -36.00 -76.30 36.40
CA ASP C 328 -35.43 -75.07 35.91
C ASP C 328 -35.77 -73.91 36.83
N THR C 329 -34.77 -73.06 37.12
CA THR C 329 -34.92 -72.00 38.10
C THR C 329 -34.47 -70.64 37.56
N LYS C 330 -34.39 -70.49 36.24
CA LYS C 330 -33.98 -69.24 35.62
C LYS C 330 -35.11 -68.53 34.90
N ASN C 331 -36.36 -68.82 35.28
CA ASN C 331 -37.51 -68.26 34.58
C ASN C 331 -37.69 -66.78 34.88
N VAL C 332 -37.39 -66.36 36.10
CA VAL C 332 -37.61 -64.97 36.49
C VAL C 332 -36.70 -64.04 35.69
N GLN C 333 -35.45 -64.45 35.45
CA GLN C 333 -34.59 -63.58 34.63
C GLN C 333 -35.03 -63.55 33.17
N PHE C 334 -35.62 -64.64 32.65
CA PHE C 334 -36.19 -64.58 31.30
C PHE C 334 -37.35 -63.60 31.24
N VAL C 335 -38.25 -63.65 32.24
CA VAL C 335 -39.39 -62.73 32.26
C VAL C 335 -38.91 -61.29 32.38
N PHE C 336 -37.92 -61.05 33.27
CA PHE C 336 -37.39 -59.71 33.46
C PHE C 336 -36.80 -59.15 32.16
N ASP C 337 -35.96 -59.96 31.49
CA ASP C 337 -35.32 -59.49 30.27
C ASP C 337 -36.33 -59.27 29.15
N ALA C 338 -37.32 -60.18 29.02
CA ALA C 338 -38.34 -60.00 27.99
C ALA C 338 -39.15 -58.73 28.24
N VAL C 339 -39.50 -58.46 29.50
CA VAL C 339 -40.25 -57.25 29.82
C VAL C 339 -39.43 -56.01 29.51
N THR C 340 -38.13 -56.02 29.85
CA THR C 340 -37.29 -54.88 29.56
C THR C 340 -37.19 -54.63 28.05
N ASP C 341 -37.03 -55.70 27.27
CA ASP C 341 -36.96 -55.56 25.82
C ASP C 341 -38.27 -55.03 25.25
N VAL C 342 -39.40 -55.52 25.76
CA VAL C 342 -40.70 -55.05 25.30
C VAL C 342 -40.86 -53.56 25.59
N ILE C 343 -40.46 -53.13 26.78
CA ILE C 343 -40.57 -51.71 27.15
C ILE C 343 -39.70 -50.85 26.24
N ILE C 344 -38.45 -51.29 26.00
CA ILE C 344 -37.56 -50.50 25.15
C ILE C 344 -38.12 -50.37 23.74
N LYS C 345 -38.60 -51.48 23.17
CA LYS C 345 -39.11 -51.36 21.81
C LYS C 345 -40.41 -50.54 21.75
N ASN C 346 -41.23 -50.63 22.79
CA ASN C 346 -42.42 -49.79 22.84
C ASN C 346 -42.05 -48.30 22.79
N ASN C 347 -40.96 -47.90 23.48
CA ASN C 347 -40.70 -46.46 23.47
C ASN C 347 -40.13 -46.01 22.14
N LEU C 348 -39.28 -46.83 21.52
CA LEU C 348 -38.79 -46.47 20.18
C LEU C 348 -39.94 -46.24 19.22
N LYS C 349 -40.98 -47.09 19.29
CA LYS C 349 -42.17 -46.93 18.45
C LYS C 349 -42.86 -45.59 18.67
N GLU C 350 -43.10 -45.22 19.93
CA GLU C 350 -43.72 -43.92 20.16
C GLU C 350 -42.90 -42.80 19.54
N CYS C 351 -41.58 -42.84 19.75
CA CYS C 351 -40.77 -41.76 19.22
C CYS C 351 -40.68 -41.79 17.71
N GLY C 352 -41.14 -42.86 17.08
CA GLY C 352 -41.10 -42.97 15.63
C GLY C 352 -39.85 -43.60 15.10
N LEU C 353 -38.87 -43.91 15.97
CA LEU C 353 -37.59 -44.45 15.51
C LEU C 353 -37.74 -45.83 14.87
N TYR C 354 -38.58 -46.69 15.45
CA TYR C 354 -38.73 -48.08 15.01
C TYR C 354 -40.11 -48.30 14.42
N GLU D 6 -90.36 -90.95 23.89
CA GLU D 6 -89.44 -90.55 24.93
C GLU D 6 -89.41 -89.03 25.09
N LEU D 7 -88.20 -88.46 25.04
CA LEU D 7 -88.05 -87.01 25.14
C LEU D 7 -88.60 -86.29 23.91
N ASP D 8 -88.74 -87.01 22.79
CA ASP D 8 -89.33 -86.42 21.59
C ASP D 8 -90.78 -85.99 21.84
N GLN D 9 -91.50 -86.70 22.70
CA GLN D 9 -92.85 -86.27 23.06
C GLN D 9 -92.83 -84.93 23.78
N LEU D 10 -91.87 -84.74 24.69
CA LEU D 10 -91.74 -83.46 25.37
C LEU D 10 -91.35 -82.37 24.38
N ARG D 11 -90.47 -82.69 23.42
CA ARG D 11 -90.12 -81.71 22.40
C ARG D 11 -91.34 -81.30 21.59
N GLN D 12 -92.18 -82.27 21.21
CA GLN D 12 -93.38 -81.96 20.46
C GLN D 12 -94.35 -81.12 21.28
N GLU D 13 -94.49 -81.43 22.57
CA GLU D 13 -95.37 -80.63 23.42
C GLU D 13 -94.87 -79.20 23.54
N ALA D 14 -93.56 -79.02 23.71
CA ALA D 14 -92.99 -77.67 23.77
C ALA D 14 -93.20 -76.93 22.46
N GLU D 15 -93.01 -77.62 21.33
CA GLU D 15 -93.25 -76.98 20.04
C GLU D 15 -94.70 -76.56 19.88
N GLN D 16 -95.63 -77.41 20.30
CA GLN D 16 -97.05 -77.06 20.22
C GLN D 16 -97.36 -75.86 21.11
N LEU D 17 -96.80 -75.82 22.31
CA LEU D 17 -97.03 -74.68 23.20
C LEU D 17 -96.47 -73.40 22.60
N LYS D 18 -95.28 -73.47 22.00
CA LYS D 18 -94.71 -72.29 21.37
C LYS D 18 -95.54 -71.84 20.16
N ASN D 19 -96.06 -72.79 19.39
CA ASN D 19 -96.93 -72.44 18.27
C ASN D 19 -98.20 -71.77 18.75
N GLN D 20 -98.77 -72.26 19.86
CA GLN D 20 -99.96 -71.61 20.42
C GLN D 20 -99.65 -70.21 20.90
N ILE D 21 -98.48 -70.02 21.52
CA ILE D 21 -98.06 -68.68 21.94
C ILE D 21 -97.96 -67.76 20.73
N ARG D 22 -97.34 -68.25 19.65
CA ARG D 22 -97.19 -67.43 18.45
C ARG D 22 -98.54 -67.07 17.84
N ASP D 23 -99.45 -68.03 17.78
CA ASP D 23 -100.78 -67.76 17.24
C ASP D 23 -101.54 -66.75 18.09
N ALA D 24 -101.47 -66.89 19.42
CA ALA D 24 -102.14 -65.94 20.30
C ALA D 24 -101.56 -64.54 20.17
N ARG D 25 -100.24 -64.45 20.03
CA ARG D 25 -99.61 -63.15 19.82
C ARG D 25 -100.03 -62.53 18.50
N LYS D 26 -100.25 -63.33 17.45
CA LYS D 26 -100.63 -62.76 16.15
C LYS D 26 -102.12 -62.50 16.03
N ALA D 27 -102.73 -61.96 17.09
CA ALA D 27 -104.19 -61.73 17.09
C ALA D 27 -104.47 -60.30 17.57
N CYS D 28 -103.93 -59.95 18.73
CA CYS D 28 -104.10 -58.58 19.28
C CYS D 28 -103.49 -57.58 18.31
N ALA D 29 -102.62 -58.04 17.41
CA ALA D 29 -102.00 -57.19 16.42
C ALA D 29 -103.08 -56.87 15.41
N ASP D 30 -104.06 -56.08 15.87
CA ASP D 30 -104.95 -55.46 14.92
C ASP D 30 -104.20 -54.42 14.09
N ALA D 31 -103.42 -53.58 14.78
CA ALA D 31 -102.87 -52.37 14.19
C ALA D 31 -101.38 -52.23 14.51
N THR D 32 -100.86 -51.06 14.22
CA THR D 32 -99.45 -50.71 14.42
C THR D 32 -99.40 -49.46 15.30
N LEU D 33 -98.26 -49.28 15.99
CA LEU D 33 -98.05 -48.06 16.78
C LEU D 33 -97.77 -46.84 15.90
N SER D 34 -97.14 -47.04 14.76
CA SER D 34 -96.82 -45.93 13.87
C SER D 34 -98.08 -45.33 13.25
N GLN D 35 -99.05 -46.18 12.91
CA GLN D 35 -100.26 -45.70 12.26
C GLN D 35 -101.04 -44.77 13.18
N ILE D 36 -101.13 -45.10 14.47
CA ILE D 36 -101.89 -44.29 15.40
C ILE D 36 -101.23 -42.93 15.62
N THR D 37 -99.91 -42.91 15.72
CA THR D 37 -99.16 -41.68 16.01
C THR D 37 -98.73 -40.94 14.76
N ASN D 38 -99.10 -41.41 13.56
CA ASN D 38 -98.72 -40.72 12.34
C ASN D 38 -99.34 -39.33 12.28
N ASN D 39 -100.61 -39.21 12.66
CA ASN D 39 -101.32 -37.93 12.56
C ASN D 39 -101.14 -37.11 13.85
N ILE D 40 -99.92 -36.59 14.00
CA ILE D 40 -99.56 -35.75 15.13
C ILE D 40 -98.45 -34.80 14.68
N ASP D 41 -98.15 -33.80 15.51
CA ASP D 41 -97.08 -32.86 15.21
C ASP D 41 -95.78 -33.35 15.81
N PRO D 42 -94.72 -33.51 15.03
CA PRO D 42 -93.44 -33.96 15.60
C PRO D 42 -92.82 -32.90 16.48
N VAL D 43 -91.72 -33.29 17.13
CA VAL D 43 -91.02 -32.38 18.04
C VAL D 43 -90.08 -31.45 17.29
N GLY D 44 -89.46 -31.91 16.21
CA GLY D 44 -88.54 -31.09 15.45
C GLY D 44 -87.10 -31.52 15.61
N ARG D 45 -86.19 -30.55 15.71
CA ARG D 45 -84.77 -30.81 15.89
C ARG D 45 -84.37 -30.47 17.32
N ILE D 46 -83.72 -31.42 17.98
CA ILE D 46 -83.29 -31.25 19.37
C ILE D 46 -81.79 -30.97 19.38
N GLN D 47 -81.40 -29.85 19.99
CA GLN D 47 -80.01 -29.46 20.08
C GLN D 47 -79.61 -29.34 21.55
N MET D 48 -78.53 -30.01 21.93
CA MET D 48 -78.04 -29.99 23.30
C MET D 48 -76.54 -29.73 23.28
N ARG D 49 -76.06 -29.03 24.30
CA ARG D 49 -74.65 -28.69 24.45
C ARG D 49 -74.20 -28.99 25.86
N THR D 50 -72.90 -29.23 26.01
CA THR D 50 -72.34 -29.49 27.34
C THR D 50 -72.46 -28.26 28.22
N ARG D 51 -72.67 -28.50 29.50
CA ARG D 51 -72.75 -27.43 30.49
C ARG D 51 -71.69 -27.55 31.57
N ARG D 52 -71.41 -28.76 32.05
CA ARG D 52 -70.37 -29.02 33.03
C ARG D 52 -69.54 -30.20 32.57
N THR D 53 -68.24 -30.15 32.86
CA THR D 53 -67.32 -31.24 32.55
C THR D 53 -66.62 -31.67 33.83
N LEU D 54 -66.50 -32.98 34.03
CA LEU D 54 -65.94 -33.55 35.24
C LEU D 54 -64.63 -34.26 34.91
N ARG D 55 -63.57 -33.91 35.64
CA ARG D 55 -62.25 -34.49 35.43
C ARG D 55 -61.72 -35.02 36.75
N GLY D 56 -60.81 -35.99 36.66
CA GLY D 56 -60.19 -36.55 37.84
C GLY D 56 -59.90 -38.03 37.75
N HIS D 57 -60.60 -38.73 36.86
CA HIS D 57 -60.30 -40.14 36.66
C HIS D 57 -59.05 -40.31 35.81
N LEU D 58 -58.49 -41.52 35.83
CA LEU D 58 -57.26 -41.81 35.12
C LEU D 58 -57.33 -43.05 34.24
N ALA D 59 -58.48 -43.70 34.14
CA ALA D 59 -58.59 -44.91 33.35
C ALA D 59 -59.99 -44.97 32.74
N LYS D 60 -60.31 -46.09 32.10
CA LYS D 60 -61.61 -46.24 31.46
C LYS D 60 -62.73 -46.24 32.49
N ILE D 61 -63.86 -45.66 32.13
CA ILE D 61 -65.02 -45.53 33.01
C ILE D 61 -66.08 -46.51 32.56
N TYR D 62 -66.63 -47.25 33.52
CA TYR D 62 -67.51 -48.37 33.21
C TYR D 62 -68.93 -48.24 33.75
N ALA D 63 -69.20 -47.31 34.66
CA ALA D 63 -70.52 -47.23 35.27
C ALA D 63 -70.79 -45.83 35.76
N MET D 64 -72.07 -45.56 36.02
CA MET D 64 -72.55 -44.28 36.51
C MET D 64 -73.99 -44.45 36.95
N HIS D 65 -74.40 -43.67 37.96
CA HIS D 65 -75.77 -43.69 38.44
C HIS D 65 -76.10 -42.35 39.08
N TRP D 66 -77.18 -41.73 38.61
CA TRP D 66 -77.61 -40.45 39.15
C TRP D 66 -78.20 -40.62 40.55
N GLY D 67 -78.07 -39.57 41.35
CA GLY D 67 -78.64 -39.57 42.68
C GLY D 67 -80.15 -39.36 42.67
N THR D 68 -80.76 -39.57 43.83
CA THR D 68 -82.20 -39.41 43.94
C THR D 68 -82.60 -37.94 44.10
N ASP D 69 -81.67 -37.06 44.43
CA ASP D 69 -81.92 -35.62 44.47
C ASP D 69 -81.52 -34.92 43.18
N SER D 70 -81.07 -35.68 42.18
CA SER D 70 -80.67 -35.14 40.87
C SER D 70 -79.54 -34.13 40.99
N ARG D 71 -78.71 -34.26 42.02
CA ARG D 71 -77.55 -33.39 42.19
C ARG D 71 -76.24 -34.15 42.22
N LEU D 72 -76.14 -35.22 43.00
CA LEU D 72 -74.90 -35.97 43.15
C LEU D 72 -74.89 -37.19 42.23
N LEU D 73 -73.70 -37.61 41.85
CA LEU D 73 -73.49 -38.75 40.96
C LEU D 73 -72.69 -39.83 41.68
N VAL D 74 -72.31 -40.85 40.92
CA VAL D 74 -71.33 -41.85 41.36
C VAL D 74 -70.74 -42.49 40.12
N SER D 75 -69.42 -42.62 40.09
CA SER D 75 -68.72 -43.12 38.91
C SER D 75 -67.68 -44.16 39.32
N ALA D 76 -67.53 -45.18 38.49
CA ALA D 76 -66.59 -46.26 38.73
C ALA D 76 -65.68 -46.44 37.53
N SER D 77 -64.38 -46.43 37.76
CA SER D 77 -63.38 -46.61 36.71
C SER D 77 -62.56 -47.86 37.01
N GLN D 78 -61.76 -48.27 36.03
CA GLN D 78 -60.96 -49.48 36.19
C GLN D 78 -59.72 -49.18 37.02
N ASP D 79 -59.92 -48.58 38.19
CA ASP D 79 -58.92 -48.40 39.22
C ASP D 79 -59.57 -48.81 40.53
N GLY D 80 -58.85 -48.67 41.63
CA GLY D 80 -59.56 -48.70 42.88
C GLY D 80 -59.90 -47.30 43.32
N LYS D 81 -61.07 -46.81 42.90
CA LYS D 81 -61.57 -45.47 43.16
C LYS D 81 -63.06 -45.46 42.88
N LEU D 82 -63.78 -44.61 43.61
CA LEU D 82 -65.22 -44.47 43.44
C LEU D 82 -65.58 -43.05 43.91
N ILE D 83 -65.83 -42.17 42.96
CA ILE D 83 -65.96 -40.73 43.24
C ILE D 83 -67.43 -40.34 43.23
N ILE D 84 -67.85 -39.61 44.24
CA ILE D 84 -69.18 -39.02 44.31
C ILE D 84 -69.07 -37.58 43.83
N TRP D 85 -69.74 -37.26 42.73
CA TRP D 85 -69.60 -35.96 42.08
C TRP D 85 -70.66 -34.99 42.58
N ASP D 86 -70.62 -33.78 42.04
CA ASP D 86 -71.59 -32.73 42.38
C ASP D 86 -71.70 -31.84 41.14
N SER D 87 -72.73 -32.08 40.33
CA SER D 87 -72.83 -31.40 39.05
C SER D 87 -73.22 -29.94 39.18
N TYR D 88 -73.77 -29.52 40.32
CA TYR D 88 -74.11 -28.11 40.50
C TYR D 88 -72.86 -27.24 40.55
N THR D 89 -71.90 -27.61 41.38
CA THR D 89 -70.57 -27.02 41.38
C THR D 89 -69.56 -28.16 41.39
N THR D 90 -68.70 -28.19 40.37
CA THR D 90 -67.87 -29.37 40.12
C THR D 90 -66.77 -29.46 41.18
N ASN D 91 -67.19 -29.90 42.37
CA ASN D 91 -66.27 -30.22 43.46
C ASN D 91 -66.60 -31.61 43.95
N LYS D 92 -65.58 -32.47 44.03
CA LYS D 92 -65.80 -33.82 44.49
C LYS D 92 -66.13 -33.83 45.98
N VAL D 93 -66.75 -34.92 46.42
CA VAL D 93 -67.16 -35.10 47.82
C VAL D 93 -66.45 -36.28 48.45
N HIS D 94 -66.49 -37.46 47.82
CA HIS D 94 -65.91 -38.67 48.36
C HIS D 94 -65.06 -39.36 47.32
N ALA D 95 -64.07 -40.12 47.78
CA ALA D 95 -63.22 -40.95 46.93
C ALA D 95 -62.88 -42.21 47.72
N ILE D 96 -63.42 -43.35 47.28
CA ILE D 96 -63.34 -44.60 48.03
C ILE D 96 -62.41 -45.55 47.29
N PRO D 97 -61.29 -45.96 47.88
CA PRO D 97 -60.47 -46.99 47.25
C PRO D 97 -61.15 -48.35 47.31
N LEU D 98 -60.81 -49.21 46.36
CA LEU D 98 -61.44 -50.51 46.21
C LEU D 98 -60.38 -51.60 46.19
N ARG D 99 -60.72 -52.75 46.78
CA ARG D 99 -59.75 -53.84 46.91
C ARG D 99 -59.38 -54.41 45.54
N SER D 100 -60.36 -54.64 44.68
CA SER D 100 -60.13 -55.19 43.35
C SER D 100 -60.46 -54.13 42.31
N SER D 101 -59.49 -53.84 41.44
CA SER D 101 -59.63 -52.78 40.45
C SER D 101 -60.22 -53.30 39.14
N TRP D 102 -61.33 -54.02 39.22
CA TRP D 102 -62.00 -54.59 38.06
C TRP D 102 -63.50 -54.33 38.16
N VAL D 103 -63.86 -53.08 38.47
CA VAL D 103 -65.25 -52.73 38.70
C VAL D 103 -66.00 -52.69 37.38
N MET D 104 -67.23 -53.23 37.38
CA MET D 104 -68.07 -53.26 36.20
C MET D 104 -69.35 -52.47 36.33
N THR D 105 -69.92 -52.34 37.53
CA THR D 105 -71.15 -51.59 37.73
C THR D 105 -71.10 -50.85 39.05
N CYS D 106 -72.02 -49.91 39.22
CA CYS D 106 -72.20 -49.18 40.46
C CYS D 106 -73.65 -48.76 40.58
N ALA D 107 -74.07 -48.48 41.81
CA ALA D 107 -75.43 -48.04 42.07
C ALA D 107 -75.42 -47.07 43.23
N TYR D 108 -76.44 -46.22 43.27
CA TYR D 108 -76.59 -45.21 44.31
C TYR D 108 -77.93 -45.42 44.99
N ALA D 109 -77.93 -45.47 46.32
CA ALA D 109 -79.13 -45.85 47.05
C ALA D 109 -80.18 -44.74 46.97
N PRO D 110 -81.47 -45.10 46.96
CA PRO D 110 -82.52 -44.07 46.99
C PRO D 110 -82.53 -43.26 48.27
N SER D 111 -81.96 -43.78 49.36
CA SER D 111 -81.87 -43.04 50.61
C SER D 111 -80.65 -42.13 50.67
N GLY D 112 -79.77 -42.19 49.69
CA GLY D 112 -78.59 -41.34 49.69
C GLY D 112 -77.57 -41.68 50.74
N ASN D 113 -77.59 -42.91 51.26
CA ASN D 113 -76.66 -43.31 52.31
C ASN D 113 -75.76 -44.47 51.92
N TYR D 114 -76.03 -45.16 50.82
CA TYR D 114 -75.26 -46.34 50.46
C TYR D 114 -74.96 -46.32 48.96
N VAL D 115 -73.92 -47.07 48.58
CA VAL D 115 -73.57 -47.32 47.19
C VAL D 115 -73.29 -48.81 47.04
N ALA D 116 -72.88 -49.21 45.83
CA ALA D 116 -72.57 -50.60 45.57
C ALA D 116 -71.58 -50.69 44.41
N CYS D 117 -70.94 -51.84 44.30
CA CYS D 117 -69.94 -52.07 43.26
C CYS D 117 -70.09 -53.50 42.76
N GLY D 118 -69.10 -53.96 42.03
CA GLY D 118 -69.10 -55.32 41.51
C GLY D 118 -68.17 -55.44 40.33
N GLY D 119 -67.85 -56.69 39.99
CA GLY D 119 -66.96 -56.93 38.88
C GLY D 119 -66.50 -58.38 38.85
N LEU D 120 -65.34 -58.59 38.22
CA LEU D 120 -64.83 -59.94 38.00
C LEU D 120 -64.50 -60.67 39.30
N ASP D 121 -64.40 -59.95 40.42
CA ASP D 121 -64.22 -60.60 41.71
C ASP D 121 -65.45 -61.39 42.14
N ASN D 122 -66.59 -61.21 41.47
CA ASN D 122 -67.82 -61.95 41.73
C ASN D 122 -68.36 -61.68 43.14
N ILE D 123 -68.23 -60.44 43.59
CA ILE D 123 -68.71 -60.03 44.91
C ILE D 123 -69.29 -58.63 44.81
N CYS D 124 -70.41 -58.41 45.50
CA CYS D 124 -71.03 -57.09 45.62
C CYS D 124 -70.77 -56.55 47.01
N SER D 125 -70.37 -55.28 47.09
CA SER D 125 -69.99 -54.65 48.35
C SER D 125 -70.79 -53.37 48.56
N ILE D 126 -71.17 -53.14 49.82
CA ILE D 126 -71.97 -51.98 50.21
C ILE D 126 -71.10 -51.08 51.09
N TYR D 127 -71.12 -49.78 50.79
CA TYR D 127 -70.31 -48.80 51.50
C TYR D 127 -71.21 -47.85 52.27
N ASN D 128 -70.81 -47.55 53.51
CA ASN D 128 -71.59 -46.67 54.39
C ASN D 128 -71.20 -45.22 54.10
N LEU D 129 -71.82 -44.66 53.06
CA LEU D 129 -71.62 -43.25 52.78
C LEU D 129 -72.21 -42.35 53.85
N LYS D 130 -73.18 -42.85 54.61
CA LYS D 130 -73.82 -42.04 55.64
C LYS D 130 -72.84 -41.73 56.76
N THR D 131 -73.32 -41.00 57.77
CA THR D 131 -72.48 -40.62 58.90
C THR D 131 -71.92 -41.86 59.59
N ARG D 132 -70.61 -42.06 59.47
CA ARG D 132 -69.92 -43.22 60.03
C ARG D 132 -68.63 -42.77 60.71
N GLU D 133 -68.75 -41.76 61.57
CA GLU D 133 -67.67 -41.08 62.29
C GLU D 133 -66.83 -40.19 61.39
N GLY D 134 -67.24 -40.00 60.13
CA GLY D 134 -66.57 -39.06 59.24
C GLY D 134 -65.89 -39.67 58.03
N ASN D 135 -65.98 -40.98 57.81
CA ASN D 135 -65.32 -41.61 56.67
C ASN D 135 -66.21 -42.73 56.14
N VAL D 136 -65.66 -43.51 55.21
CA VAL D 136 -66.38 -44.59 54.56
C VAL D 136 -65.62 -45.89 54.77
N ARG D 137 -66.37 -46.97 55.02
CA ARG D 137 -65.79 -48.30 55.19
C ARG D 137 -66.76 -49.32 54.64
N VAL D 138 -66.25 -50.50 54.33
CA VAL D 138 -67.08 -51.56 53.75
C VAL D 138 -68.11 -52.01 54.79
N SER D 139 -69.37 -52.08 54.37
CA SER D 139 -70.45 -52.50 55.25
C SER D 139 -70.64 -54.01 55.20
N ARG D 140 -70.79 -54.57 54.00
CA ARG D 140 -70.97 -56.01 53.84
C ARG D 140 -70.51 -56.41 52.45
N GLU D 141 -69.96 -57.62 52.36
CA GLU D 141 -69.60 -58.23 51.10
C GLU D 141 -70.51 -59.44 50.87
N LEU D 142 -71.21 -59.45 49.74
CA LEU D 142 -72.19 -60.49 49.43
C LEU D 142 -71.56 -61.47 48.45
N ALA D 143 -71.37 -62.71 48.90
CA ALA D 143 -70.75 -63.75 48.09
C ALA D 143 -71.74 -64.89 47.86
N GLY D 144 -71.52 -65.62 46.77
CA GLY D 144 -72.38 -66.73 46.41
C GLY D 144 -72.57 -66.87 44.91
N HIS D 145 -72.32 -65.80 44.17
CA HIS D 145 -72.33 -65.88 42.72
C HIS D 145 -71.07 -66.60 42.24
N THR D 146 -71.19 -67.27 41.09
CA THR D 146 -70.07 -67.99 40.50
C THR D 146 -69.33 -67.15 39.46
N GLY D 147 -70.06 -66.54 38.53
CA GLY D 147 -69.46 -65.68 37.54
C GLY D 147 -69.39 -64.23 37.99
N TYR D 148 -68.94 -63.38 37.07
CA TYR D 148 -68.80 -61.96 37.38
C TYR D 148 -70.17 -61.31 37.56
N LEU D 149 -70.17 -60.19 38.28
CA LEU D 149 -71.38 -59.45 38.58
C LEU D 149 -71.48 -58.28 37.61
N SER D 150 -72.60 -58.19 36.88
CA SER D 150 -72.73 -57.26 35.77
C SER D 150 -73.84 -56.23 35.95
N CYS D 151 -74.51 -56.19 37.09
CA CYS D 151 -75.50 -55.16 37.40
C CYS D 151 -75.98 -55.34 38.82
N CYS D 152 -76.50 -54.24 39.39
CA CYS D 152 -77.05 -54.27 40.73
C CYS D 152 -77.88 -53.00 40.94
N ARG D 153 -79.02 -53.14 41.62
CA ARG D 153 -79.92 -52.03 41.86
C ARG D 153 -80.49 -52.12 43.27
N PHE D 154 -80.51 -50.99 43.97
CA PHE D 154 -81.06 -50.94 45.32
C PHE D 154 -82.57 -50.94 45.27
N LEU D 155 -83.19 -51.80 46.07
CA LEU D 155 -84.63 -51.74 46.30
C LEU D 155 -84.97 -50.87 47.49
N ASP D 156 -84.30 -51.10 48.61
CA ASP D 156 -84.45 -50.30 49.82
C ASP D 156 -83.07 -50.21 50.47
N ASP D 157 -83.04 -49.77 51.72
CA ASP D 157 -81.78 -49.73 52.47
C ASP D 157 -81.39 -51.10 53.02
N ASN D 158 -82.16 -52.15 52.72
CA ASN D 158 -81.88 -53.48 53.21
C ASN D 158 -81.96 -54.57 52.15
N GLN D 159 -82.51 -54.28 50.97
CA GLN D 159 -82.67 -55.27 49.92
C GLN D 159 -82.07 -54.75 48.62
N ILE D 160 -81.28 -55.59 47.96
CA ILE D 160 -80.61 -55.22 46.72
C ILE D 160 -80.69 -56.40 45.75
N VAL D 161 -80.97 -56.10 44.49
CA VAL D 161 -81.08 -57.11 43.43
C VAL D 161 -79.83 -57.02 42.56
N THR D 162 -79.21 -58.16 42.31
CA THR D 162 -77.99 -58.24 41.50
C THR D 162 -78.18 -59.27 40.40
N SER D 163 -77.48 -59.04 39.28
CA SER D 163 -77.42 -59.98 38.18
C SER D 163 -75.96 -60.30 37.89
N SER D 164 -75.70 -61.51 37.44
CA SER D 164 -74.34 -62.00 37.28
C SER D 164 -74.19 -62.76 35.98
N GLY D 165 -72.95 -63.14 35.68
CA GLY D 165 -72.64 -63.96 34.53
C GLY D 165 -72.86 -65.43 34.73
N ASP D 166 -73.35 -65.82 35.91
CA ASP D 166 -73.74 -67.19 36.21
C ASP D 166 -75.09 -67.54 35.60
N THR D 167 -75.61 -66.73 34.69
CA THR D 167 -76.94 -66.89 34.11
C THR D 167 -78.00 -66.92 35.21
N THR D 168 -77.84 -66.06 36.21
CA THR D 168 -78.68 -66.11 37.40
C THR D 168 -78.71 -64.74 38.05
N CYS D 169 -79.90 -64.30 38.46
CA CYS D 169 -80.09 -63.12 39.28
C CYS D 169 -80.45 -63.55 40.70
N ALA D 170 -80.41 -62.59 41.63
CA ALA D 170 -80.66 -62.92 43.02
C ALA D 170 -81.16 -61.69 43.76
N LEU D 171 -81.82 -61.94 44.89
CA LEU D 171 -82.27 -60.90 45.81
C LEU D 171 -81.65 -61.17 47.17
N TRP D 172 -80.89 -60.19 47.68
CA TRP D 172 -80.09 -60.38 48.87
C TRP D 172 -80.74 -59.74 50.09
N ASP D 173 -80.13 -59.99 51.24
CA ASP D 173 -80.49 -59.36 52.50
C ASP D 173 -79.23 -58.75 53.11
N ILE D 174 -79.14 -57.43 53.09
CA ILE D 174 -77.93 -56.74 53.52
C ILE D 174 -77.67 -56.91 55.02
N GLU D 175 -78.72 -57.17 55.81
CA GLU D 175 -78.52 -57.37 57.23
C GLU D 175 -77.92 -58.75 57.55
N THR D 176 -78.20 -59.75 56.71
CA THR D 176 -77.73 -61.11 56.94
C THR D 176 -76.64 -61.54 55.97
N GLY D 177 -76.68 -61.08 54.74
CA GLY D 177 -75.66 -61.42 53.77
C GLY D 177 -75.90 -62.69 52.99
N GLN D 178 -77.04 -63.34 53.16
CA GLN D 178 -77.39 -64.54 52.41
C GLN D 178 -78.61 -64.27 51.54
N GLN D 179 -78.52 -64.64 50.28
CA GLN D 179 -79.60 -64.36 49.33
C GLN D 179 -80.86 -65.13 49.70
N THR D 180 -82.00 -64.44 49.64
CA THR D 180 -83.28 -65.03 50.01
C THR D 180 -84.05 -65.60 48.84
N THR D 181 -83.81 -65.13 47.63
CA THR D 181 -84.52 -65.62 46.45
C THR D 181 -83.54 -65.65 45.28
N THR D 182 -83.67 -66.69 44.44
CA THR D 182 -82.79 -66.87 43.29
C THR D 182 -83.65 -67.03 42.05
N PHE D 183 -83.38 -66.19 41.04
CA PHE D 183 -84.13 -66.18 39.80
C PHE D 183 -83.33 -66.92 38.73
N THR D 184 -83.85 -68.04 38.26
CA THR D 184 -83.18 -68.87 37.27
C THR D 184 -84.07 -69.01 36.05
N GLY D 185 -83.43 -69.37 34.92
CA GLY D 185 -84.15 -69.59 33.68
C GLY D 185 -83.42 -69.12 32.45
N HIS D 186 -82.55 -68.11 32.61
CA HIS D 186 -81.74 -67.66 31.49
C HIS D 186 -80.66 -68.67 31.15
N THR D 187 -80.38 -68.81 29.86
CA THR D 187 -79.33 -69.70 29.38
C THR D 187 -78.05 -68.95 29.01
N GLY D 188 -78.00 -67.64 29.21
CA GLY D 188 -76.83 -66.86 28.90
C GLY D 188 -76.53 -65.86 30.01
N ASP D 189 -75.38 -65.22 29.90
CA ASP D 189 -74.93 -64.30 30.92
C ASP D 189 -75.81 -63.06 30.95
N VAL D 190 -76.42 -62.78 32.10
CA VAL D 190 -77.29 -61.61 32.23
C VAL D 190 -76.44 -60.36 32.24
N MET D 191 -76.79 -59.39 31.39
CA MET D 191 -75.97 -58.20 31.19
C MET D 191 -76.62 -56.92 31.70
N SER D 192 -77.95 -56.87 31.83
CA SER D 192 -78.63 -55.65 32.24
C SER D 192 -79.78 -56.00 33.16
N LEU D 193 -80.24 -54.99 33.91
CA LEU D 193 -81.29 -55.17 34.91
C LEU D 193 -81.84 -53.82 35.32
N SER D 194 -83.16 -53.68 35.31
CA SER D 194 -83.81 -52.43 35.72
C SER D 194 -85.06 -52.76 36.52
N LEU D 195 -85.42 -51.85 37.44
CA LEU D 195 -86.55 -52.03 38.32
C LEU D 195 -87.73 -51.18 37.88
N ALA D 196 -88.93 -51.68 38.17
CA ALA D 196 -90.15 -50.95 37.87
C ALA D 196 -90.37 -49.83 38.90
N PRO D 197 -91.17 -48.82 38.54
CA PRO D 197 -91.42 -47.73 39.50
C PRO D 197 -92.03 -48.20 40.82
N ASP D 198 -92.88 -49.23 40.80
CA ASP D 198 -93.48 -49.73 42.03
C ASP D 198 -92.57 -50.70 42.79
N THR D 199 -91.42 -51.05 42.21
CA THR D 199 -90.45 -51.96 42.85
C THR D 199 -91.09 -53.29 43.23
N ARG D 200 -91.97 -53.80 42.37
CA ARG D 200 -92.53 -55.13 42.52
C ARG D 200 -92.28 -56.04 41.33
N LEU D 201 -91.76 -55.50 40.23
CA LEU D 201 -91.38 -56.28 39.06
C LEU D 201 -90.08 -55.73 38.52
N PHE D 202 -89.34 -56.58 37.81
CA PHE D 202 -88.11 -56.14 37.17
C PHE D 202 -87.84 -57.03 35.96
N VAL D 203 -87.00 -56.53 35.05
CA VAL D 203 -86.69 -57.22 33.81
C VAL D 203 -85.18 -57.42 33.73
N SER D 204 -84.77 -58.28 32.80
CA SER D 204 -83.36 -58.59 32.62
C SER D 204 -83.11 -58.97 31.17
N GLY D 205 -81.85 -58.85 30.77
CA GLY D 205 -81.43 -59.26 29.44
C GLY D 205 -80.11 -60.01 29.49
N ALA D 206 -79.99 -61.08 28.71
CA ALA D 206 -78.83 -61.95 28.78
C ALA D 206 -78.27 -62.21 27.39
N CYS D 207 -77.07 -62.78 27.35
CA CYS D 207 -76.35 -63.03 26.11
C CYS D 207 -77.06 -64.03 25.19
N ASP D 208 -78.18 -64.57 25.62
CA ASP D 208 -79.12 -65.24 24.73
C ASP D 208 -80.28 -64.29 24.48
N ALA D 209 -80.65 -64.09 23.22
CA ALA D 209 -81.58 -63.03 22.86
C ALA D 209 -82.94 -63.35 23.47
N SER D 210 -83.27 -62.68 24.59
CA SER D 210 -84.51 -62.87 25.31
C SER D 210 -84.56 -61.87 26.45
N ALA D 211 -85.77 -61.57 26.89
CA ALA D 211 -86.00 -60.72 28.06
C ALA D 211 -87.10 -61.35 28.90
N LYS D 212 -86.93 -61.32 30.21
CA LYS D 212 -87.85 -61.96 31.14
C LYS D 212 -88.41 -60.92 32.10
N LEU D 213 -89.60 -61.19 32.62
CA LEU D 213 -90.28 -60.31 33.57
C LEU D 213 -90.50 -61.07 34.87
N TRP D 214 -89.66 -60.81 35.87
CA TRP D 214 -89.77 -61.47 37.16
C TRP D 214 -90.56 -60.59 38.13
N ASP D 215 -90.98 -61.21 39.24
CA ASP D 215 -91.57 -60.49 40.36
C ASP D 215 -90.82 -60.87 41.63
N VAL D 216 -90.52 -59.86 42.45
CA VAL D 216 -89.63 -60.06 43.58
C VAL D 216 -90.25 -60.93 44.67
N ARG D 217 -91.57 -61.10 44.68
CA ARG D 217 -92.23 -61.83 45.75
C ARG D 217 -92.32 -63.33 45.45
N GLU D 218 -92.97 -63.68 44.35
CA GLU D 218 -93.15 -65.09 44.01
C GLU D 218 -91.86 -65.72 43.47
N GLY D 219 -90.93 -64.92 42.96
CA GLY D 219 -89.68 -65.44 42.45
C GLY D 219 -89.82 -66.31 41.22
N MET D 220 -90.75 -65.98 40.32
CA MET D 220 -90.99 -66.78 39.12
C MET D 220 -91.14 -65.86 37.91
N CYS D 221 -90.63 -66.32 36.77
CA CYS D 221 -90.86 -65.62 35.52
C CYS D 221 -92.30 -65.81 35.06
N ARG D 222 -92.83 -64.81 34.36
CA ARG D 222 -94.21 -64.88 33.90
C ARG D 222 -94.34 -64.55 32.43
N GLN D 223 -93.43 -63.75 31.88
CA GLN D 223 -93.45 -63.39 30.48
C GLN D 223 -92.04 -63.41 29.91
N THR D 224 -91.94 -63.78 28.63
CA THR D 224 -90.67 -63.82 27.91
C THR D 224 -90.83 -63.08 26.58
N PHE D 225 -89.91 -62.15 26.32
CA PHE D 225 -89.94 -61.34 25.11
C PHE D 225 -88.70 -61.61 24.28
N THR D 226 -88.89 -61.84 22.98
CA THR D 226 -87.80 -62.05 22.04
C THR D 226 -87.84 -60.97 20.96
N GLY D 227 -86.99 -61.12 19.95
CA GLY D 227 -86.96 -60.18 18.84
C GLY D 227 -85.58 -59.82 18.35
N HIS D 228 -84.58 -59.82 19.24
CA HIS D 228 -83.22 -59.52 18.84
C HIS D 228 -82.55 -60.75 18.24
N GLU D 229 -81.39 -60.52 17.62
CA GLU D 229 -80.62 -61.60 17.01
C GLU D 229 -79.19 -61.66 17.53
N SER D 230 -78.88 -60.96 18.62
CA SER D 230 -77.55 -61.01 19.21
C SER D 230 -77.70 -60.72 20.71
N ASP D 231 -76.57 -60.49 21.37
CA ASP D 231 -76.57 -60.21 22.80
C ASP D 231 -77.26 -58.88 23.09
N ILE D 232 -77.85 -58.79 24.28
CA ILE D 232 -78.55 -57.59 24.73
C ILE D 232 -77.77 -56.98 25.88
N ASN D 233 -77.52 -55.67 25.80
CA ASN D 233 -76.63 -54.99 26.73
C ASN D 233 -77.33 -54.01 27.66
N ALA D 234 -78.48 -53.46 27.28
CA ALA D 234 -79.14 -52.44 28.10
C ALA D 234 -80.64 -52.65 28.09
N ILE D 235 -81.30 -52.15 29.13
CA ILE D 235 -82.74 -52.25 29.26
C ILE D 235 -83.19 -51.23 30.31
N CYS D 236 -84.40 -50.70 30.12
CA CYS D 236 -84.98 -49.76 31.07
C CYS D 236 -86.48 -49.64 30.81
N PHE D 237 -87.22 -49.34 31.86
CA PHE D 237 -88.67 -49.24 31.77
C PHE D 237 -89.11 -47.88 31.23
N PHE D 238 -90.29 -47.89 30.59
CA PHE D 238 -90.99 -46.66 30.30
C PHE D 238 -91.42 -45.99 31.61
N PRO D 239 -91.55 -44.66 31.63
CA PRO D 239 -91.92 -43.99 32.88
C PRO D 239 -93.24 -44.47 33.47
N ASN D 240 -94.20 -44.94 32.66
CA ASN D 240 -95.47 -45.41 33.20
C ASN D 240 -95.38 -46.82 33.77
N GLY D 241 -94.29 -47.55 33.51
CA GLY D 241 -94.14 -48.90 34.00
C GLY D 241 -94.82 -49.97 33.17
N ASN D 242 -95.41 -49.62 32.03
CA ASN D 242 -96.10 -50.58 31.17
C ASN D 242 -95.32 -50.91 29.91
N ALA D 243 -94.05 -50.49 29.82
CA ALA D 243 -93.25 -50.76 28.64
C ALA D 243 -91.78 -50.65 29.00
N PHE D 244 -90.94 -51.24 28.15
CA PHE D 244 -89.50 -51.15 28.31
C PHE D 244 -88.84 -51.20 26.95
N ALA D 245 -87.60 -50.70 26.89
CA ALA D 245 -86.82 -50.67 25.67
C ALA D 245 -85.50 -51.39 25.88
N THR D 246 -84.99 -51.98 24.79
CA THR D 246 -83.77 -52.78 24.82
C THR D 246 -82.74 -52.21 23.87
N GLY D 247 -81.50 -52.67 24.02
CA GLY D 247 -80.42 -52.33 23.12
C GLY D 247 -79.47 -53.48 22.94
N SER D 248 -79.22 -53.89 21.70
CA SER D 248 -78.46 -55.10 21.42
C SER D 248 -77.21 -54.74 20.62
N ASP D 249 -76.49 -55.79 20.20
CA ASP D 249 -75.29 -55.65 19.37
C ASP D 249 -75.61 -55.63 17.89
N ASP D 250 -76.89 -55.63 17.52
CA ASP D 250 -77.33 -55.54 16.14
C ASP D 250 -77.53 -54.11 15.68
N ALA D 251 -77.14 -53.13 16.51
CA ALA D 251 -77.33 -51.70 16.23
C ALA D 251 -78.81 -51.32 16.16
N THR D 252 -79.66 -52.06 16.86
CA THR D 252 -81.09 -51.79 16.88
C THR D 252 -81.59 -51.68 18.31
N CYS D 253 -82.63 -50.88 18.49
CA CYS D 253 -83.35 -50.76 19.75
C CYS D 253 -84.82 -51.04 19.51
N ARG D 254 -85.43 -51.79 20.43
CA ARG D 254 -86.81 -52.22 20.27
C ARG D 254 -87.62 -51.83 21.50
N LEU D 255 -88.93 -51.72 21.31
CA LEU D 255 -89.86 -51.36 22.36
C LEU D 255 -90.86 -52.48 22.57
N PHE D 256 -91.09 -52.85 23.82
CA PHE D 256 -92.06 -53.88 24.18
C PHE D 256 -93.02 -53.33 25.21
N ASP D 257 -94.24 -53.88 25.22
CA ASP D 257 -95.25 -53.53 26.21
C ASP D 257 -95.73 -54.78 26.92
N LEU D 258 -95.95 -54.66 28.23
CA LEU D 258 -96.23 -55.85 29.04
C LEU D 258 -97.65 -56.36 28.81
N ARG D 259 -98.63 -55.47 28.74
CA ARG D 259 -100.02 -55.90 28.67
C ARG D 259 -100.32 -56.59 27.34
N ALA D 260 -99.81 -56.06 26.23
CA ALA D 260 -100.09 -56.66 24.93
C ALA D 260 -99.18 -57.82 24.59
N ASP D 261 -98.08 -58.01 25.32
CA ASP D 261 -97.14 -59.10 25.08
C ASP D 261 -96.68 -59.11 23.62
N GLN D 262 -96.24 -57.96 23.14
CA GLN D 262 -95.96 -57.78 21.73
C GLN D 262 -94.83 -56.77 21.56
N GLU D 263 -94.23 -56.77 20.37
CA GLU D 263 -93.19 -55.83 20.01
C GLU D 263 -93.81 -54.72 19.17
N LEU D 264 -93.56 -53.47 19.56
CA LEU D 264 -94.23 -52.33 18.94
C LEU D 264 -93.40 -51.68 17.83
N MET D 265 -92.22 -51.18 18.15
CA MET D 265 -91.42 -50.45 17.18
C MET D 265 -89.95 -50.83 17.30
N THR D 266 -89.20 -50.56 16.23
CA THR D 266 -87.76 -50.73 16.20
C THR D 266 -87.11 -49.42 15.78
N TYR D 267 -86.03 -49.05 16.45
CA TYR D 267 -85.30 -47.82 16.17
C TYR D 267 -83.92 -48.20 15.63
N SER D 268 -83.72 -48.00 14.33
CA SER D 268 -82.47 -48.37 13.68
C SER D 268 -82.20 -47.42 12.53
N HIS D 269 -81.10 -47.67 11.82
CA HIS D 269 -80.70 -46.87 10.68
C HIS D 269 -79.74 -47.68 9.83
N ASP D 270 -79.53 -47.22 8.60
CA ASP D 270 -78.62 -47.89 7.68
C ASP D 270 -77.19 -47.38 7.76
N ASN D 271 -76.93 -46.37 8.59
CA ASN D 271 -75.60 -45.82 8.76
C ASN D 271 -74.97 -46.22 10.09
N ILE D 272 -75.57 -47.16 10.81
CA ILE D 272 -75.09 -47.60 12.11
C ILE D 272 -74.84 -49.10 12.04
N ILE D 273 -73.64 -49.51 12.45
CA ILE D 273 -73.29 -50.92 12.52
C ILE D 273 -72.85 -51.32 13.92
N CYS D 274 -72.44 -50.36 14.74
CA CYS D 274 -71.98 -50.62 16.09
C CYS D 274 -73.17 -50.82 17.04
N GLY D 275 -72.94 -51.65 18.05
CA GLY D 275 -73.97 -51.96 19.00
C GLY D 275 -74.20 -50.85 20.02
N ILE D 276 -75.30 -50.98 20.75
CA ILE D 276 -75.69 -50.02 21.78
C ILE D 276 -75.14 -50.49 23.12
N THR D 277 -74.69 -49.53 23.94
CA THR D 277 -74.18 -49.82 25.27
C THR D 277 -75.07 -49.32 26.40
N SER D 278 -75.97 -48.38 26.14
CA SER D 278 -76.84 -47.86 27.18
C SER D 278 -78.12 -47.34 26.56
N VAL D 279 -79.22 -47.49 27.29
CA VAL D 279 -80.54 -47.05 26.85
C VAL D 279 -81.24 -46.36 28.03
N SER D 280 -81.87 -45.23 27.76
CA SER D 280 -82.60 -44.51 28.80
C SER D 280 -83.74 -43.71 28.18
N PHE D 281 -84.86 -43.63 28.91
CA PHE D 281 -85.97 -42.79 28.53
C PHE D 281 -85.92 -41.46 29.29
N SER D 282 -86.36 -40.40 28.61
CA SER D 282 -86.59 -39.13 29.28
C SER D 282 -87.94 -39.15 29.99
N LYS D 283 -88.21 -38.09 30.74
CA LYS D 283 -89.52 -37.96 31.36
C LYS D 283 -90.59 -37.83 30.28
N SER D 284 -91.76 -38.42 30.55
CA SER D 284 -92.91 -38.50 29.64
C SER D 284 -92.69 -39.48 28.49
N GLY D 285 -91.49 -40.04 28.37
CA GLY D 285 -91.24 -41.08 27.39
C GLY D 285 -91.17 -40.64 25.94
N ARG D 286 -91.20 -39.34 25.68
CA ARG D 286 -91.17 -38.88 24.29
C ARG D 286 -89.78 -39.03 23.68
N LEU D 287 -88.73 -38.89 24.48
CA LEU D 287 -87.36 -38.94 23.99
C LEU D 287 -86.66 -40.18 24.54
N LEU D 288 -86.04 -40.94 23.64
CA LEU D 288 -85.26 -42.12 24.00
C LEU D 288 -83.78 -41.85 23.70
N LEU D 289 -82.93 -42.11 24.69
CA LEU D 289 -81.50 -41.84 24.58
C LEU D 289 -80.73 -43.14 24.46
N ALA D 290 -79.79 -43.18 23.51
CA ALA D 290 -78.97 -44.37 23.30
C ALA D 290 -77.52 -43.96 23.11
N GLY D 291 -76.61 -44.75 23.67
CA GLY D 291 -75.18 -44.55 23.53
C GLY D 291 -74.55 -45.68 22.73
N TYR D 292 -73.80 -45.32 21.70
CA TYR D 292 -73.25 -46.28 20.76
C TYR D 292 -71.74 -46.40 20.94
N ASP D 293 -71.16 -47.35 20.19
CA ASP D 293 -69.72 -47.56 20.24
C ASP D 293 -68.94 -46.50 19.48
N ASP D 294 -69.51 -45.95 18.42
CA ASP D 294 -68.77 -45.01 17.57
C ASP D 294 -68.79 -43.61 18.17
N PHE D 295 -68.42 -43.49 19.44
CA PHE D 295 -68.13 -42.24 20.14
C PHE D 295 -69.38 -41.37 20.32
N ASN D 296 -70.54 -41.78 19.85
CA ASN D 296 -71.69 -40.91 19.70
C ASN D 296 -72.84 -41.34 20.60
N CYS D 297 -73.75 -40.39 20.83
CA CYS D 297 -75.01 -40.62 21.52
C CYS D 297 -76.14 -40.06 20.67
N ASN D 298 -77.25 -40.79 20.61
CA ASN D 298 -78.35 -40.46 19.73
C ASN D 298 -79.62 -40.21 20.55
N VAL D 299 -80.46 -39.32 20.02
CA VAL D 299 -81.78 -39.03 20.60
C VAL D 299 -82.83 -39.47 19.59
N TRP D 300 -83.77 -40.28 20.05
CA TRP D 300 -84.82 -40.83 19.20
C TRP D 300 -86.18 -40.24 19.58
N ASP D 301 -87.18 -40.59 18.79
CA ASP D 301 -88.57 -40.29 19.07
C ASP D 301 -89.30 -41.62 19.24
N ALA D 302 -89.81 -41.88 20.44
CA ALA D 302 -90.38 -43.18 20.74
C ALA D 302 -91.64 -43.45 19.91
N LEU D 303 -92.45 -42.42 19.68
CA LEU D 303 -93.73 -42.63 19.02
C LEU D 303 -93.60 -42.85 17.53
N LYS D 304 -92.67 -42.15 16.87
CA LYS D 304 -92.56 -42.20 15.42
C LYS D 304 -91.27 -42.81 14.91
N ALA D 305 -90.28 -43.05 15.77
CA ALA D 305 -89.03 -43.72 15.41
C ALA D 305 -88.28 -42.97 14.30
N ASP D 306 -87.91 -41.73 14.61
CA ASP D 306 -87.05 -40.95 13.74
C ASP D 306 -86.08 -40.14 14.60
N ARG D 307 -84.85 -40.01 14.12
CA ARG D 307 -83.81 -39.33 14.88
C ARG D 307 -84.13 -37.85 15.04
N ALA D 308 -83.84 -37.32 16.23
CA ALA D 308 -84.10 -35.93 16.54
C ALA D 308 -82.88 -35.17 17.03
N GLY D 309 -81.73 -35.82 17.17
CA GLY D 309 -80.54 -35.13 17.63
C GLY D 309 -79.37 -36.08 17.67
N VAL D 310 -78.21 -35.52 17.99
CA VAL D 310 -76.98 -36.29 18.12
C VAL D 310 -76.08 -35.58 19.12
N LEU D 311 -75.33 -36.38 19.88
CA LEU D 311 -74.40 -35.87 20.90
C LEU D 311 -73.01 -36.39 20.58
N ALA D 312 -72.06 -35.48 20.45
CA ALA D 312 -70.68 -35.83 20.06
C ALA D 312 -69.71 -34.96 20.84
N GLY D 313 -69.19 -35.49 21.94
CA GLY D 313 -68.19 -34.79 22.71
C GLY D 313 -67.10 -35.70 23.26
N HIS D 314 -67.20 -36.99 22.96
CA HIS D 314 -66.29 -37.99 23.51
C HIS D 314 -65.40 -38.54 22.41
N ASP D 315 -64.14 -38.75 22.74
CA ASP D 315 -63.16 -39.30 21.81
C ASP D 315 -63.03 -40.82 21.90
N ASN D 316 -63.76 -41.47 22.81
CA ASN D 316 -63.72 -42.91 22.97
C ASN D 316 -65.13 -43.43 23.16
N ARG D 317 -65.24 -44.76 23.22
CA ARG D 317 -66.54 -45.41 23.29
C ARG D 317 -67.33 -44.96 24.52
N VAL D 318 -68.63 -44.75 24.35
CA VAL D 318 -69.51 -44.39 25.44
C VAL D 318 -70.01 -45.67 26.12
N SER D 319 -69.86 -45.73 27.43
CA SER D 319 -70.20 -46.94 28.19
C SER D 319 -71.39 -46.78 29.11
N CYS D 320 -71.85 -45.56 29.38
CA CYS D 320 -72.95 -45.36 30.31
C CYS D 320 -73.58 -44.00 30.07
N LEU D 321 -74.88 -43.91 30.40
CA LEU D 321 -75.59 -42.64 30.38
C LEU D 321 -76.82 -42.76 31.26
N GLY D 322 -77.34 -41.61 31.68
CA GLY D 322 -78.50 -41.59 32.56
C GLY D 322 -79.15 -40.22 32.60
N VAL D 323 -80.41 -40.21 33.01
CA VAL D 323 -81.23 -39.00 33.08
C VAL D 323 -81.70 -38.82 34.52
N THR D 324 -81.72 -37.57 34.98
CA THR D 324 -82.10 -37.26 36.34
C THR D 324 -83.57 -37.64 36.60
N ASP D 325 -83.94 -37.61 37.87
CA ASP D 325 -85.31 -37.94 38.26
C ASP D 325 -86.31 -36.95 37.68
N ASP D 326 -85.96 -35.66 37.68
CA ASP D 326 -86.84 -34.62 37.16
C ASP D 326 -86.67 -34.39 35.66
N GLY D 327 -85.81 -35.16 35.02
CA GLY D 327 -85.61 -35.01 33.58
C GLY D 327 -85.02 -33.68 33.17
N MET D 328 -84.02 -33.21 33.89
CA MET D 328 -83.42 -31.91 33.62
C MET D 328 -82.06 -32.00 32.94
N ALA D 329 -81.37 -33.14 33.01
CA ALA D 329 -80.04 -33.24 32.45
C ALA D 329 -79.77 -34.67 32.02
N VAL D 330 -78.78 -34.82 31.15
CA VAL D 330 -78.29 -36.11 30.68
C VAL D 330 -76.79 -36.16 30.91
N ALA D 331 -76.32 -37.22 31.56
CA ALA D 331 -74.90 -37.41 31.83
C ALA D 331 -74.38 -38.57 30.98
N THR D 332 -73.14 -38.45 30.53
CA THR D 332 -72.53 -39.43 29.65
C THR D 332 -71.13 -39.79 30.16
N GLY D 333 -70.83 -41.08 30.15
CA GLY D 333 -69.50 -41.56 30.48
C GLY D 333 -68.90 -42.29 29.30
N SER D 334 -67.59 -42.17 29.14
CA SER D 334 -66.89 -42.72 28.00
C SER D 334 -65.65 -43.47 28.46
N TRP D 335 -65.00 -44.16 27.51
CA TRP D 335 -63.84 -44.97 27.82
C TRP D 335 -62.59 -44.15 28.10
N ASP D 336 -62.62 -42.84 27.86
CA ASP D 336 -61.59 -41.96 28.40
C ASP D 336 -61.95 -41.66 29.87
N SER D 337 -61.28 -40.68 30.47
CA SER D 337 -61.45 -40.41 31.89
C SER D 337 -62.33 -39.19 32.16
N PHE D 338 -63.26 -38.87 31.27
CA PHE D 338 -64.06 -37.67 31.37
C PHE D 338 -65.54 -37.99 31.44
N LEU D 339 -66.30 -37.10 32.08
CA LEU D 339 -67.75 -37.12 32.08
C LEU D 339 -68.27 -35.79 31.55
N LYS D 340 -69.52 -35.79 31.09
CA LYS D 340 -70.13 -34.59 30.53
C LYS D 340 -71.60 -34.54 30.89
N ILE D 341 -72.13 -33.31 30.97
CA ILE D 341 -73.54 -33.07 31.28
C ILE D 341 -74.12 -32.23 30.15
N TRP D 342 -75.17 -32.74 29.51
CA TRP D 342 -75.82 -32.07 28.40
C TRP D 342 -77.18 -31.53 28.83
N ASN D 343 -77.53 -30.37 28.32
CA ASN D 343 -78.80 -29.74 28.67
C ASN D 343 -79.19 -28.70 27.60
N ALA E 7 -82.42 -88.07 33.62
CA ALA E 7 -81.33 -87.10 33.52
C ALA E 7 -81.87 -85.71 33.19
N SER E 8 -82.04 -85.44 31.90
CA SER E 8 -82.58 -84.18 31.43
C SER E 8 -84.10 -84.16 31.40
N ILE E 9 -84.74 -85.27 31.79
CA ILE E 9 -86.20 -85.33 31.78
C ILE E 9 -86.79 -84.32 32.74
N ALA E 10 -86.16 -84.14 33.90
CA ALA E 10 -86.64 -83.15 34.87
C ALA E 10 -86.55 -81.73 34.29
N GLN E 11 -85.44 -81.41 33.62
CA GLN E 11 -85.32 -80.09 33.01
C GLN E 11 -86.35 -79.89 31.91
N ALA E 12 -86.59 -80.92 31.10
CA ALA E 12 -87.58 -80.82 30.03
C ALA E 12 -88.98 -80.61 30.62
N ARG E 13 -89.32 -81.34 31.69
CA ARG E 13 -90.61 -81.17 32.32
C ARG E 13 -90.75 -79.79 32.94
N LYS E 14 -89.68 -79.27 33.54
CA LYS E 14 -89.73 -77.91 34.09
C LYS E 14 -89.95 -76.87 32.99
N LEU E 15 -89.26 -77.03 31.87
CA LEU E 15 -89.45 -76.11 30.75
C LEU E 15 -90.88 -76.19 30.21
N VAL E 16 -91.42 -77.40 30.11
CA VAL E 16 -92.79 -77.57 29.63
C VAL E 16 -93.77 -76.92 30.59
N GLU E 17 -93.55 -77.08 31.89
CA GLU E 17 -94.42 -76.46 32.88
C GLU E 17 -94.34 -74.93 32.79
N GLN E 18 -93.14 -74.39 32.59
CA GLN E 18 -93.01 -72.95 32.45
C GLN E 18 -93.73 -72.44 31.21
N LEU E 19 -93.61 -73.17 30.10
CA LEU E 19 -94.32 -72.77 28.88
C LEU E 19 -95.82 -72.83 29.07
N LYS E 20 -96.31 -73.87 29.76
CA LYS E 20 -97.74 -73.98 30.04
C LYS E 20 -98.21 -72.83 30.91
N MET E 21 -97.41 -72.46 31.92
CA MET E 21 -97.77 -71.33 32.77
C MET E 21 -97.83 -70.04 31.96
N GLU E 22 -96.89 -69.84 31.05
CA GLU E 22 -96.89 -68.64 30.22
C GLU E 22 -97.99 -68.68 29.15
N ALA E 23 -98.56 -69.86 28.89
CA ALA E 23 -99.58 -69.96 27.84
C ALA E 23 -100.87 -69.26 28.24
N ASN E 24 -101.36 -69.53 29.45
CA ASN E 24 -102.66 -69.03 29.88
C ASN E 24 -102.49 -67.65 30.53
N ILE E 25 -102.46 -66.63 29.67
CA ILE E 25 -102.39 -65.24 30.10
C ILE E 25 -103.36 -64.42 29.25
N ASP E 26 -103.71 -63.25 29.76
CA ASP E 26 -104.65 -62.35 29.10
C ASP E 26 -103.89 -61.25 28.37
N ARG E 27 -104.33 -60.97 27.14
CA ARG E 27 -103.65 -60.01 26.27
C ARG E 27 -104.67 -59.01 25.73
N ILE E 28 -104.38 -57.73 25.92
CA ILE E 28 -105.18 -56.66 25.31
C ILE E 28 -104.69 -56.44 23.89
N LYS E 29 -105.45 -55.70 23.09
CA LYS E 29 -105.07 -55.44 21.72
C LYS E 29 -104.02 -54.35 21.63
N VAL E 30 -103.26 -54.36 20.52
CA VAL E 30 -102.19 -53.40 20.32
C VAL E 30 -102.75 -51.98 20.18
N SER E 31 -103.92 -51.86 19.56
CA SER E 31 -104.52 -50.54 19.33
C SER E 31 -104.89 -49.84 20.62
N LYS E 32 -104.99 -50.56 21.73
CA LYS E 32 -105.26 -49.93 23.02
C LYS E 32 -103.97 -49.56 23.75
N ALA E 33 -102.96 -50.42 23.68
CA ALA E 33 -101.67 -50.10 24.28
C ALA E 33 -101.05 -48.89 23.60
N ALA E 34 -101.14 -48.82 22.26
CA ALA E 34 -100.63 -47.66 21.55
C ALA E 34 -101.37 -46.39 21.95
N ALA E 35 -102.70 -46.48 22.07
CA ALA E 35 -103.49 -45.32 22.47
C ALA E 35 -103.11 -44.84 23.87
N ASP E 36 -102.92 -45.78 24.79
CA ASP E 36 -102.54 -45.41 26.16
C ASP E 36 -101.14 -44.80 26.18
N LEU E 37 -100.21 -45.35 25.41
CA LEU E 37 -98.86 -44.78 25.34
C LEU E 37 -98.89 -43.36 24.80
N MET E 38 -99.67 -43.14 23.73
CA MET E 38 -99.79 -41.79 23.17
C MET E 38 -100.43 -40.84 24.16
N ALA E 39 -101.47 -41.30 24.88
CA ALA E 39 -102.13 -40.46 25.85
C ALA E 39 -101.19 -40.06 26.99
N TYR E 40 -100.39 -41.01 27.48
CA TYR E 40 -99.42 -40.66 28.51
C TYR E 40 -98.36 -39.71 27.99
N CYS E 41 -97.90 -39.92 26.74
CA CYS E 41 -96.89 -39.04 26.18
C CYS E 41 -97.41 -37.63 26.04
N GLU E 42 -98.66 -37.47 25.61
CA GLU E 42 -99.25 -36.15 25.46
C GLU E 42 -99.74 -35.54 26.76
N ALA E 43 -99.89 -36.34 27.82
CA ALA E 43 -100.41 -35.81 29.08
C ALA E 43 -99.33 -35.14 29.91
N HIS E 44 -98.07 -35.55 29.76
CA HIS E 44 -96.96 -35.00 30.53
C HIS E 44 -95.97 -34.24 29.66
N ALA E 45 -96.27 -34.03 28.37
CA ALA E 45 -95.36 -33.31 27.49
C ALA E 45 -95.24 -31.84 27.87
N LYS E 46 -96.19 -31.29 28.61
CA LYS E 46 -96.09 -29.91 29.05
C LYS E 46 -95.02 -29.72 30.13
N GLU E 47 -94.58 -30.80 30.76
CA GLU E 47 -93.52 -30.77 31.77
C GLU E 47 -92.46 -31.77 31.35
N ASP E 48 -91.55 -31.33 30.49
CA ASP E 48 -90.45 -32.15 29.99
C ASP E 48 -89.35 -31.22 29.49
N PRO E 49 -88.40 -30.85 30.36
CA PRO E 49 -87.40 -29.83 29.97
C PRO E 49 -86.57 -30.20 28.75
N LEU E 50 -86.37 -31.50 28.49
CA LEU E 50 -85.60 -31.89 27.32
C LEU E 50 -86.34 -31.60 26.02
N LEU E 51 -87.64 -31.29 26.08
CA LEU E 51 -88.40 -30.92 24.90
C LEU E 51 -88.44 -29.41 24.69
N THR E 52 -88.47 -28.63 25.76
CA THR E 52 -88.45 -27.17 25.67
C THR E 52 -87.43 -26.62 26.66
N PRO E 53 -86.34 -26.01 26.17
CA PRO E 53 -85.33 -25.44 27.08
C PRO E 53 -85.83 -24.13 27.69
N VAL E 54 -85.94 -24.12 29.01
CA VAL E 54 -86.26 -22.88 29.73
C VAL E 54 -84.99 -22.03 29.85
N PRO E 55 -85.02 -20.77 29.43
CA PRO E 55 -83.78 -19.98 29.38
C PRO E 55 -83.37 -19.42 30.73
N ALA E 56 -82.37 -20.03 31.34
CA ALA E 56 -81.61 -19.45 32.46
C ALA E 56 -82.46 -19.13 33.68
N SER E 57 -83.75 -19.47 33.66
CA SER E 57 -84.63 -19.12 34.77
C SER E 57 -84.61 -20.20 35.86
N GLU E 58 -85.00 -21.42 35.51
CA GLU E 58 -84.93 -22.54 36.43
C GLU E 58 -83.79 -23.50 36.12
N ASN E 59 -83.09 -23.30 35.01
CA ASN E 59 -82.00 -24.19 34.63
C ASN E 59 -80.83 -24.02 35.60
N PRO E 60 -80.40 -25.07 36.30
CA PRO E 60 -79.30 -24.93 37.25
C PRO E 60 -77.93 -25.02 36.61
N PHE E 61 -77.84 -25.34 35.32
CA PHE E 61 -76.56 -25.54 34.64
C PHE E 61 -76.27 -24.42 33.64
N ARG E 62 -76.61 -23.19 34.02
CA ARG E 62 -76.32 -22.01 33.21
C ARG E 62 -75.21 -21.21 33.87
N GLU E 63 -74.16 -20.92 33.11
CA GLU E 63 -73.01 -20.18 33.63
C GLU E 63 -72.97 -18.77 33.06
#